data_2OB7
# 
_entry.id   2OB7 
# 
_audit_conform.dict_name       mmcif_pdbx.dic 
_audit_conform.dict_version    5.383 
_audit_conform.dict_location   http://mmcif.pdb.org/dictionaries/ascii/mmcif_pdbx.dic 
# 
loop_
_database_2.database_id 
_database_2.database_code 
_database_2.pdbx_database_accession 
_database_2.pdbx_DOI 
PDB   2OB7         pdb_00002ob7 10.2210/pdb2ob7/pdb 
RCSB  RCSB040916   ?            ?                   
WWPDB D_1000040916 ?            ?                   
# 
loop_
_pdbx_audit_revision_history.ordinal 
_pdbx_audit_revision_history.data_content_type 
_pdbx_audit_revision_history.major_revision 
_pdbx_audit_revision_history.minor_revision 
_pdbx_audit_revision_history.revision_date 
1 'Structure model' 1 0 2007-01-23 
2 'Structure model' 1 1 2008-05-01 
3 'Structure model' 1 2 2011-07-13 
4 'Structure model' 1 3 2018-07-18 
5 'Structure model' 1 4 2023-12-27 
# 
_pdbx_audit_revision_details.ordinal             1 
_pdbx_audit_revision_details.revision_ordinal    1 
_pdbx_audit_revision_details.data_content_type   'Structure model' 
_pdbx_audit_revision_details.provider            repository 
_pdbx_audit_revision_details.type                'Initial release' 
_pdbx_audit_revision_details.description         ? 
_pdbx_audit_revision_details.details             ? 
# 
loop_
_pdbx_audit_revision_group.ordinal 
_pdbx_audit_revision_group.revision_ordinal 
_pdbx_audit_revision_group.data_content_type 
_pdbx_audit_revision_group.group 
1 2 'Structure model' 'Version format compliance' 
2 3 'Structure model' 'Version format compliance' 
3 4 'Structure model' 'Data collection'           
4 5 'Structure model' 'Data collection'           
5 5 'Structure model' 'Database references'       
6 5 'Structure model' 'Refinement description'    
# 
loop_
_pdbx_audit_revision_category.ordinal 
_pdbx_audit_revision_category.revision_ordinal 
_pdbx_audit_revision_category.data_content_type 
_pdbx_audit_revision_category.category 
1 4 'Structure model' em_image_scans                
2 4 'Structure model' em_software                   
3 5 'Structure model' chem_comp_atom                
4 5 'Structure model' chem_comp_bond                
5 5 'Structure model' database_2                    
6 5 'Structure model' em_3d_fitting_list            
7 5 'Structure model' pdbx_initial_refinement_model 
# 
loop_
_pdbx_audit_revision_item.ordinal 
_pdbx_audit_revision_item.revision_ordinal 
_pdbx_audit_revision_item.data_content_type 
_pdbx_audit_revision_item.item 
1 4 'Structure model' '_em_software.image_processing_id'                
2 5 'Structure model' '_database_2.pdbx_DOI'                            
3 5 'Structure model' '_database_2.pdbx_database_accession'             
4 5 'Structure model' '_em_3d_fitting_list.accession_code'              
5 5 'Structure model' '_em_3d_fitting_list.initial_refinement_model_id' 
6 5 'Structure model' '_em_3d_fitting_list.source_name'                 
7 5 'Structure model' '_em_3d_fitting_list.type'                        
# 
_pdbx_database_status.status_code                     REL 
_pdbx_database_status.entry_id                        2OB7 
_pdbx_database_status.recvd_initial_deposition_date   2006-12-18 
_pdbx_database_status.deposit_site                    RCSB 
_pdbx_database_status.process_site                    RCSB 
_pdbx_database_status.status_code_sf                  ? 
_pdbx_database_status.status_code_mr                  ? 
_pdbx_database_status.SG_entry                        ? 
_pdbx_database_status.pdb_format_compatible           Y 
_pdbx_database_status.status_code_cs                  ? 
_pdbx_database_status.methods_development_category    ? 
_pdbx_database_status.status_code_nmr_data            ? 
# 
loop_
_pdbx_database_related.db_name 
_pdbx_database_related.db_id 
_pdbx_database_related.details 
_pdbx_database_related.content_type 
PDB  1PV6     'Crystal structure of complex formed by SmpB and TLD of tmRNA.' unspecified            
PDB  1N34     'X-ray structure of 30S subunit from T. thermophilus (only helix 44 deposited here, for positional reference)' 
unspecified            
EMDB EMD-1310 'Stalled 70S ribosome (i.e., without any codon in A site) bound with SmpB' 'other EM volume'      
EMDB EMD-1311 
;Pre-accommodated ribosomal trans-translation complex: T. thermophilus 70S-mRNA-(P-site tRNA)-tmRNA-(SmpB)2-(EF-Tu)-GDP-kirromycin in the presence of protein S1
;
'associated EM volume' 
EMDB EMD-1312 
;Pre-accommodated ribosomal trans-translation complex: T. thermophilus 70S-mRNA-(P-site tRNA)-tmRNA-(SmpB)2-(EF-Tu)-GDP-kirromycin in the absence of protein S1
;
'other EM volume'      
PDB  1Q2B     
;X-ray structure of EF-Tu fitted into pre-accommodated ribosomal translation complex, placed in the ribosomal enrivonment by reference to S12 and helix 44 of the small subunit, and helix 69 and GAC of the large subunit (1QZC)
;
unspecified            
# 
loop_
_audit_author.name 
_audit_author.pdbx_ordinal 
'Frank, J.'  1 
'Felden, B.' 2 
'Gillet, R.' 3 
'Li, W.'     4 
# 
loop_
_citation.id 
_citation.title 
_citation.journal_abbrev 
_citation.journal_volume 
_citation.page_first 
_citation.page_last 
_citation.year 
_citation.journal_id_ASTM 
_citation.country 
_citation.journal_id_ISSN 
_citation.journal_id_CSD 
_citation.book_publisher 
_citation.pdbx_database_id_PubMed 
_citation.pdbx_database_id_DOI 
primary 'Scaffolding as an organizing principle in trans-translation. The roles of small protein B and ribosomal protein S1.' 
J.Biol.Chem.           282 6356  6363  2007 JBCHA3 US 0021-9258 0071 ? 17179154 10.1074/jbc.M609658200 
1       'Cryo-EM visualization of transfer messenger RNA with two SmpBs in a stalled ribosome'                                
Proc.Natl.Acad.Sci.USA 103 16484 16489 2006 PNASA6 US 0027-8424 0040 ? ?        ?                      
2       'Visualizing tmRNA entry into a stalled ribosome'                                                                     
Science                300 127   130   2003 SCIEAS US 0036-8075 0038 ? ?        ?                      
# 
loop_
_citation_author.citation_id 
_citation_author.name 
_citation_author.ordinal 
_citation_author.identifier_ORCID 
primary 'Gillet, R.'       1  ? 
primary 'Kaur, S.'         2  ? 
primary 'Li, W.'           3  ? 
primary 'Hallier, M.'      4  ? 
primary 'Felden, B.'       5  ? 
primary 'Frank, J.'        6  ? 
1       'Kaur, S.'         7  ? 
1       'Gillet, R.'       8  ? 
1       'Li, W.'           9  ? 
1       'Gursky, R.'       10 ? 
1       'Frank, J.'        11 ? 
2       'Valle, M.'        12 ? 
2       'Gillet, R.'       13 ? 
2       'Kaur, K.'         14 ? 
2       'Henne, A.'        15 ? 
2       'Ramakrishnan, V.' 16 ? 
2       'Frank, J.'        17 ? 
# 
loop_
_entity.id 
_entity.type 
_entity.src_method 
_entity.pdbx_description 
_entity.formula_weight 
_entity.pdbx_number_of_molecules 
_entity.pdbx_ec 
_entity.pdbx_mutation 
_entity.pdbx_fragment 
_entity.details 
1 polymer nat 'transfer-messenger RNA' 105728.523 1 ? ? ? ?                                   
2 polymer nat '16S ribosomal RNA'      27987.715  1 ? ? ? 'helix 44 of 30S ribosomal subunit' 
3 polymer nat 'SsrA-binding protein'   18440.818  2 ? ? ? ?                                   
# 
loop_
_entity_poly.entity_id 
_entity_poly.type 
_entity_poly.nstd_linkage 
_entity_poly.nstd_monomer 
_entity_poly.pdbx_seq_one_letter_code 
_entity_poly.pdbx_seq_one_letter_code_can 
_entity_poly.pdbx_strand_id 
_entity_poly.pdbx_target_identifier 
1 polyribonucleotide no no 
;GGCGCGUAUUCGACGGGGACCCAAGGUGCAUGCCGAGGGGCGGUUGGCCUCGUAAAAAGCCGCAACGGCAUAACUGCCAA
CACCAACUACGCUCUGGCAGCUUAAUAACCUGCUUACCUCUCUCCCUAGCCUCCGCUCUUAGGACGGGGAUCAAGAGAGG
UCAAACCCAAAAGAGAUCGCGUGGAAGCCCUGCCUGGGGUUGAAGCGUUAAAACUUAAUCAGGCUGUUUGUUAGUGGCGU
GUCCGUCCGCAGCUGGCAAGCGAAUGUAAAGACUGACUAAGCAUGACCGAGGACCUCGGACGCGGGUUCGAUUCCCGCAC
GCGCCUCC
;
;GGCGCGUAUUCGACGGGGACCCAAGGUGCAUGCCGAGGGGCGGUUGGCCUCGUAAAAAGCCGCAACGGCAUAACUGCCAA
CACCAACUACGCUCUGGCAGCUUAAUAACCUGCUUACCUCUCUCCCUAGCCUCCGCUCUUAGGACGGGGAUCAAGAGAGG
UCAAACCCAAAAGAGAUCGCGUGGAAGCCCUGCCUGGGGUUGAAGCGUUAAAACUUAAUCAGGCUGUUUGUUAGUGGCGU
GUCCGUCCGCAGCUGGCAAGCGAAUGUAAAGACUGACUAAGCAUGACCGAGGACCUCGGACGCGGGUUCGAUUCCCGCAC
GCGCCUCC
;
A   ? 
2 polyribonucleotide no no 
;UCACGCCAUGGGAGCGGGCUCUACCCGAAGUCGCCGGGAGCCUACGGGCAGGCGCCGAGGGUAGGGCCCGUGACUGGGGC
GAAGUC
;
;UCACGCCAUGGGAGCGGGCUCUACCCGAAGUCGCCGGGAGCCUACGGGCAGGCGCCGAGGGUAGGGCCCGUGACUGGGGC
GAAGUC
;
D   ? 
3 'polypeptide(L)'   no no 
;GKSDKIIPIAENKEAKAKYDILETYEAGIVLKGSEVKSLREKGTVSFKDSFVRIENGEAWLYNLYIAPYKHATIENHDPL
RKRKLLLHKREIMRLYGKVQEKGYTIIPLKLYWKNNKVKVLIALAKGKKLYDRRRELKEKAMKRELEREFKGKIHL
;
;GKSDKIIPIAENKEAKAKYDILETYEAGIVLKGSEVKSLREKGTVSFKDSFVRIENGEAWLYNLYIAPYKHATIENHDPL
RKRKLLLHKREIMRLYGKVQEKGYTIIPLKLYWKNNKVKVLIALAKGKKLYDRRRELKEKAMKRELEREFKGKIHL
;
B,C ? 
# 
loop_
_entity_poly_seq.entity_id 
_entity_poly_seq.num 
_entity_poly_seq.mon_id 
_entity_poly_seq.hetero 
1 1   G   n 
1 2   G   n 
1 3   C   n 
1 4   G   n 
1 5   C   n 
1 6   G   n 
1 7   U   n 
1 8   A   n 
1 9   U   n 
1 10  U   n 
1 11  C   n 
1 12  G   n 
1 13  A   n 
1 14  C   n 
1 15  G   n 
1 16  G   n 
1 17  G   n 
1 18  G   n 
1 19  A   n 
1 20  C   n 
1 21  C   n 
1 22  C   n 
1 23  A   n 
1 24  A   n 
1 25  G   n 
1 26  G   n 
1 27  U   n 
1 28  G   n 
1 29  C   n 
1 30  A   n 
1 31  U   n 
1 32  G   n 
1 33  C   n 
1 34  C   n 
1 35  G   n 
1 36  A   n 
1 37  G   n 
1 38  G   n 
1 39  G   n 
1 40  G   n 
1 41  C   n 
1 42  G   n 
1 43  G   n 
1 44  U   n 
1 45  U   n 
1 46  G   n 
1 47  G   n 
1 48  C   n 
1 49  C   n 
1 50  U   n 
1 51  C   n 
1 52  G   n 
1 53  U   n 
1 54  A   n 
1 55  A   n 
1 56  A   n 
1 57  A   n 
1 58  A   n 
1 59  G   n 
1 60  C   n 
1 61  C   n 
1 62  G   n 
1 63  C   n 
1 64  A   n 
1 65  A   n 
1 66  C   n 
1 67  G   n 
1 68  G   n 
1 69  C   n 
1 70  A   n 
1 71  U   n 
1 72  A   n 
1 73  A   n 
1 74  C   n 
1 75  U   n 
1 76  G   n 
1 77  C   n 
1 78  C   n 
1 79  A   n 
1 80  A   n 
1 81  C   n 
1 82  A   n 
1 83  C   n 
1 84  C   n 
1 85  A   n 
1 86  A   n 
1 87  C   n 
1 88  U   n 
1 89  A   n 
1 90  C   n 
1 91  G   n 
1 92  C   n 
1 93  U   n 
1 94  C   n 
1 95  U   n 
1 96  G   n 
1 97  G   n 
1 98  C   n 
1 99  A   n 
1 100 G   n 
1 101 C   n 
1 102 U   n 
1 103 U   n 
1 104 A   n 
1 105 A   n 
1 106 U   n 
1 107 A   n 
1 108 A   n 
1 109 C   n 
1 110 C   n 
1 111 U   n 
1 112 G   n 
1 113 C   n 
1 114 U   n 
1 115 U   n 
1 116 A   n 
1 117 C   n 
1 118 C   n 
1 119 U   n 
1 120 C   n 
1 121 U   n 
1 122 C   n 
1 123 U   n 
1 124 C   n 
1 125 C   n 
1 126 C   n 
1 127 U   n 
1 128 A   n 
1 129 G   n 
1 130 C   n 
1 131 C   n 
1 132 U   n 
1 133 C   n 
1 134 C   n 
1 135 G   n 
1 136 C   n 
1 137 U   n 
1 138 C   n 
1 139 U   n 
1 140 U   n 
1 141 A   n 
1 142 G   n 
1 143 G   n 
1 144 A   n 
1 145 C   n 
1 146 G   n 
1 147 G   n 
1 148 G   n 
1 149 G   n 
1 150 A   n 
1 151 U   n 
1 152 C   n 
1 153 A   n 
1 154 A   n 
1 155 G   n 
1 156 A   n 
1 157 G   n 
1 158 A   n 
1 159 G   n 
1 160 G   n 
1 161 U   n 
1 162 C   n 
1 163 A   n 
1 164 A   n 
1 165 A   n 
1 166 C   n 
1 167 C   n 
1 168 C   n 
1 169 A   n 
1 170 A   n 
1 171 A   n 
1 172 A   n 
1 173 G   n 
1 174 A   n 
1 175 G   n 
1 176 A   n 
1 177 U   n 
1 178 C   n 
1 179 G   n 
1 180 C   n 
1 181 G   n 
1 182 U   n 
1 183 G   n 
1 184 G   n 
1 185 A   n 
1 186 A   n 
1 187 G   n 
1 188 C   n 
1 189 C   n 
1 190 C   n 
1 191 U   n 
1 192 G   n 
1 193 C   n 
1 194 C   n 
1 195 U   n 
1 196 G   n 
1 197 G   n 
1 198 G   n 
1 199 G   n 
1 200 U   n 
1 201 U   n 
1 202 G   n 
1 203 A   n 
1 204 A   n 
1 205 G   n 
1 206 C   n 
1 207 G   n 
1 208 U   n 
1 209 U   n 
1 210 A   n 
1 211 A   n 
1 212 A   n 
1 213 A   n 
1 214 C   n 
1 215 U   n 
1 216 U   n 
1 217 A   n 
1 218 A   n 
1 219 U   n 
1 220 C   n 
1 221 A   n 
1 222 G   n 
1 223 G   n 
1 224 C   n 
1 225 U   n 
1 226 G   n 
1 227 U   n 
1 228 U   n 
1 229 U   n 
1 230 G   n 
1 231 U   n 
1 232 U   n 
1 233 A   n 
1 234 G   n 
1 235 U   n 
1 236 G   n 
1 237 G   n 
1 238 C   n 
1 239 G   n 
1 240 U   n 
1 241 G   n 
1 242 U   n 
1 243 C   n 
1 244 C   n 
1 245 G   n 
1 246 U   n 
1 247 C   n 
1 248 C   n 
1 249 G   n 
1 250 C   n 
1 251 A   n 
1 252 G   n 
1 253 C   n 
1 254 U   n 
1 255 G   n 
1 256 G   n 
1 257 C   n 
1 258 A   n 
1 259 A   n 
1 260 G   n 
1 261 C   n 
1 262 G   n 
1 263 A   n 
1 264 A   n 
1 265 U   n 
1 266 G   n 
1 267 U   n 
1 268 A   n 
1 269 A   n 
1 270 A   n 
1 271 G   n 
1 272 A   n 
1 273 C   n 
1 274 U   n 
1 275 G   n 
1 276 A   n 
1 277 C   n 
1 278 U   n 
1 279 A   n 
1 280 A   n 
1 281 G   n 
1 282 C   n 
1 283 A   n 
1 284 U   n 
1 285 G   n 
1 286 A   n 
1 287 C   n 
1 288 C   n 
1 289 G   n 
1 290 A   n 
1 291 G   n 
1 292 G   n 
1 293 A   n 
1 294 C   n 
1 295 C   n 
1 296 U   n 
1 297 C   n 
1 298 G   n 
1 299 G   n 
1 300 A   n 
1 301 C   n 
1 302 G   n 
1 303 C   n 
1 304 G   n 
1 305 G   n 
1 306 G   n 
1 307 U   n 
1 308 U   n 
1 309 C   n 
1 310 G   n 
1 311 A   n 
1 312 U   n 
1 313 U   n 
1 314 C   n 
1 315 C   n 
1 316 C   n 
1 317 G   n 
1 318 C   n 
1 319 A   n 
1 320 C   n 
1 321 G   n 
1 322 C   n 
1 323 G   n 
1 324 C   n 
1 325 C   n 
1 326 U   n 
1 327 C   n 
1 328 C   n 
2 1   U   n 
2 2   C   n 
2 3   A   n 
2 4   C   n 
2 5   G   n 
2 6   C   n 
2 7   C   n 
2 8   A   n 
2 9   U   n 
2 10  G   n 
2 11  G   n 
2 12  G   n 
2 13  A   n 
2 14  G   n 
2 15  C   n 
2 16  G   n 
2 17  G   n 
2 18  G   n 
2 19  C   n 
2 20  U   n 
2 21  C   n 
2 22  U   n 
2 23  A   n 
2 24  C   n 
2 25  C   n 
2 26  C   n 
2 27  G   n 
2 28  A   n 
2 29  A   n 
2 30  G   n 
2 31  U   n 
2 32  C   n 
2 33  G   n 
2 34  C   n 
2 35  C   n 
2 36  G   n 
2 37  G   n 
2 38  G   n 
2 39  A   n 
2 40  G   n 
2 41  C   n 
2 42  C   n 
2 43  U   n 
2 44  A   n 
2 45  C   n 
2 46  G   n 
2 47  G   n 
2 48  G   n 
2 49  C   n 
2 50  A   n 
2 51  G   n 
2 52  G   n 
2 53  C   n 
2 54  G   n 
2 55  C   n 
2 56  C   n 
2 57  G   n 
2 58  A   n 
2 59  G   n 
2 60  G   n 
2 61  G   n 
2 62  U   n 
2 63  A   n 
2 64  G   n 
2 65  G   n 
2 66  G   n 
2 67  C   n 
2 68  C   n 
2 69  C   n 
2 70  G   n 
2 71  U   n 
2 72  G   n 
2 73  A   n 
2 74  C   n 
2 75  U   n 
2 76  G   n 
2 77  G   n 
2 78  G   n 
2 79  G   n 
2 80  C   n 
2 81  G   n 
2 82  A   n 
2 83  A   n 
2 84  G   n 
2 85  U   n 
2 86  C   n 
3 1   GLY n 
3 2   LYS n 
3 3   SER n 
3 4   ASP n 
3 5   LYS n 
3 6   ILE n 
3 7   ILE n 
3 8   PRO n 
3 9   ILE n 
3 10  ALA n 
3 11  GLU n 
3 12  ASN n 
3 13  LYS n 
3 14  GLU n 
3 15  ALA n 
3 16  LYS n 
3 17  ALA n 
3 18  LYS n 
3 19  TYR n 
3 20  ASP n 
3 21  ILE n 
3 22  LEU n 
3 23  GLU n 
3 24  THR n 
3 25  TYR n 
3 26  GLU n 
3 27  ALA n 
3 28  GLY n 
3 29  ILE n 
3 30  VAL n 
3 31  LEU n 
3 32  LYS n 
3 33  GLY n 
3 34  SER n 
3 35  GLU n 
3 36  VAL n 
3 37  LYS n 
3 38  SER n 
3 39  LEU n 
3 40  ARG n 
3 41  GLU n 
3 42  LYS n 
3 43  GLY n 
3 44  THR n 
3 45  VAL n 
3 46  SER n 
3 47  PHE n 
3 48  LYS n 
3 49  ASP n 
3 50  SER n 
3 51  PHE n 
3 52  VAL n 
3 53  ARG n 
3 54  ILE n 
3 55  GLU n 
3 56  ASN n 
3 57  GLY n 
3 58  GLU n 
3 59  ALA n 
3 60  TRP n 
3 61  LEU n 
3 62  TYR n 
3 63  ASN n 
3 64  LEU n 
3 65  TYR n 
3 66  ILE n 
3 67  ALA n 
3 68  PRO n 
3 69  TYR n 
3 70  LYS n 
3 71  HIS n 
3 72  ALA n 
3 73  THR n 
3 74  ILE n 
3 75  GLU n 
3 76  ASN n 
3 77  HIS n 
3 78  ASP n 
3 79  PRO n 
3 80  LEU n 
3 81  ARG n 
3 82  LYS n 
3 83  ARG n 
3 84  LYS n 
3 85  LEU n 
3 86  LEU n 
3 87  LEU n 
3 88  HIS n 
3 89  LYS n 
3 90  ARG n 
3 91  GLU n 
3 92  ILE n 
3 93  MET n 
3 94  ARG n 
3 95  LEU n 
3 96  TYR n 
3 97  GLY n 
3 98  LYS n 
3 99  VAL n 
3 100 GLN n 
3 101 GLU n 
3 102 LYS n 
3 103 GLY n 
3 104 TYR n 
3 105 THR n 
3 106 ILE n 
3 107 ILE n 
3 108 PRO n 
3 109 LEU n 
3 110 LYS n 
3 111 LEU n 
3 112 TYR n 
3 113 TRP n 
3 114 LYS n 
3 115 ASN n 
3 116 ASN n 
3 117 LYS n 
3 118 VAL n 
3 119 LYS n 
3 120 VAL n 
3 121 LEU n 
3 122 ILE n 
3 123 ALA n 
3 124 LEU n 
3 125 ALA n 
3 126 LYS n 
3 127 GLY n 
3 128 LYS n 
3 129 LYS n 
3 130 LEU n 
3 131 TYR n 
3 132 ASP n 
3 133 ARG n 
3 134 ARG n 
3 135 ARG n 
3 136 GLU n 
3 137 LEU n 
3 138 LYS n 
3 139 GLU n 
3 140 LYS n 
3 141 ALA n 
3 142 MET n 
3 143 LYS n 
3 144 ARG n 
3 145 GLU n 
3 146 LEU n 
3 147 GLU n 
3 148 ARG n 
3 149 GLU n 
3 150 PHE n 
3 151 LYS n 
3 152 GLY n 
3 153 LYS n 
3 154 ILE n 
3 155 HIS n 
3 156 LEU n 
# 
loop_
_entity_src_nat.entity_id 
_entity_src_nat.pdbx_src_id 
_entity_src_nat.pdbx_alt_source_flag 
_entity_src_nat.pdbx_beg_seq_num 
_entity_src_nat.pdbx_end_seq_num 
_entity_src_nat.common_name 
_entity_src_nat.pdbx_organism_scientific 
_entity_src_nat.pdbx_ncbi_taxonomy_id 
_entity_src_nat.genus 
_entity_src_nat.species 
_entity_src_nat.strain 
_entity_src_nat.tissue 
_entity_src_nat.tissue_fraction 
_entity_src_nat.pdbx_secretion 
_entity_src_nat.pdbx_fragment 
_entity_src_nat.pdbx_variant 
_entity_src_nat.pdbx_cell_line 
_entity_src_nat.pdbx_atcc 
_entity_src_nat.pdbx_cellular_location 
_entity_src_nat.pdbx_organ 
_entity_src_nat.pdbx_organelle 
_entity_src_nat.pdbx_cell 
_entity_src_nat.pdbx_plasmid_name 
_entity_src_nat.pdbx_plasmid_details 
_entity_src_nat.details 
1 1 sample ? ? ? 'Thermus thermophilus' 274 Thermus ? ? ? ? ? ? ? ? ? ? ? ? ? ? ? ? 
2 1 sample ? ? ? 'Thermus thermophilus' 274 Thermus ? ? ? ? ? ? ? ? ? ? ? ? ? ? ? ? 
3 1 sample ? ? ? 'Thermus thermophilus' 274 Thermus ? ? ? ? ? ? ? ? ? ? ? ? ? ? ? ? 
# 
loop_
_chem_comp.id 
_chem_comp.type 
_chem_comp.mon_nstd_flag 
_chem_comp.name 
_chem_comp.pdbx_synonyms 
_chem_comp.formula 
_chem_comp.formula_weight 
A   'RNA linking'       y "ADENOSINE-5'-MONOPHOSPHATE" ? 'C10 H14 N5 O7 P' 347.221 
ALA 'L-peptide linking' y ALANINE                      ? 'C3 H7 N O2'      89.093  
ARG 'L-peptide linking' y ARGININE                     ? 'C6 H15 N4 O2 1'  175.209 
ASN 'L-peptide linking' y ASPARAGINE                   ? 'C4 H8 N2 O3'     132.118 
ASP 'L-peptide linking' y 'ASPARTIC ACID'              ? 'C4 H7 N O4'      133.103 
C   'RNA linking'       y "CYTIDINE-5'-MONOPHOSPHATE"  ? 'C9 H14 N3 O8 P'  323.197 
G   'RNA linking'       y "GUANOSINE-5'-MONOPHOSPHATE" ? 'C10 H14 N5 O8 P' 363.221 
GLN 'L-peptide linking' y GLUTAMINE                    ? 'C5 H10 N2 O3'    146.144 
GLU 'L-peptide linking' y 'GLUTAMIC ACID'              ? 'C5 H9 N O4'      147.129 
GLY 'peptide linking'   y GLYCINE                      ? 'C2 H5 N O2'      75.067  
HIS 'L-peptide linking' y HISTIDINE                    ? 'C6 H10 N3 O2 1'  156.162 
ILE 'L-peptide linking' y ISOLEUCINE                   ? 'C6 H13 N O2'     131.173 
LEU 'L-peptide linking' y LEUCINE                      ? 'C6 H13 N O2'     131.173 
LYS 'L-peptide linking' y LYSINE                       ? 'C6 H15 N2 O2 1'  147.195 
MET 'L-peptide linking' y METHIONINE                   ? 'C5 H11 N O2 S'   149.211 
PHE 'L-peptide linking' y PHENYLALANINE                ? 'C9 H11 N O2'     165.189 
PRO 'L-peptide linking' y PROLINE                      ? 'C5 H9 N O2'      115.130 
SER 'L-peptide linking' y SERINE                       ? 'C3 H7 N O3'      105.093 
THR 'L-peptide linking' y THREONINE                    ? 'C4 H9 N O3'      119.119 
TRP 'L-peptide linking' y TRYPTOPHAN                   ? 'C11 H12 N2 O2'   204.225 
TYR 'L-peptide linking' y TYROSINE                     ? 'C9 H11 N O3'     181.189 
U   'RNA linking'       y "URIDINE-5'-MONOPHOSPHATE"   ? 'C9 H13 N2 O9 P'  324.181 
VAL 'L-peptide linking' y VALINE                       ? 'C5 H11 N O2'     117.146 
# 
loop_
_pdbx_poly_seq_scheme.asym_id 
_pdbx_poly_seq_scheme.entity_id 
_pdbx_poly_seq_scheme.seq_id 
_pdbx_poly_seq_scheme.mon_id 
_pdbx_poly_seq_scheme.ndb_seq_num 
_pdbx_poly_seq_scheme.pdb_seq_num 
_pdbx_poly_seq_scheme.auth_seq_num 
_pdbx_poly_seq_scheme.pdb_mon_id 
_pdbx_poly_seq_scheme.auth_mon_id 
_pdbx_poly_seq_scheme.pdb_strand_id 
_pdbx_poly_seq_scheme.pdb_ins_code 
_pdbx_poly_seq_scheme.hetero 
A 1 1   G   1   1    1    G   G   A . n 
A 1 2   G   2   2    2    G   G   A . n 
A 1 3   C   3   3    3    C   C   A . n 
A 1 4   G   4   4    4    G   G   A . n 
A 1 5   C   5   5    5    C   C   A . n 
A 1 6   G   6   6    6    G   G   A . n 
A 1 7   U   7   7    7    U   U   A . n 
A 1 8   A   8   14   14   A   A   A . n 
A 1 9   U   9   15   15   U   U   A . n 
A 1 10  U   10  16   16   U   U   A . n 
A 1 11  C   11  17   17   C   C   A . n 
A 1 12  G   12  18   18   G   G   A . n 
A 1 13  A   13  19   19   A   A   A . n 
A 1 14  C   14  20   20   C   C   A . n 
A 1 15  G   15  21   21   G   G   A . n 
A 1 16  G   16  22   22   G   G   A . n 
A 1 17  G   17  23   23   G   G   A . n 
A 1 18  G   18  24   24   G   G   A . n 
A 1 19  A   19  25   25   A   A   A . n 
A 1 20  C   20  35   35   C   C   A . n 
A 1 21  C   21  36   36   C   C   A . n 
A 1 22  C   22  37   37   C   C   A . n 
A 1 23  A   23  38   38   A   A   A . n 
A 1 24  A   24  39   39   A   A   A . n 
A 1 25  G   25  40   40   G   G   A . n 
A 1 26  G   26  41   41   G   G   A . n 
A 1 27  U   27  42   42   U   U   A . n 
A 1 28  G   28  43   43   G   G   A . n 
A 1 29  C   29  44   44   C   C   A . n 
A 1 30  A   30  45   45   A   A   A . n 
A 1 31  U   31  46   46   U   U   A . n 
A 1 32  G   32  47   47   G   G   A . n 
A 1 33  C   33  48   48   C   C   A . n 
A 1 34  C   34  49   49   C   C   A . n 
A 1 35  G   35  50   50   G   G   A . n 
A 1 36  A   36  51   51   A   A   A . n 
A 1 37  G   37  52   52   G   G   A . n 
A 1 38  G   38  53   53   G   G   A . n 
A 1 39  G   39  54   54   G   G   A . n 
A 1 40  G   40  55   55   G   G   A . n 
A 1 41  C   41  56   56   C   C   A . n 
A 1 42  G   42  57   57   G   G   A . n 
A 1 43  G   43  58   58   G   G   A . n 
A 1 44  U   44  59   59   U   U   A . n 
A 1 45  U   45  60   60   U   U   A . n 
A 1 46  G   46  61   61   G   G   A . n 
A 1 47  G   47  62   62   G   G   A . n 
A 1 48  C   48  63   63   C   C   A . n 
A 1 49  C   49  64   64   C   C   A . n 
A 1 50  U   50  65   65   U   U   A . n 
A 1 51  C   51  66   66   C   C   A . n 
A 1 52  G   52  67   67   G   G   A . n 
A 1 53  U   53  68   68   U   U   A . n 
A 1 54  A   54  69   69   A   A   A . n 
A 1 55  A   55  70   70   A   A   A . n 
A 1 56  A   56  71   71   A   A   A . n 
A 1 57  A   57  72   72   A   A   A . n 
A 1 58  A   58  73   73   A   A   A . n 
A 1 59  G   59  74   74   G   G   A . n 
A 1 60  C   60  75   75   C   C   A . n 
A 1 61  C   61  76   76   C   C   A . n 
A 1 62  G   62  77   77   G   G   A . n 
A 1 63  C   63  78   78   C   C   A . n 
A 1 64  A   64  79   79   A   A   A . n 
A 1 65  A   65  80   80   A   A   A . n 
A 1 66  C   66  81   81   C   C   A . n 
A 1 67  G   67  82   82   G   G   A . n 
A 1 68  G   68  83   83   G   G   A . n 
A 1 69  C   69  84   84   C   C   A . n 
A 1 70  A   70  85   85   A   A   A . n 
A 1 71  U   71  86   86   U   U   A . n 
A 1 72  A   72  87   87   A   A   A . n 
A 1 73  A   73  88   88   A   A   A . n 
A 1 74  C   74  89   89   C   C   A . n 
A 1 75  U   75  90   90   U   U   A . n 
A 1 76  G   76  91   91   G   G   A . n 
A 1 77  C   77  92   92   C   C   A . n 
A 1 78  C   78  93   93   C   C   A . n 
A 1 79  A   79  94   94   A   A   A . n 
A 1 80  A   80  95   95   A   A   A . n 
A 1 81  C   81  96   96   C   C   A . n 
A 1 82  A   82  97   97   A   A   A . n 
A 1 83  C   83  98   98   C   C   A . n 
A 1 84  C   84  99   99   C   C   A . n 
A 1 85  A   85  100  100  A   A   A . n 
A 1 86  A   86  101  101  A   A   A . n 
A 1 87  C   87  102  102  C   C   A . n 
A 1 88  U   88  103  103  U   U   A . n 
A 1 89  A   89  104  104  A   A   A . n 
A 1 90  C   90  105  105  C   C   A . n 
A 1 91  G   91  106  106  G   G   A . n 
A 1 92  C   92  107  107  C   C   A . n 
A 1 93  U   93  108  108  U   U   A . n 
A 1 94  C   94  109  109  C   C   A . n 
A 1 95  U   95  112  112  U   U   A . n 
A 1 96  G   96  113  113  G   G   A . n 
A 1 97  G   97  114  114  G   G   A . n 
A 1 98  C   98  115  115  C   C   A . n 
A 1 99  A   99  116  116  A   A   A . n 
A 1 100 G   100 117  117  G   G   A . n 
A 1 101 C   101 118  118  C   C   A . n 
A 1 102 U   102 119  119  U   U   A . n 
A 1 103 U   103 120  120  U   U   A . n 
A 1 104 A   104 121  121  A   A   A . n 
A 1 105 A   105 122  122  A   A   A . n 
A 1 106 U   106 123  123  U   U   A . n 
A 1 107 A   107 124  124  A   A   A . n 
A 1 108 A   108 125  125  A   A   A . n 
A 1 109 C   109 126  126  C   C   A . n 
A 1 110 C   110 127  127  C   C   A . n 
A 1 111 U   111 128  128  U   U   A . n 
A 1 112 G   112 129  129  G   G   A . n 
A 1 113 C   113 130  130  C   C   A . n 
A 1 114 U   114 131  131  U   U   A . n 
A 1 115 U   115 132  132  U   U   A . n 
A 1 116 A   116 133  133  A   A   A . n 
A 1 117 C   117 138  138  C   C   A . n 
A 1 118 C   118 139  139  C   C   A . n 
A 1 119 U   119 140  140  U   U   A . n 
A 1 120 C   120 141  141  C   C   A . n 
A 1 121 U   121 142  142  U   U   A . n 
A 1 122 C   122 143  143  C   C   A . n 
A 1 123 U   123 144  144  U   U   A . n 
A 1 124 C   124 145  145  C   C   A . n 
A 1 125 C   125 146  146  C   C   A . n 
A 1 126 C   126 147  147  C   C   A . n 
A 1 127 U   127 148  148  U   U   A . n 
A 1 128 A   128 149  149  A   A   A . n 
A 1 129 G   129 150  150  G   G   A . n 
A 1 130 C   130 151  151  C   C   A . n 
A 1 131 C   131 152  152  C   C   A . n 
A 1 132 U   132 153  153  U   U   A . n 
A 1 133 C   133 154  154  C   C   A . n 
A 1 134 C   134 155  155  C   C   A . n 
A 1 135 G   135 156  156  G   G   A . n 
A 1 136 C   136 157  157  C   C   A . n 
A 1 137 U   137 158  158  U   U   A . n 
A 1 138 C   138 159  159  C   C   A . n 
A 1 139 U   139 160  160  U   U   A . n 
A 1 140 U   140 161  161  U   U   A . n 
A 1 141 A   141 162  162  A   A   A . n 
A 1 142 G   142 163  163  G   G   A . n 
A 1 143 G   143 164  164  G   G   A . n 
A 1 144 A   144 165  165  A   A   A . n 
A 1 145 C   145 166  166  C   C   A . n 
A 1 146 G   146 167  167  G   G   A . n 
A 1 147 G   147 168  168  G   G   A . n 
A 1 148 G   148 169  169  G   G   A . n 
A 1 149 G   149 170  170  G   G   A . n 
A 1 150 A   150 171  171  A   A   A . n 
A 1 151 U   151 172  172  U   U   A . n 
A 1 152 C   152 173  173  C   C   A . n 
A 1 153 A   153 174  174  A   A   A . n 
A 1 154 A   154 175  175  A   A   A . n 
A 1 155 G   155 176  176  G   G   A . n 
A 1 156 A   156 177  177  A   A   A . n 
A 1 157 G   157 178  178  G   G   A . n 
A 1 158 A   158 179  179  A   A   A . n 
A 1 159 G   159 180  180  G   G   A . n 
A 1 160 G   160 181  181  G   G   A . n 
A 1 161 U   161 182  182  U   U   A . n 
A 1 162 C   162 183  183  C   C   A . n 
A 1 163 A   163 184  184  A   A   A . n 
A 1 164 A   164 185  185  A   A   A . n 
A 1 165 A   165 186  186  A   A   A . n 
A 1 166 C   166 187  187  C   C   A . n 
A 1 167 C   167 188  188  C   C   A . n 
A 1 168 C   168 189  189  C   C   A . n 
A 1 169 A   169 190  190  A   A   A . n 
A 1 170 A   170 191  191  A   A   A . n 
A 1 171 A   171 192  192  A   A   A . n 
A 1 172 A   172 193  193  A   A   A . n 
A 1 173 G   173 194  194  G   G   A . n 
A 1 174 A   174 195  195  A   A   A . n 
A 1 175 G   175 196  196  G   G   A . n 
A 1 176 A   176 197  197  A   A   A . n 
A 1 177 U   177 198  198  U   U   A . n 
A 1 178 C   178 199  199  C   C   A . n 
A 1 179 G   179 200  200  G   G   A . n 
A 1 180 C   180 201  201  C   C   A . n 
A 1 181 G   181 202  202  G   G   A . n 
A 1 182 U   182 203  203  U   U   A . n 
A 1 183 G   183 204  204  G   G   A . n 
A 1 184 G   184 205  205  G   G   A . n 
A 1 185 A   185 206  206  A   A   A . n 
A 1 186 A   186 207  207  A   A   A . n 
A 1 187 G   187 208  208  G   G   A . n 
A 1 188 C   188 209  209  C   C   A . n 
A 1 189 C   189 210  210  C   C   A . n 
A 1 190 C   190 211  211  C   C   A . n 
A 1 191 U   191 212  212  U   U   A . n 
A 1 192 G   192 213  213  G   G   A . n 
A 1 193 C   193 214  214  C   C   A . n 
A 1 194 C   194 215  215  C   C   A . n 
A 1 195 U   195 216  216  U   U   A . n 
A 1 196 G   196 217  217  G   G   A . n 
A 1 197 G   197 218  218  G   G   A . n 
A 1 198 G   198 219  219  G   G   A . n 
A 1 199 G   199 220  220  G   G   A . n 
A 1 200 U   200 221  221  U   U   A . n 
A 1 201 U   201 222  222  U   U   A . n 
A 1 202 G   202 223  223  G   G   A . n 
A 1 203 A   203 224  224  A   A   A . n 
A 1 204 A   204 225  225  A   A   A . n 
A 1 205 G   205 226  226  G   G   A . n 
A 1 206 C   206 227  227  C   C   A . n 
A 1 207 G   207 228  228  G   G   A . n 
A 1 208 U   208 229  229  U   U   A . n 
A 1 209 U   209 230  230  U   U   A . n 
A 1 210 A   210 231  231  A   A   A . n 
A 1 211 A   211 232  232  A   A   A . n 
A 1 212 A   212 233  233  A   A   A . n 
A 1 213 A   213 234  234  A   A   A . n 
A 1 214 C   214 235  235  C   C   A . n 
A 1 215 U   215 236  236  U   U   A . n 
A 1 216 U   216 237  237  U   U   A . n 
A 1 217 A   217 238  238  A   A   A . n 
A 1 218 A   218 239  239  A   A   A . n 
A 1 219 U   219 240  240  U   U   A . n 
A 1 220 C   220 241  241  C   C   A . n 
A 1 221 A   221 242  242  A   A   A . n 
A 1 222 G   222 243  243  G   G   A . n 
A 1 223 G   223 244  244  G   G   A . n 
A 1 224 C   224 245  245  C   C   A . n 
A 1 225 U   225 246  246  U   U   A . n 
A 1 226 G   226 248  248  G   G   A . n 
A 1 227 U   227 249  249  U   U   A . n 
A 1 228 U   228 250  250  U   U   A . n 
A 1 229 U   229 251  251  U   U   A . n 
A 1 230 G   230 252  252  G   G   A . n 
A 1 231 U   231 253  253  U   U   A . n 
A 1 232 U   232 254  254  U   U   A . n 
A 1 233 A   233 255  255  A   A   A . n 
A 1 234 G   234 256  256  G   G   A . n 
A 1 235 U   235 257  257  U   U   A . n 
A 1 236 G   236 258  258  G   G   A . n 
A 1 237 G   237 259  259  G   G   A . n 
A 1 238 C   238 260  260  C   C   A . n 
A 1 239 G   239 261  261  G   G   A . n 
A 1 240 U   240 262  262  U   U   A . n 
A 1 241 G   241 263  263  G   G   A . n 
A 1 242 U   242 264  264  U   U   A . n 
A 1 243 C   243 265  265  C   C   A . n 
A 1 244 C   244 266  266  C   C   A . n 
A 1 245 G   245 267  267  G   G   A . n 
A 1 246 U   246 268  268  U   U   A . n 
A 1 247 C   247 269  269  C   C   A . n 
A 1 248 C   248 270  270  C   C   A . n 
A 1 249 G   249 271  271  G   G   A . n 
A 1 250 C   250 272  272  C   C   A . n 
A 1 251 A   251 273  273  A   A   A . n 
A 1 252 G   252 274  274  G   G   A . n 
A 1 253 C   253 275  275  C   C   A . n 
A 1 254 U   254 276  276  U   U   A . n 
A 1 255 G   255 277  277  G   G   A . n 
A 1 256 G   256 278  278  G   G   A . n 
A 1 257 C   257 279  279  C   C   A . n 
A 1 258 A   258 280  280  A   A   A . n 
A 1 259 A   259 281  281  A   A   A . n 
A 1 260 G   260 282  282  G   G   A . n 
A 1 261 C   261 283  283  C   C   A . n 
A 1 262 G   262 284  284  G   G   A . n 
A 1 263 A   263 285  285  A   A   A . n 
A 1 264 A   264 286  286  A   A   A . n 
A 1 265 U   265 287  287  U   U   A . n 
A 1 266 G   266 288  288  G   G   A . n 
A 1 267 U   267 289  289  U   U   A . n 
A 1 268 A   268 290  290  A   A   A . n 
A 1 269 A   269 291  291  A   A   A . n 
A 1 270 A   270 292  292  A   A   A . n 
A 1 271 G   271 293  293  G   G   A . n 
A 1 272 A   272 294  294  A   A   A . n 
A 1 273 C   273 295  295  C   C   A . n 
A 1 274 U   274 296  296  U   U   A . n 
A 1 275 G   275 297  297  G   G   A . n 
A 1 276 A   276 298  298  A   A   A . n 
A 1 277 C   277 299  299  C   C   A . n 
A 1 278 U   278 300  300  U   U   A . n 
A 1 279 A   279 301  301  A   A   A . n 
A 1 280 A   280 302  302  A   A   A . n 
A 1 281 G   281 303  303  G   G   A . n 
A 1 282 C   282 304  304  C   C   A . n 
A 1 283 A   283 305  305  A   A   A . n 
A 1 284 U   284 306  306  U   U   A . n 
A 1 285 G   285 307  307  G   G   A . n 
A 1 286 A   286 312  312  A   A   A . n 
A 1 287 C   287 313  313  C   C   A . n 
A 1 288 C   288 314  314  C   C   A . n 
A 1 289 G   289 315  315  G   G   A . n 
A 1 290 A   290 316  316  A   A   A . n 
A 1 291 G   291 317  317  G   G   A . n 
A 1 292 G   292 318  318  G   G   A . n 
A 1 293 A   293 319  319  A   A   A . n 
A 1 294 C   294 328  328  C   C   A . n 
A 1 295 C   295 329  329  C   C   A . n 
A 1 296 U   296 330  330  U   U   A . n 
A 1 297 C   297 331  331  C   C   A . n 
A 1 298 G   298 332  332  G   G   A . n 
A 1 299 G   299 333  333  G   G   A . n 
A 1 300 A   300 334  334  A   A   A . n 
A 1 301 C   301 335  335  C   C   A . n 
A 1 302 G   302 336  336  G   G   A . n 
A 1 303 C   303 337  337  C   C   A . n 
A 1 304 G   304 338  338  G   G   A . n 
A 1 305 G   305 339  339  G   G   A . n 
A 1 306 G   306 340  340  G   G   A . n 
A 1 307 U   307 341  341  U   U   A . n 
A 1 308 U   308 342  342  U   U   A . n 
A 1 309 C   309 343  343  C   C   A . n 
A 1 310 G   310 344  344  G   G   A . n 
A 1 311 A   311 345  345  A   A   A . n 
A 1 312 U   312 346  346  U   U   A . n 
A 1 313 U   313 347  347  U   U   A . n 
A 1 314 C   314 348  348  C   C   A . n 
A 1 315 C   315 349  349  C   C   A . n 
A 1 316 C   316 350  350  C   C   A . n 
A 1 317 G   317 351  351  G   G   A . n 
A 1 318 C   318 352  352  C   C   A . n 
A 1 319 A   319 353  353  A   A   A . n 
A 1 320 C   320 354  354  C   C   A . n 
A 1 321 G   321 355  355  G   G   A . n 
A 1 322 C   322 356  356  C   C   A . n 
A 1 323 G   323 357  357  G   G   A . n 
A 1 324 C   324 358  358  C   C   A . n 
A 1 325 C   325 359  359  C   C   A . n 
A 1 326 U   326 360  360  U   U   A . n 
A 1 327 C   327 361  361  C   C   A . n 
A 1 328 C   328 362  362  C   C   A . n 
B 2 1   U   1   1406 1406 U   U   D . n 
B 2 2   C   2   1407 1407 C   C   D . n 
B 2 3   A   3   1408 1408 A   A   D . n 
B 2 4   C   4   1409 1409 C   C   D . n 
B 2 5   G   5   1410 1410 G   G   D . n 
B 2 6   C   6   1411 1411 C   C   D . n 
B 2 7   C   7   1412 1412 C   C   D . n 
B 2 8   A   8   1413 1413 A   A   D . n 
B 2 9   U   9   1414 1414 U   U   D . n 
B 2 10  G   10  1415 1415 G   G   D . n 
B 2 11  G   11  1416 1416 G   G   D . n 
B 2 12  G   12  1417 1417 G   G   D . n 
B 2 13  A   13  1418 1418 A   A   D . n 
B 2 14  G   14  1419 1419 G   G   D . n 
B 2 15  C   15  1420 1420 C   C   D . n 
B 2 16  G   16  1421 1421 G   G   D . n 
B 2 17  G   17  1422 1422 G   G   D . n 
B 2 18  G   18  1423 1423 G   G   D . n 
B 2 19  C   19  1424 1424 C   C   D . n 
B 2 20  U   20  1425 1425 U   U   D . n 
B 2 21  C   21  1426 1426 C   C   D . n 
B 2 22  U   22  1427 1427 U   U   D . n 
B 2 23  A   23  1428 1428 A   A   D . n 
B 2 24  C   24  1429 1429 C   C   D . n 
B 2 25  C   25  1430 1430 C   C   D . n 
B 2 26  C   26  1431 1431 C   C   D . n 
B 2 27  G   27  1432 1432 G   G   D . n 
B 2 28  A   28  1433 1433 A   A   D . n 
B 2 29  A   29  1434 1434 A   A   D . n 
B 2 30  G   30  1435 1435 G   G   D . n 
B 2 31  U   31  1436 1436 U   U   D . n 
B 2 32  C   32  1437 1437 C   C   D . n 
B 2 33  G   33  1438 1438 G   G   D . n 
B 2 34  C   34  1439 1439 C   C   D . n 
B 2 35  C   35  1440 1440 C   C   D . n 
B 2 36  G   36  1441 1441 G   G   D . n 
B 2 37  G   37  1442 1442 G   G   D . n 
B 2 38  G   38  1443 1443 G   G   D . n 
B 2 39  A   39  1446 1446 A   A   D . n 
B 2 40  G   40  1447 1447 G   G   D . n 
B 2 41  C   41  1448 1448 C   C   D . n 
B 2 42  C   42  1449 1449 C   C   D . n 
B 2 43  U   43  1450 1450 U   U   D . n 
B 2 44  A   44  1451 1451 A   A   D . n 
B 2 45  C   45  1452 1452 C   C   D . n 
B 2 46  G   46  1453 1453 G   G   D . n 
B 2 47  G   47  1454 1454 G   G   D . n 
B 2 48  G   48  1455 1455 G   G   D . n 
B 2 49  C   49  1459 1459 C   C   D . n 
B 2 50  A   50  1460 1460 A   A   D . n 
B 2 51  G   51  1461 1461 G   G   D . n 
B 2 52  G   52  1462 1462 G   G   D . n 
B 2 53  C   53  1463 1463 C   C   D . n 
B 2 54  G   54  1464 1464 G   G   D . n 
B 2 55  C   55  1465 1465 C   C   D . n 
B 2 56  C   56  1466 1466 C   C   D . n 
B 2 57  G   57  1467 1467 G   G   D . n 
B 2 58  A   58  1468 1468 A   A   D . n 
B 2 59  G   59  1469 1469 G   G   D . n 
B 2 60  G   60  1470 1470 G   G   D . n 
B 2 61  G   61  1471 1471 G   G   D . n 
B 2 62  U   62  1472 1472 U   U   D . n 
B 2 63  A   63  1473 1473 A   A   D . n 
B 2 64  G   64  1474 1474 G   G   D . n 
B 2 65  G   65  1475 1475 G   G   D . n 
B 2 66  G   66  1476 1476 G   G   D . n 
B 2 67  C   67  1477 1477 C   C   D . n 
B 2 68  C   68  1478 1478 C   C   D . n 
B 2 69  C   69  1479 1479 C   C   D . n 
B 2 70  G   70  1480 1480 G   G   D . n 
B 2 71  U   71  1481 1481 U   U   D . n 
B 2 72  G   72  1482 1482 G   G   D . n 
B 2 73  A   73  1483 1483 A   A   D . n 
B 2 74  C   74  1484 1484 C   C   D . n 
B 2 75  U   75  1485 1485 U   U   D . n 
B 2 76  G   76  1486 1486 G   G   D . n 
B 2 77  G   77  1487 1487 G   G   D . n 
B 2 78  G   78  1488 1488 G   G   D . n 
B 2 79  G   79  1489 1489 G   G   D . n 
B 2 80  C   80  1490 1490 C   C   D . n 
B 2 81  G   81  1491 1491 G   G   D . n 
B 2 82  A   82  1492 1492 A   A   D . n 
B 2 83  A   83  1493 1493 A   A   D . n 
B 2 84  G   84  1494 1494 G   G   D . n 
B 2 85  U   85  1495 1495 U   U   D . n 
B 2 86  C   86  1496 1496 C   C   D . n 
C 3 1   GLY 1   1    ?    ?   ?   B . n 
C 3 2   LYS 2   2    ?    ?   ?   B . n 
C 3 3   SER 3   3    3    SER SER B . n 
C 3 4   ASP 4   4    4    ASP ASP B . n 
C 3 5   LYS 5   5    5    LYS LYS B . n 
C 3 6   ILE 6   6    6    ILE ILE B . n 
C 3 7   ILE 7   7    7    ILE ILE B . n 
C 3 8   PRO 8   8    8    PRO PRO B . n 
C 3 9   ILE 9   9    9    ILE ILE B . n 
C 3 10  ALA 10  10   10   ALA ALA B . n 
C 3 11  GLU 11  11   11   GLU GLU B . n 
C 3 12  ASN 12  12   12   ASN ASN B . n 
C 3 13  LYS 13  13   13   LYS LYS B . n 
C 3 14  GLU 14  14   14   GLU GLU B . n 
C 3 15  ALA 15  15   15   ALA ALA B . n 
C 3 16  LYS 16  16   16   LYS LYS B . n 
C 3 17  ALA 17  17   17   ALA ALA B . n 
C 3 18  LYS 18  18   18   LYS LYS B . n 
C 3 19  TYR 19  19   19   TYR TYR B . n 
C 3 20  ASP 20  20   20   ASP ASP B . n 
C 3 21  ILE 21  21   21   ILE ILE B . n 
C 3 22  LEU 22  22   22   LEU LEU B . n 
C 3 23  GLU 23  23   23   GLU GLU B . n 
C 3 24  THR 24  24   24   THR THR B . n 
C 3 25  TYR 25  25   25   TYR TYR B . n 
C 3 26  GLU 26  26   26   GLU GLU B . n 
C 3 27  ALA 27  27   27   ALA ALA B . n 
C 3 28  GLY 28  28   28   GLY GLY B . n 
C 3 29  ILE 29  29   29   ILE ILE B . n 
C 3 30  VAL 30  30   30   VAL VAL B . n 
C 3 31  LEU 31  31   31   LEU LEU B . n 
C 3 32  LYS 32  32   32   LYS LYS B . n 
C 3 33  GLY 33  33   33   GLY GLY B . n 
C 3 34  SER 34  34   34   SER SER B . n 
C 3 35  GLU 35  35   35   GLU GLU B . n 
C 3 36  VAL 36  36   36   VAL VAL B . n 
C 3 37  LYS 37  37   37   LYS LYS B . n 
C 3 38  SER 38  38   38   SER SER B . n 
C 3 39  LEU 39  39   39   LEU LEU B . n 
C 3 40  ARG 40  40   40   ARG ARG B . n 
C 3 41  GLU 41  41   41   GLU GLU B . n 
C 3 42  LYS 42  42   42   LYS LYS B . n 
C 3 43  GLY 43  43   43   GLY GLY B . n 
C 3 44  THR 44  44   44   THR THR B . n 
C 3 45  VAL 45  45   45   VAL VAL B . n 
C 3 46  SER 46  46   46   SER SER B . n 
C 3 47  PHE 47  47   47   PHE PHE B . n 
C 3 48  LYS 48  48   48   LYS LYS B . n 
C 3 49  ASP 49  49   49   ASP ASP B . n 
C 3 50  SER 50  50   50   SER SER B . n 
C 3 51  PHE 51  51   51   PHE PHE B . n 
C 3 52  VAL 52  52   52   VAL VAL B . n 
C 3 53  ARG 53  53   53   ARG ARG B . n 
C 3 54  ILE 54  54   54   ILE ILE B . n 
C 3 55  GLU 55  55   55   GLU GLU B . n 
C 3 56  ASN 56  56   56   ASN ASN B . n 
C 3 57  GLY 57  57   57   GLY GLY B . n 
C 3 58  GLU 58  58   58   GLU GLU B . n 
C 3 59  ALA 59  59   59   ALA ALA B . n 
C 3 60  TRP 60  60   60   TRP TRP B . n 
C 3 61  LEU 61  61   61   LEU LEU B . n 
C 3 62  TYR 62  62   62   TYR TYR B . n 
C 3 63  ASN 63  63   63   ASN ASN B . n 
C 3 64  LEU 64  64   64   LEU LEU B . n 
C 3 65  TYR 65  65   65   TYR TYR B . n 
C 3 66  ILE 66  66   66   ILE ILE B . n 
C 3 67  ALA 67  67   67   ALA ALA B . n 
C 3 68  PRO 68  68   68   PRO PRO B . n 
C 3 69  TYR 69  69   69   TYR TYR B . n 
C 3 70  LYS 70  70   ?    ?   ?   B . n 
C 3 71  HIS 71  71   ?    ?   ?   B . n 
C 3 72  ALA 72  72   ?    ?   ?   B . n 
C 3 73  THR 73  73   ?    ?   ?   B . n 
C 3 74  ILE 74  74   ?    ?   ?   B . n 
C 3 75  GLU 75  75   ?    ?   ?   B . n 
C 3 76  ASN 76  76   76   ASN ASN B . n 
C 3 77  HIS 77  77   77   HIS HIS B . n 
C 3 78  ASP 78  78   78   ASP ASP B . n 
C 3 79  PRO 79  79   79   PRO PRO B . n 
C 3 80  LEU 80  80   80   LEU LEU B . n 
C 3 81  ARG 81  81   81   ARG ARG B . n 
C 3 82  LYS 82  82   82   LYS LYS B . n 
C 3 83  ARG 83  83   83   ARG ARG B . n 
C 3 84  LYS 84  84   84   LYS LYS B . n 
C 3 85  LEU 85  85   85   LEU LEU B . n 
C 3 86  LEU 86  86   86   LEU LEU B . n 
C 3 87  LEU 87  87   87   LEU LEU B . n 
C 3 88  HIS 88  88   88   HIS HIS B . n 
C 3 89  LYS 89  89   89   LYS LYS B . n 
C 3 90  ARG 90  90   90   ARG ARG B . n 
C 3 91  GLU 91  91   91   GLU GLU B . n 
C 3 92  ILE 92  92   92   ILE ILE B . n 
C 3 93  MET 93  93   93   MET MET B . n 
C 3 94  ARG 94  94   94   ARG ARG B . n 
C 3 95  LEU 95  95   95   LEU LEU B . n 
C 3 96  TYR 96  96   96   TYR TYR B . n 
C 3 97  GLY 97  97   97   GLY GLY B . n 
C 3 98  LYS 98  98   98   LYS LYS B . n 
C 3 99  VAL 99  99   99   VAL VAL B . n 
C 3 100 GLN 100 100  100  GLN GLN B . n 
C 3 101 GLU 101 101  101  GLU GLU B . n 
C 3 102 LYS 102 102  102  LYS LYS B . n 
C 3 103 GLY 103 103  103  GLY GLY B . n 
C 3 104 TYR 104 104  104  TYR TYR B . n 
C 3 105 THR 105 105  105  THR THR B . n 
C 3 106 ILE 106 106  106  ILE ILE B . n 
C 3 107 ILE 107 107  107  ILE ILE B . n 
C 3 108 PRO 108 108  108  PRO PRO B . n 
C 3 109 LEU 109 109  109  LEU LEU B . n 
C 3 110 LYS 110 110  110  LYS LYS B . n 
C 3 111 LEU 111 111  111  LEU LEU B . n 
C 3 112 TYR 112 112  112  TYR TYR B . n 
C 3 113 TRP 113 113  113  TRP TRP B . n 
C 3 114 LYS 114 114  114  LYS LYS B . n 
C 3 115 ASN 115 115  115  ASN ASN B . n 
C 3 116 ASN 116 116  116  ASN ASN B . n 
C 3 117 LYS 117 117  117  LYS LYS B . n 
C 3 118 VAL 118 118  118  VAL VAL B . n 
C 3 119 LYS 119 119  119  LYS LYS B . n 
C 3 120 VAL 120 120  120  VAL VAL B . n 
C 3 121 LEU 121 121  121  LEU LEU B . n 
C 3 122 ILE 122 122  122  ILE ILE B . n 
C 3 123 ALA 123 123  123  ALA ALA B . n 
C 3 124 LEU 124 124  124  LEU LEU B . n 
C 3 125 ALA 125 125  125  ALA ALA B . n 
C 3 126 LYS 126 126  126  LYS LYS B . n 
C 3 127 GLY 127 127  127  GLY GLY B . n 
C 3 128 LYS 128 128  128  LYS LYS B . n 
C 3 129 LYS 129 129  129  LYS LYS B . n 
C 3 130 LEU 130 130  130  LEU LEU B . n 
C 3 131 TYR 131 131  ?    ?   ?   B . n 
C 3 132 ASP 132 132  ?    ?   ?   B . n 
C 3 133 ARG 133 133  ?    ?   ?   B . n 
C 3 134 ARG 134 134  ?    ?   ?   B . n 
C 3 135 ARG 135 135  ?    ?   ?   B . n 
C 3 136 GLU 136 136  ?    ?   ?   B . n 
C 3 137 LEU 137 137  ?    ?   ?   B . n 
C 3 138 LYS 138 138  ?    ?   ?   B . n 
C 3 139 GLU 139 139  ?    ?   ?   B . n 
C 3 140 LYS 140 140  ?    ?   ?   B . n 
C 3 141 ALA 141 141  ?    ?   ?   B . n 
C 3 142 MET 142 142  ?    ?   ?   B . n 
C 3 143 LYS 143 143  ?    ?   ?   B . n 
C 3 144 ARG 144 144  ?    ?   ?   B . n 
C 3 145 GLU 145 145  ?    ?   ?   B . n 
C 3 146 LEU 146 146  ?    ?   ?   B . n 
C 3 147 GLU 147 147  ?    ?   ?   B . n 
C 3 148 ARG 148 148  ?    ?   ?   B . n 
C 3 149 GLU 149 149  ?    ?   ?   B . n 
C 3 150 PHE 150 150  ?    ?   ?   B . n 
C 3 151 LYS 151 151  ?    ?   ?   B . n 
C 3 152 GLY 152 152  ?    ?   ?   B . n 
C 3 153 LYS 153 153  ?    ?   ?   B . n 
C 3 154 ILE 154 154  ?    ?   ?   B . n 
C 3 155 HIS 155 155  ?    ?   ?   B . n 
C 3 156 LEU 156 156  ?    ?   ?   B . n 
D 3 1   GLY 1   1    ?    ?   ?   C . n 
D 3 2   LYS 2   2    ?    ?   ?   C . n 
D 3 3   SER 3   3    3    SER SER C . n 
D 3 4   ASP 4   4    4    ASP ASP C . n 
D 3 5   LYS 5   5    5    LYS LYS C . n 
D 3 6   ILE 6   6    6    ILE ILE C . n 
D 3 7   ILE 7   7    7    ILE ILE C . n 
D 3 8   PRO 8   8    8    PRO PRO C . n 
D 3 9   ILE 9   9    9    ILE ILE C . n 
D 3 10  ALA 10  10   10   ALA ALA C . n 
D 3 11  GLU 11  11   11   GLU GLU C . n 
D 3 12  ASN 12  12   12   ASN ASN C . n 
D 3 13  LYS 13  13   13   LYS LYS C . n 
D 3 14  GLU 14  14   14   GLU GLU C . n 
D 3 15  ALA 15  15   15   ALA ALA C . n 
D 3 16  LYS 16  16   16   LYS LYS C . n 
D 3 17  ALA 17  17   17   ALA ALA C . n 
D 3 18  LYS 18  18   18   LYS LYS C . n 
D 3 19  TYR 19  19   19   TYR TYR C . n 
D 3 20  ASP 20  20   20   ASP ASP C . n 
D 3 21  ILE 21  21   21   ILE ILE C . n 
D 3 22  LEU 22  22   22   LEU LEU C . n 
D 3 23  GLU 23  23   23   GLU GLU C . n 
D 3 24  THR 24  24   24   THR THR C . n 
D 3 25  TYR 25  25   25   TYR TYR C . n 
D 3 26  GLU 26  26   26   GLU GLU C . n 
D 3 27  ALA 27  27   27   ALA ALA C . n 
D 3 28  GLY 28  28   28   GLY GLY C . n 
D 3 29  ILE 29  29   29   ILE ILE C . n 
D 3 30  VAL 30  30   30   VAL VAL C . n 
D 3 31  LEU 31  31   31   LEU LEU C . n 
D 3 32  LYS 32  32   32   LYS LYS C . n 
D 3 33  GLY 33  33   33   GLY GLY C . n 
D 3 34  SER 34  34   34   SER SER C . n 
D 3 35  GLU 35  35   35   GLU GLU C . n 
D 3 36  VAL 36  36   36   VAL VAL C . n 
D 3 37  LYS 37  37   37   LYS LYS C . n 
D 3 38  SER 38  38   38   SER SER C . n 
D 3 39  LEU 39  39   39   LEU LEU C . n 
D 3 40  ARG 40  40   40   ARG ARG C . n 
D 3 41  GLU 41  41   41   GLU GLU C . n 
D 3 42  LYS 42  42   42   LYS LYS C . n 
D 3 43  GLY 43  43   43   GLY GLY C . n 
D 3 44  THR 44  44   44   THR THR C . n 
D 3 45  VAL 45  45   45   VAL VAL C . n 
D 3 46  SER 46  46   46   SER SER C . n 
D 3 47  PHE 47  47   47   PHE PHE C . n 
D 3 48  LYS 48  48   48   LYS LYS C . n 
D 3 49  ASP 49  49   49   ASP ASP C . n 
D 3 50  SER 50  50   50   SER SER C . n 
D 3 51  PHE 51  51   51   PHE PHE C . n 
D 3 52  VAL 52  52   52   VAL VAL C . n 
D 3 53  ARG 53  53   53   ARG ARG C . n 
D 3 54  ILE 54  54   54   ILE ILE C . n 
D 3 55  GLU 55  55   55   GLU GLU C . n 
D 3 56  ASN 56  56   56   ASN ASN C . n 
D 3 57  GLY 57  57   57   GLY GLY C . n 
D 3 58  GLU 58  58   58   GLU GLU C . n 
D 3 59  ALA 59  59   59   ALA ALA C . n 
D 3 60  TRP 60  60   60   TRP TRP C . n 
D 3 61  LEU 61  61   61   LEU LEU C . n 
D 3 62  TYR 62  62   62   TYR TYR C . n 
D 3 63  ASN 63  63   63   ASN ASN C . n 
D 3 64  LEU 64  64   64   LEU LEU C . n 
D 3 65  TYR 65  65   65   TYR TYR C . n 
D 3 66  ILE 66  66   66   ILE ILE C . n 
D 3 67  ALA 67  67   67   ALA ALA C . n 
D 3 68  PRO 68  68   68   PRO PRO C . n 
D 3 69  TYR 69  69   69   TYR TYR C . n 
D 3 70  LYS 70  70   70   LYS LYS C . n 
D 3 71  HIS 71  71   71   HIS HIS C . n 
D 3 72  ALA 72  72   72   ALA ALA C . n 
D 3 73  THR 73  73   ?    ?   ?   C . n 
D 3 74  ILE 74  74   ?    ?   ?   C . n 
D 3 75  GLU 75  75   ?    ?   ?   C . n 
D 3 76  ASN 76  76   76   ASN ASN C . n 
D 3 77  HIS 77  77   77   HIS HIS C . n 
D 3 78  ASP 78  78   78   ASP ASP C . n 
D 3 79  PRO 79  79   79   PRO PRO C . n 
D 3 80  LEU 80  80   80   LEU LEU C . n 
D 3 81  ARG 81  81   81   ARG ARG C . n 
D 3 82  LYS 82  82   82   LYS LYS C . n 
D 3 83  ARG 83  83   83   ARG ARG C . n 
D 3 84  LYS 84  84   84   LYS LYS C . n 
D 3 85  LEU 85  85   85   LEU LEU C . n 
D 3 86  LEU 86  86   86   LEU LEU C . n 
D 3 87  LEU 87  87   87   LEU LEU C . n 
D 3 88  HIS 88  88   88   HIS HIS C . n 
D 3 89  LYS 89  89   89   LYS LYS C . n 
D 3 90  ARG 90  90   90   ARG ARG C . n 
D 3 91  GLU 91  91   91   GLU GLU C . n 
D 3 92  ILE 92  92   92   ILE ILE C . n 
D 3 93  MET 93  93   93   MET MET C . n 
D 3 94  ARG 94  94   94   ARG ARG C . n 
D 3 95  LEU 95  95   95   LEU LEU C . n 
D 3 96  TYR 96  96   96   TYR TYR C . n 
D 3 97  GLY 97  97   97   GLY GLY C . n 
D 3 98  LYS 98  98   98   LYS LYS C . n 
D 3 99  VAL 99  99   99   VAL VAL C . n 
D 3 100 GLN 100 100  100  GLN GLN C . n 
D 3 101 GLU 101 101  101  GLU GLU C . n 
D 3 102 LYS 102 102  ?    ?   ?   C . n 
D 3 103 GLY 103 103  ?    ?   ?   C . n 
D 3 104 TYR 104 104  ?    ?   ?   C . n 
D 3 105 THR 105 105  ?    ?   ?   C . n 
D 3 106 ILE 106 106  106  ILE ILE C . n 
D 3 107 ILE 107 107  107  ILE ILE C . n 
D 3 108 PRO 108 108  108  PRO PRO C . n 
D 3 109 LEU 109 109  109  LEU LEU C . n 
D 3 110 LYS 110 110  110  LYS LYS C . n 
D 3 111 LEU 111 111  111  LEU LEU C . n 
D 3 112 TYR 112 112  112  TYR TYR C . n 
D 3 113 TRP 113 113  113  TRP TRP C . n 
D 3 114 LYS 114 114  114  LYS LYS C . n 
D 3 115 ASN 115 115  115  ASN ASN C . n 
D 3 116 ASN 116 116  116  ASN ASN C . n 
D 3 117 LYS 117 117  117  LYS LYS C . n 
D 3 118 VAL 118 118  118  VAL VAL C . n 
D 3 119 LYS 119 119  119  LYS LYS C . n 
D 3 120 VAL 120 120  120  VAL VAL C . n 
D 3 121 LEU 121 121  121  LEU LEU C . n 
D 3 122 ILE 122 122  122  ILE ILE C . n 
D 3 123 ALA 123 123  123  ALA ALA C . n 
D 3 124 LEU 124 124  124  LEU LEU C . n 
D 3 125 ALA 125 125  ?    ?   ?   C . n 
D 3 126 LYS 126 126  ?    ?   ?   C . n 
D 3 127 GLY 127 127  ?    ?   ?   C . n 
D 3 128 LYS 128 128  ?    ?   ?   C . n 
D 3 129 LYS 129 129  ?    ?   ?   C . n 
D 3 130 LEU 130 130  ?    ?   ?   C . n 
D 3 131 TYR 131 131  ?    ?   ?   C . n 
D 3 132 ASP 132 132  ?    ?   ?   C . n 
D 3 133 ARG 133 133  ?    ?   ?   C . n 
D 3 134 ARG 134 134  ?    ?   ?   C . n 
D 3 135 ARG 135 135  ?    ?   ?   C . n 
D 3 136 GLU 136 136  ?    ?   ?   C . n 
D 3 137 LEU 137 137  ?    ?   ?   C . n 
D 3 138 LYS 138 138  ?    ?   ?   C . n 
D 3 139 GLU 139 139  ?    ?   ?   C . n 
D 3 140 LYS 140 140  ?    ?   ?   C . n 
D 3 141 ALA 141 141  ?    ?   ?   C . n 
D 3 142 MET 142 142  ?    ?   ?   C . n 
D 3 143 LYS 143 143  ?    ?   ?   C . n 
D 3 144 ARG 144 144  ?    ?   ?   C . n 
D 3 145 GLU 145 145  ?    ?   ?   C . n 
D 3 146 LEU 146 146  ?    ?   ?   C . n 
D 3 147 GLU 147 147  ?    ?   ?   C . n 
D 3 148 ARG 148 148  ?    ?   ?   C . n 
D 3 149 GLU 149 149  ?    ?   ?   C . n 
D 3 150 PHE 150 150  ?    ?   ?   C . n 
D 3 151 LYS 151 151  ?    ?   ?   C . n 
D 3 152 GLY 152 152  ?    ?   ?   C . n 
D 3 153 LYS 153 153  ?    ?   ?   C . n 
D 3 154 ILE 154 154  ?    ?   ?   C . n 
D 3 155 HIS 155 155  ?    ?   ?   C . n 
D 3 156 LEU 156 156  ?    ?   ?   C . n 
# 
_cell.entry_id           2OB7 
_cell.length_a           1.000 
_cell.length_b           1.000 
_cell.length_c           1.000 
_cell.angle_alpha        90.00 
_cell.angle_beta         90.00 
_cell.angle_gamma        90.00 
_cell.Z_PDB              1 
_cell.pdbx_unique_axis   ? 
_cell.length_a_esd       ? 
_cell.length_b_esd       ? 
_cell.length_c_esd       ? 
_cell.angle_alpha_esd    ? 
_cell.angle_beta_esd     ? 
_cell.angle_gamma_esd    ? 
# 
_symmetry.entry_id                         2OB7 
_symmetry.space_group_name_H-M             'P 1' 
_symmetry.pdbx_full_space_group_name_H-M   ? 
_symmetry.cell_setting                     ? 
_symmetry.Int_Tables_number                1 
# 
_exptl.entry_id          2OB7 
_exptl.method            'ELECTRON MICROSCOPY' 
_exptl.crystals_number   ? 
# 
_exptl_crystal.id                    1 
_exptl_crystal.density_meas          ? 
_exptl_crystal.density_Matthews      ? 
_exptl_crystal.density_percent_sol   ? 
_exptl_crystal.description           ? 
# 
_diffrn.id                     1 
_diffrn.ambient_temp           ? 
_diffrn.ambient_temp_details   ? 
_diffrn.crystal_id             1 
# 
_refine_hist.pdbx_refine_id                   'ELECTRON MICROSCOPY' 
_refine_hist.cycle_id                         LAST 
_refine_hist.pdbx_number_atoms_protein        237 
_refine_hist.pdbx_number_atoms_nucleic_acid   414 
_refine_hist.pdbx_number_atoms_ligand         0 
_refine_hist.number_atoms_solvent             0 
_refine_hist.number_atoms_total               651 
_refine_hist.d_res_high                       . 
_refine_hist.d_res_low                        . 
# 
_struct.entry_id                  2OB7 
_struct.title                     'Structure of tmRNA-(SmpB)2 complex as inferred from cryo-EM' 
_struct.pdbx_model_details        ? 
_struct.pdbx_CASP_flag            ? 
_struct.pdbx_model_type_details   ? 
# 
_struct_keywords.entry_id        2OB7 
_struct_keywords.pdbx_keywords   'RNA BINDING PROTEIN/RNA' 
_struct_keywords.text            'tmRNA, SmpB, RNA BINDING PROTEIN-RNA COMPLEX' 
# 
loop_
_struct_asym.id 
_struct_asym.pdbx_blank_PDB_chainid_flag 
_struct_asym.pdbx_modified 
_struct_asym.entity_id 
_struct_asym.details 
A N N 1 ? 
B N N 2 ? 
C N N 3 ? 
D N N 3 ? 
# 
loop_
_struct_ref.id 
_struct_ref.entity_id 
_struct_ref.db_name 
_struct_ref.db_code 
_struct_ref.pdbx_db_accession 
_struct_ref.pdbx_db_isoform 
_struct_ref.pdbx_seq_one_letter_code 
_struct_ref.pdbx_align_begin 
1 1 PDB 2OB7 2OB7 ? ? ? 
2 2 PDB 2OB7 2OB7 ? ? ? 
3 3 PDB 2OB7 2OB7 ? ? ? 
# 
loop_
_struct_ref_seq.align_id 
_struct_ref_seq.ref_id 
_struct_ref_seq.pdbx_PDB_id_code 
_struct_ref_seq.pdbx_strand_id 
_struct_ref_seq.seq_align_beg 
_struct_ref_seq.pdbx_seq_align_beg_ins_code 
_struct_ref_seq.seq_align_end 
_struct_ref_seq.pdbx_seq_align_end_ins_code 
_struct_ref_seq.pdbx_db_accession 
_struct_ref_seq.db_align_beg 
_struct_ref_seq.pdbx_db_align_beg_ins_code 
_struct_ref_seq.db_align_end 
_struct_ref_seq.pdbx_db_align_end_ins_code 
_struct_ref_seq.pdbx_auth_seq_align_beg 
_struct_ref_seq.pdbx_auth_seq_align_end 
1 1 2OB7 A 1 ? 328 ? 2OB7 1    ? 362  ? 1    362  
2 2 2OB7 D 1 ? 86  ? 2OB7 1406 ? 1496 ? 1406 1496 
3 3 2OB7 B 1 ? 156 ? 2OB7 1    ? 156  ? 1    156  
4 3 2OB7 C 1 ? 156 ? 2OB7 1    ? 156  ? 1    156  
# 
_pdbx_struct_assembly.id                   1 
_pdbx_struct_assembly.details              author_defined_assembly 
_pdbx_struct_assembly.method_details       ? 
_pdbx_struct_assembly.oligomeric_details   tetrameric 
_pdbx_struct_assembly.oligomeric_count     4 
# 
_pdbx_struct_assembly_gen.assembly_id       1 
_pdbx_struct_assembly_gen.oper_expression   1 
_pdbx_struct_assembly_gen.asym_id_list      A,B,C,D 
# 
_pdbx_struct_oper_list.id                   1 
_pdbx_struct_oper_list.type                 'identity operation' 
_pdbx_struct_oper_list.name                 1_555 
_pdbx_struct_oper_list.symmetry_operation   x,y,z 
_pdbx_struct_oper_list.matrix[1][1]         1.0000000000 
_pdbx_struct_oper_list.matrix[1][2]         0.0000000000 
_pdbx_struct_oper_list.matrix[1][3]         0.0000000000 
_pdbx_struct_oper_list.vector[1]            0.0000000000 
_pdbx_struct_oper_list.matrix[2][1]         0.0000000000 
_pdbx_struct_oper_list.matrix[2][2]         1.0000000000 
_pdbx_struct_oper_list.matrix[2][3]         0.0000000000 
_pdbx_struct_oper_list.vector[2]            0.0000000000 
_pdbx_struct_oper_list.matrix[3][1]         0.0000000000 
_pdbx_struct_oper_list.matrix[3][2]         0.0000000000 
_pdbx_struct_oper_list.matrix[3][3]         1.0000000000 
_pdbx_struct_oper_list.vector[3]            0.0000000000 
# 
_pdbx_validate_close_contact.id               1 
_pdbx_validate_close_contact.PDB_model_num    1 
_pdbx_validate_close_contact.auth_atom_id_1   P 
_pdbx_validate_close_contact.auth_asym_id_1   A 
_pdbx_validate_close_contact.auth_comp_id_1   A 
_pdbx_validate_close_contact.auth_seq_id_1    101 
_pdbx_validate_close_contact.PDB_ins_code_1   ? 
_pdbx_validate_close_contact.label_alt_id_1   ? 
_pdbx_validate_close_contact.auth_atom_id_2   P 
_pdbx_validate_close_contact.auth_asym_id_2   A 
_pdbx_validate_close_contact.auth_comp_id_2   C 
_pdbx_validate_close_contact.auth_seq_id_2    138 
_pdbx_validate_close_contact.PDB_ins_code_2   ? 
_pdbx_validate_close_contact.label_alt_id_2   ? 
_pdbx_validate_close_contact.dist             1.92 
# 
_pdbx_database_remark.id     999 
_pdbx_database_remark.text   
;SEQUENCE
The deposited entry  is a model to fit the cryo-EM 
map of tmRNA+SmpB(2) from Thermus thermophilus.
The deposition includes 4 chains:
chain A: tmRNA model
chains B,C: SmpB (from 1P6V.pdb chain A, for SmpB 
from AQUIFEX AEOLICUS);
chain D: helix 44 of 30S ribosomal subunit 
(from 1N34.pdb chain A:1406-1496. X-ray structure 
of 1N34 is from Thermus thermophilus).
The E.coli model eschcolitm3D-model-72.pdb 
(http://www.ag.auburn.edu/mirror/tmRDB/rna/tmrna.html/) 
was used as a template to build the model by replacing
several fragments which have x-ray crystal as alternatives, 
and by fitting all the structures into the cryo-EM maps.
Nucleotide numbering in this model follows E.coli sequence.
Considering the differences between tmRNA sequences from 
E.coli and T.thermophilus, a small number of nucleotides 
in the template model are not included in this model.
;
# 
_em_3d_fitting.id                1 
_em_3d_fitting.entry_id          2OB7 
_em_3d_fitting.ref_protocol      OTHER 
_em_3d_fitting.ref_space         REAL 
_em_3d_fitting.overall_b_value   ? 
_em_3d_fitting.target_criteria   ? 
_em_3d_fitting.details           'METHOD--manual fitting using stereo visualization REFINEMENT PROTOCOL--Manual' 
_em_3d_fitting.method            ? 
# 
_em_3d_fitting_list.3d_fitting_id                 1 
_em_3d_fitting_list.id                            1 
_em_3d_fitting_list.pdb_entry_id                  1P6V 
_em_3d_fitting_list.pdb_chain_id                  ? 
_em_3d_fitting_list.details                       '1P6V FOR SMPB AND TLD OF TMRNA' 
_em_3d_fitting_list.initial_refinement_model_id   1 
_em_3d_fitting_list.chain_id                      ? 
_em_3d_fitting_list.chain_residue_range           ? 
_em_3d_fitting_list.pdb_chain_residue_range       ? 
_em_3d_fitting_list.source_name                   PDB 
_em_3d_fitting_list.type                          'experimental model' 
_em_3d_fitting_list.accession_code                1P6V 
# 
_em_3d_reconstruction.entry_id                    2OB7 
_em_3d_reconstruction.id                          1 
_em_3d_reconstruction.symmetry_type               POINT 
_em_3d_reconstruction.num_particles               52829 
_em_3d_reconstruction.image_processing_id         1 
_em_3d_reconstruction.method                      'single particle reconstruction' 
_em_3d_reconstruction.nominal_pixel_size          2.82 
_em_3d_reconstruction.actual_pixel_size           ? 
_em_3d_reconstruction.resolution                  13.6 
_em_3d_reconstruction.magnification_calibration   ? 
_em_3d_reconstruction.details                     ? 
_em_3d_reconstruction.resolution_method           ? 
_em_3d_reconstruction.num_class_averages          ? 
_em_3d_reconstruction.algorithm                   ? 
# 
_em_buffer.id            1 
_em_buffer.specimen_id   1 
_em_buffer.name          polimix 
_em_buffer.pH            7.5 
_em_buffer.details       polimix 
# 
_em_entity_assembly.id                   1 
_em_entity_assembly.name                 
'Pre-accommodated ribosomal trans-translation complex: T. thermophilus 70S-mRNA-(P-site tRNA)-tmRNA-(SmpB)2-(EF-Tu)-GDP-kirromycin' 
_em_entity_assembly.type                 RIBOSOME 
_em_entity_assembly.parent_id            0 
_em_entity_assembly.synonym              ? 
_em_entity_assembly.details              
;see Experimental Procedures in Kaur et al. (PNAS). [Deposition refers to structure of tmRNA-(SmpB)2 complex derived by fitting of EM map from Kaur 
et al. Fitting was modified in Gillet et al.]
;
_em_entity_assembly.oligomeric_details   ? 
# 
_em_imaging.entry_id                        2OB7 
_em_imaging.id                              1 
_em_imaging.microscope_model                'FEI TECNAI F20' 
_em_imaging.illumination_mode               'FLOOD BEAM' 
_em_imaging.specimen_id                     1 
_em_imaging.date                            2004-06-01 
_em_imaging.temperature                     296 
_em_imaging.nominal_defocus_min             1475 
_em_imaging.nominal_defocus_max             3635 
_em_imaging.tilt_angle_min                  0 
_em_imaging.tilt_angle_max                  0 
_em_imaging.nominal_cs                      2 
_em_imaging.mode                            'BRIGHT FIELD' 
_em_imaging.nominal_magnification           55000 
_em_imaging.calibrated_magnification        49000 
_em_imaging.electron_source                 'FIELD EMISSION GUN' 
_em_imaging.accelerating_voltage            200 
_em_imaging.details                         ? 
_em_imaging.specimen_holder_type            ? 
_em_imaging.specimen_holder_model           ? 
_em_imaging.citation_id                     ? 
_em_imaging.detector_distance               ? 
_em_imaging.recording_temperature_maximum   ? 
_em_imaging.recording_temperature_minimum   ? 
_em_imaging.astigmatism                     ? 
_em_imaging.electron_beam_tilt_params       ? 
# 
_em_sample_support.id               1 
_em_sample_support.specimen_id      1 
_em_sample_support.details          'This grid plus sample was kept at -80 degree C for several days before use.' 
_em_sample_support.film_material    ? 
_em_sample_support.grid_material    ? 
_em_sample_support.grid_mesh_size   ? 
_em_sample_support.grid_type        ? 
_em_sample_support.method           ? 
# 
_em_vitrification.entry_id              2OB7 
_em_vitrification.id                    1 
_em_vitrification.instrument            'FEI VITROBOT MARK I' 
_em_vitrification.cryogen_name          ETHANE 
_em_vitrification.details               
;Blot for 5 seconds before plunging.  
Rapid plunge freezing in liquid ethane.
;
_em_vitrification.citation_id           ? 
_em_vitrification.humidity              ? 
_em_vitrification.method                ? 
_em_vitrification.specimen_id           1 
_em_vitrification.temp                  ? 
_em_vitrification.time_resolved_state   ? 
# 
_em_experiment.entry_id                2OB7 
_em_experiment.id                      1 
_em_experiment.aggregation_state       PARTICLE 
_em_experiment.entity_assembly_id      1 
_em_experiment.reconstruction_method   'SINGLE PARTICLE' 
# 
_em_single_particle_entity.entry_id              2OB7 
_em_single_particle_entity.id                    1 
_em_single_particle_entity.point_symmetry        C1 
_em_single_particle_entity.image_processing_id   1 
# 
loop_
_pdbx_unobs_or_zero_occ_residues.id 
_pdbx_unobs_or_zero_occ_residues.PDB_model_num 
_pdbx_unobs_or_zero_occ_residues.polymer_flag 
_pdbx_unobs_or_zero_occ_residues.occupancy_flag 
_pdbx_unobs_or_zero_occ_residues.auth_asym_id 
_pdbx_unobs_or_zero_occ_residues.auth_comp_id 
_pdbx_unobs_or_zero_occ_residues.auth_seq_id 
_pdbx_unobs_or_zero_occ_residues.PDB_ins_code 
_pdbx_unobs_or_zero_occ_residues.label_asym_id 
_pdbx_unobs_or_zero_occ_residues.label_comp_id 
_pdbx_unobs_or_zero_occ_residues.label_seq_id 
1  1 Y 1 B GLY 1   ? C GLY 1   
2  1 Y 1 B LYS 2   ? C LYS 2   
3  1 Y 1 B LYS 70  ? C LYS 70  
4  1 Y 1 B HIS 71  ? C HIS 71  
5  1 Y 1 B ALA 72  ? C ALA 72  
6  1 Y 1 B THR 73  ? C THR 73  
7  1 Y 1 B ILE 74  ? C ILE 74  
8  1 Y 1 B GLU 75  ? C GLU 75  
9  1 Y 1 B TYR 131 ? C TYR 131 
10 1 Y 1 B ASP 132 ? C ASP 132 
11 1 Y 1 B ARG 133 ? C ARG 133 
12 1 Y 1 B ARG 134 ? C ARG 134 
13 1 Y 1 B ARG 135 ? C ARG 135 
14 1 Y 1 B GLU 136 ? C GLU 136 
15 1 Y 1 B LEU 137 ? C LEU 137 
16 1 Y 1 B LYS 138 ? C LYS 138 
17 1 Y 1 B GLU 139 ? C GLU 139 
18 1 Y 1 B LYS 140 ? C LYS 140 
19 1 Y 1 B ALA 141 ? C ALA 141 
20 1 Y 1 B MET 142 ? C MET 142 
21 1 Y 1 B LYS 143 ? C LYS 143 
22 1 Y 1 B ARG 144 ? C ARG 144 
23 1 Y 1 B GLU 145 ? C GLU 145 
24 1 Y 1 B LEU 146 ? C LEU 146 
25 1 Y 1 B GLU 147 ? C GLU 147 
26 1 Y 1 B ARG 148 ? C ARG 148 
27 1 Y 1 B GLU 149 ? C GLU 149 
28 1 Y 1 B PHE 150 ? C PHE 150 
29 1 Y 1 B LYS 151 ? C LYS 151 
30 1 Y 1 B GLY 152 ? C GLY 152 
31 1 Y 1 B LYS 153 ? C LYS 153 
32 1 Y 1 B ILE 154 ? C ILE 154 
33 1 Y 1 B HIS 155 ? C HIS 155 
34 1 Y 1 B LEU 156 ? C LEU 156 
35 1 Y 1 C GLY 1   ? D GLY 1   
36 1 Y 1 C LYS 2   ? D LYS 2   
37 1 Y 1 C THR 73  ? D THR 73  
38 1 Y 1 C ILE 74  ? D ILE 74  
39 1 Y 1 C GLU 75  ? D GLU 75  
40 1 Y 1 C LYS 102 ? D LYS 102 
41 1 Y 1 C GLY 103 ? D GLY 103 
42 1 Y 1 C TYR 104 ? D TYR 104 
43 1 Y 1 C THR 105 ? D THR 105 
44 1 Y 1 C ALA 125 ? D ALA 125 
45 1 Y 1 C LYS 126 ? D LYS 126 
46 1 Y 1 C GLY 127 ? D GLY 127 
47 1 Y 1 C LYS 128 ? D LYS 128 
48 1 Y 1 C LYS 129 ? D LYS 129 
49 1 Y 1 C LEU 130 ? D LEU 130 
50 1 Y 1 C TYR 131 ? D TYR 131 
51 1 Y 1 C ASP 132 ? D ASP 132 
52 1 Y 1 C ARG 133 ? D ARG 133 
53 1 Y 1 C ARG 134 ? D ARG 134 
54 1 Y 1 C ARG 135 ? D ARG 135 
55 1 Y 1 C GLU 136 ? D GLU 136 
56 1 Y 1 C LEU 137 ? D LEU 137 
57 1 Y 1 C LYS 138 ? D LYS 138 
58 1 Y 1 C GLU 139 ? D GLU 139 
59 1 Y 1 C LYS 140 ? D LYS 140 
60 1 Y 1 C ALA 141 ? D ALA 141 
61 1 Y 1 C MET 142 ? D MET 142 
62 1 Y 1 C LYS 143 ? D LYS 143 
63 1 Y 1 C ARG 144 ? D ARG 144 
64 1 Y 1 C GLU 145 ? D GLU 145 
65 1 Y 1 C LEU 146 ? D LEU 146 
66 1 Y 1 C GLU 147 ? D GLU 147 
67 1 Y 1 C ARG 148 ? D ARG 148 
68 1 Y 1 C GLU 149 ? D GLU 149 
69 1 Y 1 C PHE 150 ? D PHE 150 
70 1 Y 1 C LYS 151 ? D LYS 151 
71 1 Y 1 C GLY 152 ? D GLY 152 
72 1 Y 1 C LYS 153 ? D LYS 153 
73 1 Y 1 C ILE 154 ? D ILE 154 
74 1 Y 1 C HIS 155 ? D HIS 155 
75 1 Y 1 C LEU 156 ? D LEU 156 
# 
loop_
_chem_comp_atom.comp_id 
_chem_comp_atom.atom_id 
_chem_comp_atom.type_symbol 
_chem_comp_atom.pdbx_aromatic_flag 
_chem_comp_atom.pdbx_stereo_config 
_chem_comp_atom.pdbx_ordinal 
A   OP3    O N N 1   
A   P      P N N 2   
A   OP1    O N N 3   
A   OP2    O N N 4   
A   "O5'"  O N N 5   
A   "C5'"  C N N 6   
A   "C4'"  C N R 7   
A   "O4'"  O N N 8   
A   "C3'"  C N S 9   
A   "O3'"  O N N 10  
A   "C2'"  C N R 11  
A   "O2'"  O N N 12  
A   "C1'"  C N R 13  
A   N9     N Y N 14  
A   C8     C Y N 15  
A   N7     N Y N 16  
A   C5     C Y N 17  
A   C6     C Y N 18  
A   N6     N N N 19  
A   N1     N Y N 20  
A   C2     C Y N 21  
A   N3     N Y N 22  
A   C4     C Y N 23  
A   HOP3   H N N 24  
A   HOP2   H N N 25  
A   "H5'"  H N N 26  
A   "H5''" H N N 27  
A   "H4'"  H N N 28  
A   "H3'"  H N N 29  
A   "HO3'" H N N 30  
A   "H2'"  H N N 31  
A   "HO2'" H N N 32  
A   "H1'"  H N N 33  
A   H8     H N N 34  
A   H61    H N N 35  
A   H62    H N N 36  
A   H2     H N N 37  
ALA N      N N N 38  
ALA CA     C N S 39  
ALA C      C N N 40  
ALA O      O N N 41  
ALA CB     C N N 42  
ALA OXT    O N N 43  
ALA H      H N N 44  
ALA H2     H N N 45  
ALA HA     H N N 46  
ALA HB1    H N N 47  
ALA HB2    H N N 48  
ALA HB3    H N N 49  
ALA HXT    H N N 50  
ARG N      N N N 51  
ARG CA     C N S 52  
ARG C      C N N 53  
ARG O      O N N 54  
ARG CB     C N N 55  
ARG CG     C N N 56  
ARG CD     C N N 57  
ARG NE     N N N 58  
ARG CZ     C N N 59  
ARG NH1    N N N 60  
ARG NH2    N N N 61  
ARG OXT    O N N 62  
ARG H      H N N 63  
ARG H2     H N N 64  
ARG HA     H N N 65  
ARG HB2    H N N 66  
ARG HB3    H N N 67  
ARG HG2    H N N 68  
ARG HG3    H N N 69  
ARG HD2    H N N 70  
ARG HD3    H N N 71  
ARG HE     H N N 72  
ARG HH11   H N N 73  
ARG HH12   H N N 74  
ARG HH21   H N N 75  
ARG HH22   H N N 76  
ARG HXT    H N N 77  
ASN N      N N N 78  
ASN CA     C N S 79  
ASN C      C N N 80  
ASN O      O N N 81  
ASN CB     C N N 82  
ASN CG     C N N 83  
ASN OD1    O N N 84  
ASN ND2    N N N 85  
ASN OXT    O N N 86  
ASN H      H N N 87  
ASN H2     H N N 88  
ASN HA     H N N 89  
ASN HB2    H N N 90  
ASN HB3    H N N 91  
ASN HD21   H N N 92  
ASN HD22   H N N 93  
ASN HXT    H N N 94  
ASP N      N N N 95  
ASP CA     C N S 96  
ASP C      C N N 97  
ASP O      O N N 98  
ASP CB     C N N 99  
ASP CG     C N N 100 
ASP OD1    O N N 101 
ASP OD2    O N N 102 
ASP OXT    O N N 103 
ASP H      H N N 104 
ASP H2     H N N 105 
ASP HA     H N N 106 
ASP HB2    H N N 107 
ASP HB3    H N N 108 
ASP HD2    H N N 109 
ASP HXT    H N N 110 
C   OP3    O N N 111 
C   P      P N N 112 
C   OP1    O N N 113 
C   OP2    O N N 114 
C   "O5'"  O N N 115 
C   "C5'"  C N N 116 
C   "C4'"  C N R 117 
C   "O4'"  O N N 118 
C   "C3'"  C N S 119 
C   "O3'"  O N N 120 
C   "C2'"  C N R 121 
C   "O2'"  O N N 122 
C   "C1'"  C N R 123 
C   N1     N N N 124 
C   C2     C N N 125 
C   O2     O N N 126 
C   N3     N N N 127 
C   C4     C N N 128 
C   N4     N N N 129 
C   C5     C N N 130 
C   C6     C N N 131 
C   HOP3   H N N 132 
C   HOP2   H N N 133 
C   "H5'"  H N N 134 
C   "H5''" H N N 135 
C   "H4'"  H N N 136 
C   "H3'"  H N N 137 
C   "HO3'" H N N 138 
C   "H2'"  H N N 139 
C   "HO2'" H N N 140 
C   "H1'"  H N N 141 
C   H41    H N N 142 
C   H42    H N N 143 
C   H5     H N N 144 
C   H6     H N N 145 
G   OP3    O N N 146 
G   P      P N N 147 
G   OP1    O N N 148 
G   OP2    O N N 149 
G   "O5'"  O N N 150 
G   "C5'"  C N N 151 
G   "C4'"  C N R 152 
G   "O4'"  O N N 153 
G   "C3'"  C N S 154 
G   "O3'"  O N N 155 
G   "C2'"  C N R 156 
G   "O2'"  O N N 157 
G   "C1'"  C N R 158 
G   N9     N Y N 159 
G   C8     C Y N 160 
G   N7     N Y N 161 
G   C5     C Y N 162 
G   C6     C N N 163 
G   O6     O N N 164 
G   N1     N N N 165 
G   C2     C N N 166 
G   N2     N N N 167 
G   N3     N N N 168 
G   C4     C Y N 169 
G   HOP3   H N N 170 
G   HOP2   H N N 171 
G   "H5'"  H N N 172 
G   "H5''" H N N 173 
G   "H4'"  H N N 174 
G   "H3'"  H N N 175 
G   "HO3'" H N N 176 
G   "H2'"  H N N 177 
G   "HO2'" H N N 178 
G   "H1'"  H N N 179 
G   H8     H N N 180 
G   H1     H N N 181 
G   H21    H N N 182 
G   H22    H N N 183 
GLN N      N N N 184 
GLN CA     C N S 185 
GLN C      C N N 186 
GLN O      O N N 187 
GLN CB     C N N 188 
GLN CG     C N N 189 
GLN CD     C N N 190 
GLN OE1    O N N 191 
GLN NE2    N N N 192 
GLN OXT    O N N 193 
GLN H      H N N 194 
GLN H2     H N N 195 
GLN HA     H N N 196 
GLN HB2    H N N 197 
GLN HB3    H N N 198 
GLN HG2    H N N 199 
GLN HG3    H N N 200 
GLN HE21   H N N 201 
GLN HE22   H N N 202 
GLN HXT    H N N 203 
GLU N      N N N 204 
GLU CA     C N S 205 
GLU C      C N N 206 
GLU O      O N N 207 
GLU CB     C N N 208 
GLU CG     C N N 209 
GLU CD     C N N 210 
GLU OE1    O N N 211 
GLU OE2    O N N 212 
GLU OXT    O N N 213 
GLU H      H N N 214 
GLU H2     H N N 215 
GLU HA     H N N 216 
GLU HB2    H N N 217 
GLU HB3    H N N 218 
GLU HG2    H N N 219 
GLU HG3    H N N 220 
GLU HE2    H N N 221 
GLU HXT    H N N 222 
GLY N      N N N 223 
GLY CA     C N N 224 
GLY C      C N N 225 
GLY O      O N N 226 
GLY OXT    O N N 227 
GLY H      H N N 228 
GLY H2     H N N 229 
GLY HA2    H N N 230 
GLY HA3    H N N 231 
GLY HXT    H N N 232 
HIS N      N N N 233 
HIS CA     C N S 234 
HIS C      C N N 235 
HIS O      O N N 236 
HIS CB     C N N 237 
HIS CG     C Y N 238 
HIS ND1    N Y N 239 
HIS CD2    C Y N 240 
HIS CE1    C Y N 241 
HIS NE2    N Y N 242 
HIS OXT    O N N 243 
HIS H      H N N 244 
HIS H2     H N N 245 
HIS HA     H N N 246 
HIS HB2    H N N 247 
HIS HB3    H N N 248 
HIS HD1    H N N 249 
HIS HD2    H N N 250 
HIS HE1    H N N 251 
HIS HE2    H N N 252 
HIS HXT    H N N 253 
ILE N      N N N 254 
ILE CA     C N S 255 
ILE C      C N N 256 
ILE O      O N N 257 
ILE CB     C N S 258 
ILE CG1    C N N 259 
ILE CG2    C N N 260 
ILE CD1    C N N 261 
ILE OXT    O N N 262 
ILE H      H N N 263 
ILE H2     H N N 264 
ILE HA     H N N 265 
ILE HB     H N N 266 
ILE HG12   H N N 267 
ILE HG13   H N N 268 
ILE HG21   H N N 269 
ILE HG22   H N N 270 
ILE HG23   H N N 271 
ILE HD11   H N N 272 
ILE HD12   H N N 273 
ILE HD13   H N N 274 
ILE HXT    H N N 275 
LEU N      N N N 276 
LEU CA     C N S 277 
LEU C      C N N 278 
LEU O      O N N 279 
LEU CB     C N N 280 
LEU CG     C N N 281 
LEU CD1    C N N 282 
LEU CD2    C N N 283 
LEU OXT    O N N 284 
LEU H      H N N 285 
LEU H2     H N N 286 
LEU HA     H N N 287 
LEU HB2    H N N 288 
LEU HB3    H N N 289 
LEU HG     H N N 290 
LEU HD11   H N N 291 
LEU HD12   H N N 292 
LEU HD13   H N N 293 
LEU HD21   H N N 294 
LEU HD22   H N N 295 
LEU HD23   H N N 296 
LEU HXT    H N N 297 
LYS N      N N N 298 
LYS CA     C N S 299 
LYS C      C N N 300 
LYS O      O N N 301 
LYS CB     C N N 302 
LYS CG     C N N 303 
LYS CD     C N N 304 
LYS CE     C N N 305 
LYS NZ     N N N 306 
LYS OXT    O N N 307 
LYS H      H N N 308 
LYS H2     H N N 309 
LYS HA     H N N 310 
LYS HB2    H N N 311 
LYS HB3    H N N 312 
LYS HG2    H N N 313 
LYS HG3    H N N 314 
LYS HD2    H N N 315 
LYS HD3    H N N 316 
LYS HE2    H N N 317 
LYS HE3    H N N 318 
LYS HZ1    H N N 319 
LYS HZ2    H N N 320 
LYS HZ3    H N N 321 
LYS HXT    H N N 322 
MET N      N N N 323 
MET CA     C N S 324 
MET C      C N N 325 
MET O      O N N 326 
MET CB     C N N 327 
MET CG     C N N 328 
MET SD     S N N 329 
MET CE     C N N 330 
MET OXT    O N N 331 
MET H      H N N 332 
MET H2     H N N 333 
MET HA     H N N 334 
MET HB2    H N N 335 
MET HB3    H N N 336 
MET HG2    H N N 337 
MET HG3    H N N 338 
MET HE1    H N N 339 
MET HE2    H N N 340 
MET HE3    H N N 341 
MET HXT    H N N 342 
PHE N      N N N 343 
PHE CA     C N S 344 
PHE C      C N N 345 
PHE O      O N N 346 
PHE CB     C N N 347 
PHE CG     C Y N 348 
PHE CD1    C Y N 349 
PHE CD2    C Y N 350 
PHE CE1    C Y N 351 
PHE CE2    C Y N 352 
PHE CZ     C Y N 353 
PHE OXT    O N N 354 
PHE H      H N N 355 
PHE H2     H N N 356 
PHE HA     H N N 357 
PHE HB2    H N N 358 
PHE HB3    H N N 359 
PHE HD1    H N N 360 
PHE HD2    H N N 361 
PHE HE1    H N N 362 
PHE HE2    H N N 363 
PHE HZ     H N N 364 
PHE HXT    H N N 365 
PRO N      N N N 366 
PRO CA     C N S 367 
PRO C      C N N 368 
PRO O      O N N 369 
PRO CB     C N N 370 
PRO CG     C N N 371 
PRO CD     C N N 372 
PRO OXT    O N N 373 
PRO H      H N N 374 
PRO HA     H N N 375 
PRO HB2    H N N 376 
PRO HB3    H N N 377 
PRO HG2    H N N 378 
PRO HG3    H N N 379 
PRO HD2    H N N 380 
PRO HD3    H N N 381 
PRO HXT    H N N 382 
SER N      N N N 383 
SER CA     C N S 384 
SER C      C N N 385 
SER O      O N N 386 
SER CB     C N N 387 
SER OG     O N N 388 
SER OXT    O N N 389 
SER H      H N N 390 
SER H2     H N N 391 
SER HA     H N N 392 
SER HB2    H N N 393 
SER HB3    H N N 394 
SER HG     H N N 395 
SER HXT    H N N 396 
THR N      N N N 397 
THR CA     C N S 398 
THR C      C N N 399 
THR O      O N N 400 
THR CB     C N R 401 
THR OG1    O N N 402 
THR CG2    C N N 403 
THR OXT    O N N 404 
THR H      H N N 405 
THR H2     H N N 406 
THR HA     H N N 407 
THR HB     H N N 408 
THR HG1    H N N 409 
THR HG21   H N N 410 
THR HG22   H N N 411 
THR HG23   H N N 412 
THR HXT    H N N 413 
TRP N      N N N 414 
TRP CA     C N S 415 
TRP C      C N N 416 
TRP O      O N N 417 
TRP CB     C N N 418 
TRP CG     C Y N 419 
TRP CD1    C Y N 420 
TRP CD2    C Y N 421 
TRP NE1    N Y N 422 
TRP CE2    C Y N 423 
TRP CE3    C Y N 424 
TRP CZ2    C Y N 425 
TRP CZ3    C Y N 426 
TRP CH2    C Y N 427 
TRP OXT    O N N 428 
TRP H      H N N 429 
TRP H2     H N N 430 
TRP HA     H N N 431 
TRP HB2    H N N 432 
TRP HB3    H N N 433 
TRP HD1    H N N 434 
TRP HE1    H N N 435 
TRP HE3    H N N 436 
TRP HZ2    H N N 437 
TRP HZ3    H N N 438 
TRP HH2    H N N 439 
TRP HXT    H N N 440 
TYR N      N N N 441 
TYR CA     C N S 442 
TYR C      C N N 443 
TYR O      O N N 444 
TYR CB     C N N 445 
TYR CG     C Y N 446 
TYR CD1    C Y N 447 
TYR CD2    C Y N 448 
TYR CE1    C Y N 449 
TYR CE2    C Y N 450 
TYR CZ     C Y N 451 
TYR OH     O N N 452 
TYR OXT    O N N 453 
TYR H      H N N 454 
TYR H2     H N N 455 
TYR HA     H N N 456 
TYR HB2    H N N 457 
TYR HB3    H N N 458 
TYR HD1    H N N 459 
TYR HD2    H N N 460 
TYR HE1    H N N 461 
TYR HE2    H N N 462 
TYR HH     H N N 463 
TYR HXT    H N N 464 
U   OP3    O N N 465 
U   P      P N N 466 
U   OP1    O N N 467 
U   OP2    O N N 468 
U   "O5'"  O N N 469 
U   "C5'"  C N N 470 
U   "C4'"  C N R 471 
U   "O4'"  O N N 472 
U   "C3'"  C N S 473 
U   "O3'"  O N N 474 
U   "C2'"  C N R 475 
U   "O2'"  O N N 476 
U   "C1'"  C N R 477 
U   N1     N N N 478 
U   C2     C N N 479 
U   O2     O N N 480 
U   N3     N N N 481 
U   C4     C N N 482 
U   O4     O N N 483 
U   C5     C N N 484 
U   C6     C N N 485 
U   HOP3   H N N 486 
U   HOP2   H N N 487 
U   "H5'"  H N N 488 
U   "H5''" H N N 489 
U   "H4'"  H N N 490 
U   "H3'"  H N N 491 
U   "HO3'" H N N 492 
U   "H2'"  H N N 493 
U   "HO2'" H N N 494 
U   "H1'"  H N N 495 
U   H3     H N N 496 
U   H5     H N N 497 
U   H6     H N N 498 
VAL N      N N N 499 
VAL CA     C N S 500 
VAL C      C N N 501 
VAL O      O N N 502 
VAL CB     C N N 503 
VAL CG1    C N N 504 
VAL CG2    C N N 505 
VAL OXT    O N N 506 
VAL H      H N N 507 
VAL H2     H N N 508 
VAL HA     H N N 509 
VAL HB     H N N 510 
VAL HG11   H N N 511 
VAL HG12   H N N 512 
VAL HG13   H N N 513 
VAL HG21   H N N 514 
VAL HG22   H N N 515 
VAL HG23   H N N 516 
VAL HXT    H N N 517 
# 
loop_
_chem_comp_bond.comp_id 
_chem_comp_bond.atom_id_1 
_chem_comp_bond.atom_id_2 
_chem_comp_bond.value_order 
_chem_comp_bond.pdbx_aromatic_flag 
_chem_comp_bond.pdbx_stereo_config 
_chem_comp_bond.pdbx_ordinal 
A   OP3   P      sing N N 1   
A   OP3   HOP3   sing N N 2   
A   P     OP1    doub N N 3   
A   P     OP2    sing N N 4   
A   P     "O5'"  sing N N 5   
A   OP2   HOP2   sing N N 6   
A   "O5'" "C5'"  sing N N 7   
A   "C5'" "C4'"  sing N N 8   
A   "C5'" "H5'"  sing N N 9   
A   "C5'" "H5''" sing N N 10  
A   "C4'" "O4'"  sing N N 11  
A   "C4'" "C3'"  sing N N 12  
A   "C4'" "H4'"  sing N N 13  
A   "O4'" "C1'"  sing N N 14  
A   "C3'" "O3'"  sing N N 15  
A   "C3'" "C2'"  sing N N 16  
A   "C3'" "H3'"  sing N N 17  
A   "O3'" "HO3'" sing N N 18  
A   "C2'" "O2'"  sing N N 19  
A   "C2'" "C1'"  sing N N 20  
A   "C2'" "H2'"  sing N N 21  
A   "O2'" "HO2'" sing N N 22  
A   "C1'" N9     sing N N 23  
A   "C1'" "H1'"  sing N N 24  
A   N9    C8     sing Y N 25  
A   N9    C4     sing Y N 26  
A   C8    N7     doub Y N 27  
A   C8    H8     sing N N 28  
A   N7    C5     sing Y N 29  
A   C5    C6     sing Y N 30  
A   C5    C4     doub Y N 31  
A   C6    N6     sing N N 32  
A   C6    N1     doub Y N 33  
A   N6    H61    sing N N 34  
A   N6    H62    sing N N 35  
A   N1    C2     sing Y N 36  
A   C2    N3     doub Y N 37  
A   C2    H2     sing N N 38  
A   N3    C4     sing Y N 39  
ALA N     CA     sing N N 40  
ALA N     H      sing N N 41  
ALA N     H2     sing N N 42  
ALA CA    C      sing N N 43  
ALA CA    CB     sing N N 44  
ALA CA    HA     sing N N 45  
ALA C     O      doub N N 46  
ALA C     OXT    sing N N 47  
ALA CB    HB1    sing N N 48  
ALA CB    HB2    sing N N 49  
ALA CB    HB3    sing N N 50  
ALA OXT   HXT    sing N N 51  
ARG N     CA     sing N N 52  
ARG N     H      sing N N 53  
ARG N     H2     sing N N 54  
ARG CA    C      sing N N 55  
ARG CA    CB     sing N N 56  
ARG CA    HA     sing N N 57  
ARG C     O      doub N N 58  
ARG C     OXT    sing N N 59  
ARG CB    CG     sing N N 60  
ARG CB    HB2    sing N N 61  
ARG CB    HB3    sing N N 62  
ARG CG    CD     sing N N 63  
ARG CG    HG2    sing N N 64  
ARG CG    HG3    sing N N 65  
ARG CD    NE     sing N N 66  
ARG CD    HD2    sing N N 67  
ARG CD    HD3    sing N N 68  
ARG NE    CZ     sing N N 69  
ARG NE    HE     sing N N 70  
ARG CZ    NH1    sing N N 71  
ARG CZ    NH2    doub N N 72  
ARG NH1   HH11   sing N N 73  
ARG NH1   HH12   sing N N 74  
ARG NH2   HH21   sing N N 75  
ARG NH2   HH22   sing N N 76  
ARG OXT   HXT    sing N N 77  
ASN N     CA     sing N N 78  
ASN N     H      sing N N 79  
ASN N     H2     sing N N 80  
ASN CA    C      sing N N 81  
ASN CA    CB     sing N N 82  
ASN CA    HA     sing N N 83  
ASN C     O      doub N N 84  
ASN C     OXT    sing N N 85  
ASN CB    CG     sing N N 86  
ASN CB    HB2    sing N N 87  
ASN CB    HB3    sing N N 88  
ASN CG    OD1    doub N N 89  
ASN CG    ND2    sing N N 90  
ASN ND2   HD21   sing N N 91  
ASN ND2   HD22   sing N N 92  
ASN OXT   HXT    sing N N 93  
ASP N     CA     sing N N 94  
ASP N     H      sing N N 95  
ASP N     H2     sing N N 96  
ASP CA    C      sing N N 97  
ASP CA    CB     sing N N 98  
ASP CA    HA     sing N N 99  
ASP C     O      doub N N 100 
ASP C     OXT    sing N N 101 
ASP CB    CG     sing N N 102 
ASP CB    HB2    sing N N 103 
ASP CB    HB3    sing N N 104 
ASP CG    OD1    doub N N 105 
ASP CG    OD2    sing N N 106 
ASP OD2   HD2    sing N N 107 
ASP OXT   HXT    sing N N 108 
C   OP3   P      sing N N 109 
C   OP3   HOP3   sing N N 110 
C   P     OP1    doub N N 111 
C   P     OP2    sing N N 112 
C   P     "O5'"  sing N N 113 
C   OP2   HOP2   sing N N 114 
C   "O5'" "C5'"  sing N N 115 
C   "C5'" "C4'"  sing N N 116 
C   "C5'" "H5'"  sing N N 117 
C   "C5'" "H5''" sing N N 118 
C   "C4'" "O4'"  sing N N 119 
C   "C4'" "C3'"  sing N N 120 
C   "C4'" "H4'"  sing N N 121 
C   "O4'" "C1'"  sing N N 122 
C   "C3'" "O3'"  sing N N 123 
C   "C3'" "C2'"  sing N N 124 
C   "C3'" "H3'"  sing N N 125 
C   "O3'" "HO3'" sing N N 126 
C   "C2'" "O2'"  sing N N 127 
C   "C2'" "C1'"  sing N N 128 
C   "C2'" "H2'"  sing N N 129 
C   "O2'" "HO2'" sing N N 130 
C   "C1'" N1     sing N N 131 
C   "C1'" "H1'"  sing N N 132 
C   N1    C2     sing N N 133 
C   N1    C6     sing N N 134 
C   C2    O2     doub N N 135 
C   C2    N3     sing N N 136 
C   N3    C4     doub N N 137 
C   C4    N4     sing N N 138 
C   C4    C5     sing N N 139 
C   N4    H41    sing N N 140 
C   N4    H42    sing N N 141 
C   C5    C6     doub N N 142 
C   C5    H5     sing N N 143 
C   C6    H6     sing N N 144 
G   OP3   P      sing N N 145 
G   OP3   HOP3   sing N N 146 
G   P     OP1    doub N N 147 
G   P     OP2    sing N N 148 
G   P     "O5'"  sing N N 149 
G   OP2   HOP2   sing N N 150 
G   "O5'" "C5'"  sing N N 151 
G   "C5'" "C4'"  sing N N 152 
G   "C5'" "H5'"  sing N N 153 
G   "C5'" "H5''" sing N N 154 
G   "C4'" "O4'"  sing N N 155 
G   "C4'" "C3'"  sing N N 156 
G   "C4'" "H4'"  sing N N 157 
G   "O4'" "C1'"  sing N N 158 
G   "C3'" "O3'"  sing N N 159 
G   "C3'" "C2'"  sing N N 160 
G   "C3'" "H3'"  sing N N 161 
G   "O3'" "HO3'" sing N N 162 
G   "C2'" "O2'"  sing N N 163 
G   "C2'" "C1'"  sing N N 164 
G   "C2'" "H2'"  sing N N 165 
G   "O2'" "HO2'" sing N N 166 
G   "C1'" N9     sing N N 167 
G   "C1'" "H1'"  sing N N 168 
G   N9    C8     sing Y N 169 
G   N9    C4     sing Y N 170 
G   C8    N7     doub Y N 171 
G   C8    H8     sing N N 172 
G   N7    C5     sing Y N 173 
G   C5    C6     sing N N 174 
G   C5    C4     doub Y N 175 
G   C6    O6     doub N N 176 
G   C6    N1     sing N N 177 
G   N1    C2     sing N N 178 
G   N1    H1     sing N N 179 
G   C2    N2     sing N N 180 
G   C2    N3     doub N N 181 
G   N2    H21    sing N N 182 
G   N2    H22    sing N N 183 
G   N3    C4     sing N N 184 
GLN N     CA     sing N N 185 
GLN N     H      sing N N 186 
GLN N     H2     sing N N 187 
GLN CA    C      sing N N 188 
GLN CA    CB     sing N N 189 
GLN CA    HA     sing N N 190 
GLN C     O      doub N N 191 
GLN C     OXT    sing N N 192 
GLN CB    CG     sing N N 193 
GLN CB    HB2    sing N N 194 
GLN CB    HB3    sing N N 195 
GLN CG    CD     sing N N 196 
GLN CG    HG2    sing N N 197 
GLN CG    HG3    sing N N 198 
GLN CD    OE1    doub N N 199 
GLN CD    NE2    sing N N 200 
GLN NE2   HE21   sing N N 201 
GLN NE2   HE22   sing N N 202 
GLN OXT   HXT    sing N N 203 
GLU N     CA     sing N N 204 
GLU N     H      sing N N 205 
GLU N     H2     sing N N 206 
GLU CA    C      sing N N 207 
GLU CA    CB     sing N N 208 
GLU CA    HA     sing N N 209 
GLU C     O      doub N N 210 
GLU C     OXT    sing N N 211 
GLU CB    CG     sing N N 212 
GLU CB    HB2    sing N N 213 
GLU CB    HB3    sing N N 214 
GLU CG    CD     sing N N 215 
GLU CG    HG2    sing N N 216 
GLU CG    HG3    sing N N 217 
GLU CD    OE1    doub N N 218 
GLU CD    OE2    sing N N 219 
GLU OE2   HE2    sing N N 220 
GLU OXT   HXT    sing N N 221 
GLY N     CA     sing N N 222 
GLY N     H      sing N N 223 
GLY N     H2     sing N N 224 
GLY CA    C      sing N N 225 
GLY CA    HA2    sing N N 226 
GLY CA    HA3    sing N N 227 
GLY C     O      doub N N 228 
GLY C     OXT    sing N N 229 
GLY OXT   HXT    sing N N 230 
HIS N     CA     sing N N 231 
HIS N     H      sing N N 232 
HIS N     H2     sing N N 233 
HIS CA    C      sing N N 234 
HIS CA    CB     sing N N 235 
HIS CA    HA     sing N N 236 
HIS C     O      doub N N 237 
HIS C     OXT    sing N N 238 
HIS CB    CG     sing N N 239 
HIS CB    HB2    sing N N 240 
HIS CB    HB3    sing N N 241 
HIS CG    ND1    sing Y N 242 
HIS CG    CD2    doub Y N 243 
HIS ND1   CE1    doub Y N 244 
HIS ND1   HD1    sing N N 245 
HIS CD2   NE2    sing Y N 246 
HIS CD2   HD2    sing N N 247 
HIS CE1   NE2    sing Y N 248 
HIS CE1   HE1    sing N N 249 
HIS NE2   HE2    sing N N 250 
HIS OXT   HXT    sing N N 251 
ILE N     CA     sing N N 252 
ILE N     H      sing N N 253 
ILE N     H2     sing N N 254 
ILE CA    C      sing N N 255 
ILE CA    CB     sing N N 256 
ILE CA    HA     sing N N 257 
ILE C     O      doub N N 258 
ILE C     OXT    sing N N 259 
ILE CB    CG1    sing N N 260 
ILE CB    CG2    sing N N 261 
ILE CB    HB     sing N N 262 
ILE CG1   CD1    sing N N 263 
ILE CG1   HG12   sing N N 264 
ILE CG1   HG13   sing N N 265 
ILE CG2   HG21   sing N N 266 
ILE CG2   HG22   sing N N 267 
ILE CG2   HG23   sing N N 268 
ILE CD1   HD11   sing N N 269 
ILE CD1   HD12   sing N N 270 
ILE CD1   HD13   sing N N 271 
ILE OXT   HXT    sing N N 272 
LEU N     CA     sing N N 273 
LEU N     H      sing N N 274 
LEU N     H2     sing N N 275 
LEU CA    C      sing N N 276 
LEU CA    CB     sing N N 277 
LEU CA    HA     sing N N 278 
LEU C     O      doub N N 279 
LEU C     OXT    sing N N 280 
LEU CB    CG     sing N N 281 
LEU CB    HB2    sing N N 282 
LEU CB    HB3    sing N N 283 
LEU CG    CD1    sing N N 284 
LEU CG    CD2    sing N N 285 
LEU CG    HG     sing N N 286 
LEU CD1   HD11   sing N N 287 
LEU CD1   HD12   sing N N 288 
LEU CD1   HD13   sing N N 289 
LEU CD2   HD21   sing N N 290 
LEU CD2   HD22   sing N N 291 
LEU CD2   HD23   sing N N 292 
LEU OXT   HXT    sing N N 293 
LYS N     CA     sing N N 294 
LYS N     H      sing N N 295 
LYS N     H2     sing N N 296 
LYS CA    C      sing N N 297 
LYS CA    CB     sing N N 298 
LYS CA    HA     sing N N 299 
LYS C     O      doub N N 300 
LYS C     OXT    sing N N 301 
LYS CB    CG     sing N N 302 
LYS CB    HB2    sing N N 303 
LYS CB    HB3    sing N N 304 
LYS CG    CD     sing N N 305 
LYS CG    HG2    sing N N 306 
LYS CG    HG3    sing N N 307 
LYS CD    CE     sing N N 308 
LYS CD    HD2    sing N N 309 
LYS CD    HD3    sing N N 310 
LYS CE    NZ     sing N N 311 
LYS CE    HE2    sing N N 312 
LYS CE    HE3    sing N N 313 
LYS NZ    HZ1    sing N N 314 
LYS NZ    HZ2    sing N N 315 
LYS NZ    HZ3    sing N N 316 
LYS OXT   HXT    sing N N 317 
MET N     CA     sing N N 318 
MET N     H      sing N N 319 
MET N     H2     sing N N 320 
MET CA    C      sing N N 321 
MET CA    CB     sing N N 322 
MET CA    HA     sing N N 323 
MET C     O      doub N N 324 
MET C     OXT    sing N N 325 
MET CB    CG     sing N N 326 
MET CB    HB2    sing N N 327 
MET CB    HB3    sing N N 328 
MET CG    SD     sing N N 329 
MET CG    HG2    sing N N 330 
MET CG    HG3    sing N N 331 
MET SD    CE     sing N N 332 
MET CE    HE1    sing N N 333 
MET CE    HE2    sing N N 334 
MET CE    HE3    sing N N 335 
MET OXT   HXT    sing N N 336 
PHE N     CA     sing N N 337 
PHE N     H      sing N N 338 
PHE N     H2     sing N N 339 
PHE CA    C      sing N N 340 
PHE CA    CB     sing N N 341 
PHE CA    HA     sing N N 342 
PHE C     O      doub N N 343 
PHE C     OXT    sing N N 344 
PHE CB    CG     sing N N 345 
PHE CB    HB2    sing N N 346 
PHE CB    HB3    sing N N 347 
PHE CG    CD1    doub Y N 348 
PHE CG    CD2    sing Y N 349 
PHE CD1   CE1    sing Y N 350 
PHE CD1   HD1    sing N N 351 
PHE CD2   CE2    doub Y N 352 
PHE CD2   HD2    sing N N 353 
PHE CE1   CZ     doub Y N 354 
PHE CE1   HE1    sing N N 355 
PHE CE2   CZ     sing Y N 356 
PHE CE2   HE2    sing N N 357 
PHE CZ    HZ     sing N N 358 
PHE OXT   HXT    sing N N 359 
PRO N     CA     sing N N 360 
PRO N     CD     sing N N 361 
PRO N     H      sing N N 362 
PRO CA    C      sing N N 363 
PRO CA    CB     sing N N 364 
PRO CA    HA     sing N N 365 
PRO C     O      doub N N 366 
PRO C     OXT    sing N N 367 
PRO CB    CG     sing N N 368 
PRO CB    HB2    sing N N 369 
PRO CB    HB3    sing N N 370 
PRO CG    CD     sing N N 371 
PRO CG    HG2    sing N N 372 
PRO CG    HG3    sing N N 373 
PRO CD    HD2    sing N N 374 
PRO CD    HD3    sing N N 375 
PRO OXT   HXT    sing N N 376 
SER N     CA     sing N N 377 
SER N     H      sing N N 378 
SER N     H2     sing N N 379 
SER CA    C      sing N N 380 
SER CA    CB     sing N N 381 
SER CA    HA     sing N N 382 
SER C     O      doub N N 383 
SER C     OXT    sing N N 384 
SER CB    OG     sing N N 385 
SER CB    HB2    sing N N 386 
SER CB    HB3    sing N N 387 
SER OG    HG     sing N N 388 
SER OXT   HXT    sing N N 389 
THR N     CA     sing N N 390 
THR N     H      sing N N 391 
THR N     H2     sing N N 392 
THR CA    C      sing N N 393 
THR CA    CB     sing N N 394 
THR CA    HA     sing N N 395 
THR C     O      doub N N 396 
THR C     OXT    sing N N 397 
THR CB    OG1    sing N N 398 
THR CB    CG2    sing N N 399 
THR CB    HB     sing N N 400 
THR OG1   HG1    sing N N 401 
THR CG2   HG21   sing N N 402 
THR CG2   HG22   sing N N 403 
THR CG2   HG23   sing N N 404 
THR OXT   HXT    sing N N 405 
TRP N     CA     sing N N 406 
TRP N     H      sing N N 407 
TRP N     H2     sing N N 408 
TRP CA    C      sing N N 409 
TRP CA    CB     sing N N 410 
TRP CA    HA     sing N N 411 
TRP C     O      doub N N 412 
TRP C     OXT    sing N N 413 
TRP CB    CG     sing N N 414 
TRP CB    HB2    sing N N 415 
TRP CB    HB3    sing N N 416 
TRP CG    CD1    doub Y N 417 
TRP CG    CD2    sing Y N 418 
TRP CD1   NE1    sing Y N 419 
TRP CD1   HD1    sing N N 420 
TRP CD2   CE2    doub Y N 421 
TRP CD2   CE3    sing Y N 422 
TRP NE1   CE2    sing Y N 423 
TRP NE1   HE1    sing N N 424 
TRP CE2   CZ2    sing Y N 425 
TRP CE3   CZ3    doub Y N 426 
TRP CE3   HE3    sing N N 427 
TRP CZ2   CH2    doub Y N 428 
TRP CZ2   HZ2    sing N N 429 
TRP CZ3   CH2    sing Y N 430 
TRP CZ3   HZ3    sing N N 431 
TRP CH2   HH2    sing N N 432 
TRP OXT   HXT    sing N N 433 
TYR N     CA     sing N N 434 
TYR N     H      sing N N 435 
TYR N     H2     sing N N 436 
TYR CA    C      sing N N 437 
TYR CA    CB     sing N N 438 
TYR CA    HA     sing N N 439 
TYR C     O      doub N N 440 
TYR C     OXT    sing N N 441 
TYR CB    CG     sing N N 442 
TYR CB    HB2    sing N N 443 
TYR CB    HB3    sing N N 444 
TYR CG    CD1    doub Y N 445 
TYR CG    CD2    sing Y N 446 
TYR CD1   CE1    sing Y N 447 
TYR CD1   HD1    sing N N 448 
TYR CD2   CE2    doub Y N 449 
TYR CD2   HD2    sing N N 450 
TYR CE1   CZ     doub Y N 451 
TYR CE1   HE1    sing N N 452 
TYR CE2   CZ     sing Y N 453 
TYR CE2   HE2    sing N N 454 
TYR CZ    OH     sing N N 455 
TYR OH    HH     sing N N 456 
TYR OXT   HXT    sing N N 457 
U   OP3   P      sing N N 458 
U   OP3   HOP3   sing N N 459 
U   P     OP1    doub N N 460 
U   P     OP2    sing N N 461 
U   P     "O5'"  sing N N 462 
U   OP2   HOP2   sing N N 463 
U   "O5'" "C5'"  sing N N 464 
U   "C5'" "C4'"  sing N N 465 
U   "C5'" "H5'"  sing N N 466 
U   "C5'" "H5''" sing N N 467 
U   "C4'" "O4'"  sing N N 468 
U   "C4'" "C3'"  sing N N 469 
U   "C4'" "H4'"  sing N N 470 
U   "O4'" "C1'"  sing N N 471 
U   "C3'" "O3'"  sing N N 472 
U   "C3'" "C2'"  sing N N 473 
U   "C3'" "H3'"  sing N N 474 
U   "O3'" "HO3'" sing N N 475 
U   "C2'" "O2'"  sing N N 476 
U   "C2'" "C1'"  sing N N 477 
U   "C2'" "H2'"  sing N N 478 
U   "O2'" "HO2'" sing N N 479 
U   "C1'" N1     sing N N 480 
U   "C1'" "H1'"  sing N N 481 
U   N1    C2     sing N N 482 
U   N1    C6     sing N N 483 
U   C2    O2     doub N N 484 
U   C2    N3     sing N N 485 
U   N3    C4     sing N N 486 
U   N3    H3     sing N N 487 
U   C4    O4     doub N N 488 
U   C4    C5     sing N N 489 
U   C5    C6     doub N N 490 
U   C5    H5     sing N N 491 
U   C6    H6     sing N N 492 
VAL N     CA     sing N N 493 
VAL N     H      sing N N 494 
VAL N     H2     sing N N 495 
VAL CA    C      sing N N 496 
VAL CA    CB     sing N N 497 
VAL CA    HA     sing N N 498 
VAL C     O      doub N N 499 
VAL C     OXT    sing N N 500 
VAL CB    CG1    sing N N 501 
VAL CB    CG2    sing N N 502 
VAL CB    HB     sing N N 503 
VAL CG1   HG11   sing N N 504 
VAL CG1   HG12   sing N N 505 
VAL CG1   HG13   sing N N 506 
VAL CG2   HG21   sing N N 507 
VAL CG2   HG22   sing N N 508 
VAL CG2   HG23   sing N N 509 
VAL OXT   HXT    sing N N 510 
# 
_em_ctf_correction.id        1 
_em_ctf_correction.details   'CTF correction of each defocus group reconstruction, by Wiener filtering' 
_em_ctf_correction.type      . 
# 
_em_image_processing.id                   1 
_em_image_processing.image_recording_id   1 
_em_image_processing.details              ? 
# 
_em_image_recording.details                       ? 
_em_image_recording.id                            1 
_em_image_recording.avg_electron_dose_per_image   15 
_em_image_recording.film_or_detector_model        'KODAK SO-163 FILM' 
_em_image_recording.imaging_id                    1 
_em_image_recording.detector_mode                 ? 
_em_image_recording.average_exposure_time         ? 
_em_image_recording.num_diffraction_images        ? 
_em_image_recording.num_grids_imaged              ? 
_em_image_recording.num_real_images               ? 
# 
loop_
_em_software.id 
_em_software.name 
_em_software.version 
_em_software.category 
_em_software.details 
_em_software.image_processing_id 
1 O      ? 'MODEL FITTING' ? ? 
2 SPIDER ? RECONSTRUCTION  ? 1 
# 
_em_specimen.experiment_id           1 
_em_specimen.id                      1 
_em_specimen.concentration           32 
_em_specimen.vitrification_applied   YES 
_em_specimen.staining_applied        NO 
_em_specimen.embedding_applied       NO 
_em_specimen.shadowing_applied       NO 
_em_specimen.details                 ? 
# 
loop_
_pdbx_coordinate_model.asym_id 
_pdbx_coordinate_model.type 
A 'P ATOMS ONLY'  
B 'P ATOMS ONLY'  
C 'CA ATOMS ONLY' 
D 'CA ATOMS ONLY' 
# 
_pdbx_initial_refinement_model.id               1 
_pdbx_initial_refinement_model.type             'experimental model' 
_pdbx_initial_refinement_model.source_name      PDB 
_pdbx_initial_refinement_model.accession_code   1P6V 
# 
_atom_sites.entry_id                    2OB7 
_atom_sites.fract_transf_matrix[1][1]   1.000000 
_atom_sites.fract_transf_matrix[1][2]   0.000000 
_atom_sites.fract_transf_matrix[1][3]   0.000000 
_atom_sites.fract_transf_matrix[2][1]   0.000000 
_atom_sites.fract_transf_matrix[2][2]   1.000000 
_atom_sites.fract_transf_matrix[2][3]   0.000000 
_atom_sites.fract_transf_matrix[3][1]   0.000000 
_atom_sites.fract_transf_matrix[3][2]   0.000000 
_atom_sites.fract_transf_matrix[3][3]   1.000000 
_atom_sites.fract_transf_vector[1]      0.00000 
_atom_sites.fract_transf_vector[2]      0.00000 
_atom_sites.fract_transf_vector[3]      0.00000 
# 
loop_
_atom_type.symbol 
C 
P 
# 
loop_
_atom_site.group_PDB 
_atom_site.id 
_atom_site.type_symbol 
_atom_site.label_atom_id 
_atom_site.label_alt_id 
_atom_site.label_comp_id 
_atom_site.label_asym_id 
_atom_site.label_entity_id 
_atom_site.label_seq_id 
_atom_site.pdbx_PDB_ins_code 
_atom_site.Cartn_x 
_atom_site.Cartn_y 
_atom_site.Cartn_z 
_atom_site.occupancy 
_atom_site.B_iso_or_equiv 
_atom_site.pdbx_formal_charge 
_atom_site.auth_seq_id 
_atom_site.auth_comp_id 
_atom_site.auth_asym_id 
_atom_site.auth_atom_id 
_atom_site.pdbx_PDB_model_num 
ATOM 1   P P  . G   A 1 1   ? 35.198   3.147   11.303  1.00 65.81  ? 1    G   A P  1 
ATOM 2   P P  . G   A 1 2   ? 34.444   0.608   6.761   1.00 61.92  ? 2    G   A P  1 
ATOM 3   P P  . C   A 1 3   ? 31.343   -2.931  3.599   1.00 72.07  ? 3    C   A P  1 
ATOM 4   P P  . G   A 1 4   ? 26.476   -6.176  2.758   1.00 80.66  ? 4    G   A P  1 
ATOM 5   P P  . C   A 1 5   ? 20.891   -7.653  4.381   1.00 72.65  ? 5    C   A P  1 
ATOM 6   P P  . G   A 1 6   ? 15.908   -6.710  7.150   1.00 72.30  ? 6    G   A P  1 
ATOM 7   P P  . U   A 1 7   ? 11.744   -3.250  9.377   1.00 72.01  ? 7    U   A P  1 
ATOM 8   P P  . A   A 1 8   ? -5.186   8.491   -2.984  1.00 152.42 ? 14   A   A P  1 
ATOM 9   P P  . U   A 1 9   ? -2.640   12.767  1.956   1.00 107.41 ? 15   U   A P  1 
ATOM 10  P P  . U   A 1 10  ? -5.060   10.236  7.185   1.00 92.95  ? 16   U   A P  1 
ATOM 11  P P  . C   A 1 11  ? -8.901   5.263   7.214   1.00 55.50  ? 17   C   A P  1 
ATOM 12  P P  . G   A 1 12  ? -10.303  9.810   10.746  1.00 74.65  ? 18   G   A P  1 
ATOM 13  P P  . A   A 1 13  ? -12.225  10.071  17.233  1.00 74.57  ? 19   A   A P  1 
ATOM 14  P P  . C   A 1 14  ? -9.550   11.434  22.213  1.00 76.58  ? 20   C   A P  1 
ATOM 15  P P  . G   A 1 15  ? -5.748   15.196  23.652  1.00 97.89  ? 21   G   A P  1 
ATOM 16  P P  . G   A 1 16  ? -3.330   20.190  22.359  1.00 114.73 ? 22   G   A P  1 
ATOM 17  P P  . G   A 1 17  ? -3.334   25.154  19.868  1.00 120.86 ? 23   G   A P  1 
ATOM 18  P P  . G   A 1 18  ? -7.255   28.847  17.101  1.00 110.22 ? 24   G   A P  1 
ATOM 19  P P  . A   A 1 19  ? -12.919  30.278  15.175  1.00 120.76 ? 25   A   A P  1 
ATOM 20  P P  . C   A 1 20  ? -17.140  28.943  11.892  1.00 0.00   ? 35   C   A P  1 
ATOM 21  P P  . C   A 1 21  ? -20.383  25.884  15.393  1.00 0.00   ? 36   C   A P  1 
ATOM 22  P P  . C   A 1 22  ? -21.764  23.610  20.435  1.00 0.00   ? 37   C   A P  1 
ATOM 23  P P  . A   A 1 23  ? -20.320  23.536  26.211  1.00 0.00   ? 38   A   A P  1 
ATOM 24  P P  . A   A 1 24  ? -18.172  25.772  30.310  1.00 0.00   ? 39   A   A P  1 
ATOM 25  P P  . G   A 1 25  ? -18.750  27.989  35.134  1.00 0.00   ? 40   G   A P  1 
ATOM 26  P P  . G   A 1 26  ? -21.717  32.934  34.397  1.00 0.00   ? 41   G   A P  1 
ATOM 27  P P  . U   A 1 27  ? -22.903  38.450  33.503  1.00 0.00   ? 42   U   A P  1 
ATOM 28  P P  . G   A 1 28  ? -23.226  43.520  31.068  1.00 0.00   ? 43   G   A P  1 
ATOM 29  P P  . C   A 1 29  ? -30.711  35.589  27.720  1.00 0.00   ? 44   C   A P  1 
ATOM 30  P P  . A   A 1 30  ? -25.804  37.913  26.097  1.00 0.00   ? 45   A   A P  1 
ATOM 31  P P  . U   A 1 31  ? -22.824  41.990  23.525  1.00 0.00   ? 46   U   A P  1 
ATOM 32  P P  . G   A 1 32  ? -22.357  47.183  21.306  1.00 0.00   ? 47   G   A P  1 
ATOM 33  P P  . C   A 1 33  ? -24.150  52.615  20.587  1.00 0.00   ? 48   C   A P  1 
ATOM 34  P P  . C   A 1 34  ? -40.766  63.860  38.742  1.00 0.00   ? 49   C   A P  1 
ATOM 35  P P  . G   A 1 35  ? -37.317  59.055  38.501  1.00 0.00   ? 50   G   A P  1 
ATOM 36  P P  . A   A 1 36  ? -31.684  56.351  36.606  1.00 0.00   ? 51   A   A P  1 
ATOM 37  P P  . G   A 1 37  ? -25.870  57.076  35.647  1.00 0.00   ? 52   G   A P  1 
ATOM 38  P P  . G   A 1 38  ? -20.855  59.752  35.669  1.00 0.00   ? 53   G   A P  1 
ATOM 39  P P  . G   A 1 39  ? -17.114  61.918  36.225  1.00 0.00   ? 54   G   A P  1 
ATOM 40  P P  . G   A 1 40  ? -12.488  54.918  38.275  1.00 0.00   ? 55   G   A P  1 
ATOM 41  P P  . C   A 1 41  ? -13.343  53.689  41.404  1.00 0.00   ? 56   C   A P  1 
ATOM 42  P P  . G   A 1 42  ? -15.139  55.013  47.194  1.00 0.00   ? 57   G   A P  1 
ATOM 43  P P  . G   A 1 43  ? -14.387  58.662  52.271  1.00 0.00   ? 58   G   A P  1 
ATOM 44  P P  . U   A 1 44  ? -14.302  63.779  54.319  1.00 0.00   ? 59   U   A P  1 
ATOM 45  P P  . U   A 1 45  ? -17.502  67.527  53.426  1.00 0.00   ? 60   U   A P  1 
ATOM 46  P P  . G   A 1 46  ? -22.849  68.112  50.560  1.00 0.00   ? 61   G   A P  1 
ATOM 47  P P  . G   A 1 47  ? -24.828  73.812  48.096  1.00 0.00   ? 62   G   A P  1 
ATOM 48  P P  . C   A 1 48  ? -27.912  71.187  47.206  1.00 0.00   ? 63   C   A P  1 
ATOM 49  P P  . C   A 1 49  ? -29.668  74.172  41.836  1.00 0.00   ? 64   C   A P  1 
ATOM 50  P P  . U   A 1 50  ? -30.011  73.689  35.320  1.00 0.00   ? 65   U   A P  1 
ATOM 51  P P  . C   A 1 51  ? -29.039  71.946  29.315  1.00 0.00   ? 66   C   A P  1 
ATOM 52  P P  . G   A 1 52  ? -30.619  67.557  25.348  1.00 0.00   ? 67   G   A P  1 
ATOM 53  P P  . U   A 1 53  ? -32.360  60.636  23.943  1.00 0.00   ? 68   U   A P  1 
ATOM 54  P P  . A   A 1 54  ? -30.761  57.675  17.684  1.00 0.00   ? 69   A   A P  1 
ATOM 55  P P  . A   A 1 55  ? -24.351  60.032  21.200  1.00 0.00   ? 70   A   A P  1 
ATOM 56  P P  . A   A 1 56  ? -21.429  66.072  21.926  1.00 0.00   ? 71   A   A P  1 
ATOM 57  P P  . A   A 1 57  ? -16.575  68.054  26.924  1.00 0.00   ? 72   A   A P  1 
ATOM 58  P P  . A   A 1 58  ? -15.048  68.362  33.652  1.00 0.00   ? 73   A   A P  1 
ATOM 59  P P  . G   A 1 59  ? -11.078  66.890  36.075  1.00 0.00   ? 74   G   A P  1 
ATOM 60  P P  . C   A 1 60  ? -5.592   67.425  39.080  1.00 0.00   ? 75   C   A P  1 
ATOM 61  P P  . C   A 1 61  ? -1.800   66.617  43.766  1.00 0.00   ? 76   C   A P  1 
ATOM 62  P P  . G   A 1 62  ? -0.179   63.369  48.997  1.00 0.00   ? 77   G   A P  1 
ATOM 63  P P  . C   A 1 63  ? -0.191   58.185  52.491  1.00 0.00   ? 78   C   A P  1 
ATOM 64  P P  . A   A 1 64  ? -0.927   52.672  51.744  1.00 0.00   ? 79   A   A P  1 
ATOM 65  P P  . A   A 1 65  ? -11.676  57.820  47.451  1.00 0.00   ? 80   A   A P  1 
ATOM 66  P P  . C   A 1 66  ? -10.010  52.476  48.237  1.00 0.00   ? 81   C   A P  1 
ATOM 67  P P  . G   A 1 67  ? -6.699   48.605  50.680  1.00 0.00   ? 82   G   A P  1 
ATOM 68  P P  . G   A 1 68  ? -3.087   46.972  54.710  1.00 0.00   ? 83   G   A P  1 
ATOM 69  P P  . C   A 1 69  ? -0.622   47.638  59.750  1.00 0.00   ? 84   C   A P  1 
ATOM 70  P P  . A   A 1 70  ? -0.381   49.934  64.909  1.00 0.00   ? 85   A   A P  1 
ATOM 71  P P  . U   A 1 71  ? -2.740   52.673  69.252  1.00 0.00   ? 86   U   A P  1 
ATOM 72  P P  . A   A 1 72  ? -7.251   54.530  72.107  1.00 0.00   ? 87   A   A P  1 
ATOM 73  P P  . A   A 1 73  ? -12.780  54.458  73.272  1.00 0.00   ? 88   A   A P  1 
ATOM 74  P P  . C   A 1 74  ? -17.876  52.020  73.078  1.00 0.00   ? 89   C   A P  1 
ATOM 75  P P  . U   A 1 75  ? -21.220  47.533  72.294  1.00 0.00   ? 90   U   A P  1 
ATOM 76  P P  . G   A 1 76  ? -10.584  32.787  64.324  1.00 0.00   ? 91   G   A P  1 
ATOM 77  P P  . C   A 1 77  ? -5.942   30.398  66.487  1.00 0.00   ? 92   C   A P  1 
ATOM 78  P P  . C   A 1 78  ? -2.295   29.542  70.717  1.00 0.00   ? 93   C   A P  1 
ATOM 79  P P  . A   A 1 79  ? -0.869   29.765  76.182  1.00 0.00   ? 94   A   A P  1 
ATOM 80  P P  . A   A 1 80  ? -2.191   30.265  81.655  1.00 0.00   ? 95   A   A P  1 
ATOM 81  P P  . C   A 1 81  ? -5.912   30.155  85.906  1.00 0.00   ? 96   C   A P  1 
ATOM 82  P P  . A   A 1 82  ? -10.927  28.739  88.096  1.00 0.00   ? 97   A   A P  1 
ATOM 83  P P  . C   A 1 83  ? -15.718  25.739  88.036  1.00 0.00   ? 98   C   A P  1 
ATOM 84  P P  . C   A 1 84  ? -18.835  21.377  86.254  1.00 0.00   ? 99   C   A P  1 
ATOM 85  P P  . A   A 1 85  ? -19.366  16.304  83.818  1.00 0.00   ? 100  A   A P  1 
ATOM 86  P P  . A   A 1 86  ? -17.215  11.402  82.008  1.00 0.00   ? 101  A   A P  1 
ATOM 87  P P  . C   A 1 87  ? -13.134  7.493   81.905  1.00 0.00   ? 102  C   A P  1 
ATOM 88  P P  . U   A 1 88  ? -8.489   5.089   84.049  1.00 0.00   ? 103  U   A P  1 
ATOM 89  P P  . A   A 1 89  ? -4.827   4.222   88.264  1.00 0.00   ? 104  A   A P  1 
ATOM 90  P P  . C   A 1 90  ? -3.378   4.437   93.721  1.00 0.00   ? 105  C   A P  1 
ATOM 91  P P  . G   A 1 91  ? -4.675   4.939   99.200  1.00 0.00   ? 106  G   A P  1 
ATOM 92  P P  . C   A 1 92  ? -8.378   4.837   103.468 1.00 0.00   ? 107  C   A P  1 
ATOM 93  P P  . U   A 1 93  ? -13.388  3.436   105.678 1.00 0.00   ? 108  U   A P  1 
ATOM 94  P P  . C   A 1 94  ? -18.187  0.452   105.639 1.00 0.00   ? 109  C   A P  1 
ATOM 95  P P  . U   A 1 95  ? -24.988  8.139   103.613 1.00 0.00   ? 112  U   A P  1 
ATOM 96  P P  . G   A 1 96  ? -23.831  6.025   108.657 1.00 0.00   ? 113  G   A P  1 
ATOM 97  P P  . G   A 1 97  ? -23.406  1.260   111.734 1.00 0.00   ? 114  G   A P  1 
ATOM 98  P P  . C   A 1 98  ? -23.319  -4.695  112.328 1.00 0.00   ? 115  C   A P  1 
ATOM 99  P P  . A   A 1 99  ? -22.157  -10.013 110.319 1.00 0.00   ? 116  A   A P  1 
ATOM 100 P P  . G   A 1 100 ? -21.528  -13.507 105.467 1.00 0.00   ? 117  G   A P  1 
ATOM 101 P P  . C   A 1 101 ? -18.923  -14.881 100.698 1.00 0.00   ? 118  C   A P  1 
ATOM 102 P P  . U   A 1 102 ? -14.086  -15.195 97.673  1.00 0.00   ? 119  U   A P  1 
ATOM 103 P P  . U   A 1 103 ? -8.726   -15.603 96.363  1.00 0.00   ? 120  U   A P  1 
ATOM 104 P P  . A   A 1 104 ? -7.690   -18.991 100.152 1.00 0.00   ? 121  A   A P  1 
ATOM 105 P P  . A   A 1 105 ? -4.065   -14.848 96.983  1.00 0.00   ? 122  A   A P  1 
ATOM 106 P P  . U   A 1 106 ? -5.135   -11.248 100.551 1.00 0.00   ? 123  U   A P  1 
ATOM 107 P P  . A   A 1 107 ? -7.869   -8.293  103.108 1.00 0.00   ? 124  A   A P  1 
ATOM 108 P P  . A   A 1 108 ? -11.175  -5.431  107.304 1.00 0.00   ? 125  A   A P  1 
ATOM 109 P P  . C   A 1 109 ? -16.143  -1.083  105.182 1.00 0.00   ? 126  C   A P  1 
ATOM 110 P P  . C   A 1 110 ? -18.779  1.226   99.888  1.00 0.00   ? 127  C   A P  1 
ATOM 111 P P  . U   A 1 111 ? -20.678  -0.919  95.874  1.00 0.00   ? 128  U   A P  1 
ATOM 112 P P  . G   A 1 112 ? -25.362  -3.939  94.349  1.00 0.00   ? 129  G   A P  1 
ATOM 113 P P  . C   A 1 113 ? -30.949  -5.755  96.395  1.00 0.00   ? 130  C   A P  1 
ATOM 114 P P  . U   A 1 114 ? -34.262  -4.109  99.657  1.00 0.00   ? 131  U   A P  1 
ATOM 115 P P  . U   A 1 115 ? -29.840  2.511   100.621 1.00 0.00   ? 132  U   A P  1 
ATOM 116 P P  . A   A 1 116 ? -28.089  6.682   102.803 1.00 0.00   ? 133  A   A P  1 
ATOM 117 P P  . C   A 1 117 ? -18.638  12.275  82.961  1.00 0.00   ? 138  C   A P  1 
ATOM 118 P P  . C   A 1 118 ? -22.144  8.200   86.702  1.00 0.00   ? 139  C   A P  1 
ATOM 119 P P  . U   A 1 119 ? -25.616  3.077   88.782  1.00 0.00   ? 140  U   A P  1 
ATOM 120 P P  . C   A 1 120 ? -28.540  0.521   93.268  1.00 0.00   ? 141  C   A P  1 
ATOM 121 P P  . U   A 1 121 ? -30.803  0.394   98.445  1.00 0.00   ? 142  U   A P  1 
ATOM 122 P P  . C   A 1 122 ? -33.347  2.585   103.339 1.00 0.00   ? 143  C   A P  1 
ATOM 123 P P  . U   A 1 123 ? -35.516  7.257   106.992 1.00 0.00   ? 144  U   A P  1 
ATOM 124 P P  . C   A 1 124 ? -38.793  10.613  108.070 1.00 0.00   ? 145  C   A P  1 
ATOM 125 P P  . C   A 1 125 ? -46.001  13.711  110.037 1.00 0.00   ? 146  C   A P  1 
ATOM 126 P P  . C   A 1 126 ? -49.700  16.992  112.804 1.00 0.00   ? 147  C   A P  1 
ATOM 127 P P  . U   A 1 127 ? -52.961  22.539  113.578 1.00 0.00   ? 148  U   A P  1 
ATOM 128 P P  . A   A 1 128 ? -55.608  27.105  110.774 1.00 0.00   ? 149  A   A P  1 
ATOM 129 P P  . G   A 1 129 ? -57.368  29.619  106.106 1.00 0.00   ? 150  G   A P  1 
ATOM 130 P P  . C   A 1 130 ? -58.056  29.758  99.684  1.00 0.00   ? 151  C   A P  1 
ATOM 131 P P  . C   A 1 131 ? -58.285  26.973  94.481  1.00 0.00   ? 152  C   A P  1 
ATOM 132 P P  . U   A 1 132 ? -58.443  22.706  90.728  1.00 0.00   ? 153  U   A P  1 
ATOM 133 P P  . C   A 1 133 ? -59.146  15.484  89.216  1.00 0.00   ? 154  C   A P  1 
ATOM 134 P P  . C   A 1 134 ? -59.576  19.759  87.704  1.00 0.00   ? 155  C   A P  1 
ATOM 135 P P  . G   A 1 135 ? -64.389  22.815  84.912  1.00 0.00   ? 156  G   A P  1 
ATOM 136 P P  . C   A 1 136 ? -68.132  22.073  87.826  1.00 0.00   ? 157  C   A P  1 
ATOM 137 P P  . U   A 1 137 ? -70.997  20.725  92.659  1.00 0.00   ? 158  U   A P  1 
ATOM 138 P P  . C   A 1 138 ? -73.838  16.898  96.777  1.00 0.00   ? 159  C   A P  1 
ATOM 139 P P  . U   A 1 139 ? -73.411  12.468  100.029 1.00 0.00   ? 160  U   A P  1 
ATOM 140 P P  . U   A 1 140 ? -69.656  11.233  103.105 1.00 0.00   ? 161  U   A P  1 
ATOM 141 P P  . A   A 1 141 ? -62.703  12.111  104.240 1.00 0.00   ? 162  A   A P  1 
ATOM 142 P P  . G   A 1 142 ? -56.352  11.643  104.741 1.00 0.00   ? 163  G   A P  1 
ATOM 143 P P  . G   A 1 143 ? -50.651  14.203  102.428 1.00 0.00   ? 164  G   A P  1 
ATOM 144 P P  . A   A 1 144 ? -45.882  16.563  98.275  1.00 0.00   ? 165  A   A P  1 
ATOM 145 P P  . C   A 1 145 ? -43.814  22.431  97.821  1.00 0.00   ? 166  C   A P  1 
ATOM 146 P P  . G   A 1 146 ? -42.413  27.043  99.505  1.00 0.00   ? 167  G   A P  1 
ATOM 147 P P  . G   A 1 147 ? -40.568  29.856  104.095 1.00 0.00   ? 168  G   A P  1 
ATOM 148 P P  . G   A 1 148 ? -38.981  30.301  109.517 1.00 0.00   ? 169  G   A P  1 
ATOM 149 P P  . G   A 1 149 ? -37.137  28.041  114.376 1.00 0.00   ? 170  G   A P  1 
ATOM 150 P P  . A   A 1 150 ? -35.053  24.914  117.067 1.00 0.00   ? 171  A   A P  1 
ATOM 151 P P  . U   A 1 151 ? -33.363  25.089  110.836 1.00 0.00   ? 172  U   A P  1 
ATOM 152 P P  . C   A 1 152 ? -33.691  26.549  104.050 1.00 0.00   ? 173  C   A P  1 
ATOM 153 P P  . A   A 1 153 ? -32.194  25.220  97.669  1.00 0.00   ? 174  A   A P  1 
ATOM 154 P P  . A   A 1 154 ? -38.131  21.574  92.738  1.00 0.00   ? 175  A   A P  1 
ATOM 155 P P  . G   A 1 155 ? -32.907  18.247  93.299  1.00 0.00   ? 176  G   A P  1 
ATOM 156 P P  . A   A 1 156 ? -27.663  17.539  97.143  1.00 0.00   ? 177  A   A P  1 
ATOM 157 P P  . G   A 1 157 ? -23.725  16.268  101.799 1.00 0.00   ? 178  G   A P  1 
ATOM 158 P P  . A   A 1 158 ? -19.417  11.441  102.735 1.00 0.00   ? 179  A   A P  1 
ATOM 159 P P  . G   A 1 159 ? -16.776  5.739   103.480 1.00 0.00   ? 180  G   A P  1 
ATOM 160 P P  . G   A 1 160 ? -14.775  0.989   100.177 1.00 0.00   ? 181  G   A P  1 
ATOM 161 P P  . U   A 1 161 ? -13.892  -3.648  95.624  1.00 0.00   ? 182  U   A P  1 
ATOM 162 P P  . C   A 1 162 ? -17.905  -6.825  90.319  1.00 0.00   ? 183  C   A P  1 
ATOM 163 P P  . A   A 1 163 ? -23.521  -9.775  95.332  1.00 0.00   ? 184  A   A P  1 
ATOM 164 P P  . A   A 1 164 ? -29.781  -8.754  96.485  1.00 0.00   ? 185  A   A P  1 
ATOM 165 P P  . A   A 1 165 ? -35.645  -11.642 94.805  1.00 0.00   ? 186  A   A P  1 
ATOM 166 P P  . C   A 1 166 ? -42.126  -10.193 96.495  1.00 0.00   ? 187  C   A P  1 
ATOM 167 P P  . C   A 1 167 ? -44.684  -5.073  100.593 1.00 0.00   ? 188  C   A P  1 
ATOM 168 P P  . C   A 1 168 ? -48.373  0.487   104.395 1.00 0.00   ? 189  C   A P  1 
ATOM 169 P P  . A   A 1 169 ? -48.409  7.199   101.858 1.00 0.00   ? 190  A   A P  1 
ATOM 170 P P  . A   A 1 170 ? -52.547  10.831  97.665  1.00 0.00   ? 191  A   A P  1 
ATOM 171 P P  . A   A 1 171 ? -55.369  13.375  91.223  1.00 0.00   ? 192  A   A P  1 
ATOM 172 P P  . A   A 1 172 ? -59.545  9.514   87.682  1.00 0.00   ? 193  A   A P  1 
ATOM 173 P P  . G   A 1 173 ? -64.330  5.771   86.089  1.00 0.00   ? 194  G   A P  1 
ATOM 174 P P  . A   A 1 174 ? -70.134  3.960   86.155  1.00 0.00   ? 195  A   A P  1 
ATOM 175 P P  . G   A 1 175 ? -76.283  5.331   87.060  1.00 0.00   ? 196  G   A P  1 
ATOM 176 P P  . A   A 1 176 ? -57.926  36.355  95.578  1.00 0.00   ? 197  A   A P  1 
ATOM 177 P P  . U   A 1 177 ? -58.185  30.329  97.392  1.00 0.00   ? 198  U   A P  1 
ATOM 178 P P  . C   A 1 178 ? -63.162  26.616  95.461  1.00 0.00   ? 199  C   A P  1 
ATOM 179 P P  . G   A 1 179 ? -68.133  24.267  91.508  1.00 0.00   ? 200  G   A P  1 
ATOM 180 P P  . C   A 1 180 ? -69.519  23.850  85.769  1.00 0.00   ? 201  C   A P  1 
ATOM 181 P P  . G   A 1 181 ? -73.553  21.545  81.181  1.00 0.00   ? 202  G   A P  1 
ATOM 182 P P  . U   A 1 182 ? -79.244  19.784  80.246  1.00 0.00   ? 203  U   A P  1 
ATOM 183 P P  . G   A 1 183 ? -85.093  19.532  80.857  1.00 0.00   ? 204  G   A P  1 
ATOM 184 P P  . G   A 1 184 ? -89.679  23.340  83.180  1.00 0.00   ? 205  G   A P  1 
ATOM 185 P P  . A   A 1 185 ? -93.920  26.751  84.931  1.00 0.00   ? 206  A   A P  1 
ATOM 186 P P  . A   A 1 186 ? -94.596  32.593  85.504  1.00 0.00   ? 207  A   A P  1 
ATOM 187 P P  . G   A 1 187 ? -91.888  37.520  82.183  1.00 0.00   ? 208  G   A P  1 
ATOM 188 P P  . C   A 1 188 ? -89.349  39.338  77.133  1.00 0.00   ? 209  C   A P  1 
ATOM 189 P P  . C   A 1 189 ? -87.565  38.982  71.747  1.00 0.00   ? 210  C   A P  1 
ATOM 190 P P  . C   A 1 190 ? -88.116  36.193  65.888  1.00 0.00   ? 211  C   A P  1 
ATOM 191 P P  . U   A 1 191 ? -88.106  39.934  68.111  1.00 0.00   ? 212  U   A P  1 
ATOM 192 P P  . G   A 1 192 ? -90.027  43.744  64.172  1.00 0.00   ? 213  G   A P  1 
ATOM 193 P P  . C   A 1 193 ? -94.135  43.972  65.671  1.00 0.00   ? 214  C   A P  1 
ATOM 194 P P  . C   A 1 194 ? -99.354  41.269  66.958  1.00 0.00   ? 215  C   A P  1 
ATOM 195 P P  . U   A 1 195 ? -103.879 37.164  65.427  1.00 0.00   ? 216  U   A P  1 
ATOM 196 P P  . G   A 1 196 ? -105.156 31.969  64.104  1.00 0.00   ? 217  G   A P  1 
ATOM 197 P P  . G   A 1 197 ? -103.529 27.740  66.239  1.00 0.00   ? 218  G   A P  1 
ATOM 198 P P  . G   A 1 198 ? -98.073  24.846  70.091  1.00 0.00   ? 219  G   A P  1 
ATOM 199 P P  . G   A 1 199 ? -92.858  21.807  72.187  1.00 0.00   ? 220  G   A P  1 
ATOM 200 P P  . U   A 1 200 ? -86.868  22.582  74.699  1.00 0.00   ? 221  U   A P  1 
ATOM 201 P P  . U   A 1 201 ? -81.266  25.006  76.370  1.00 0.00   ? 222  U   A P  1 
ATOM 202 P P  . G   A 1 202 ? -78.829  28.576  80.440  1.00 0.00   ? 223  G   A P  1 
ATOM 203 P P  . A   A 1 203 ? -79.629  29.428  86.192  1.00 0.00   ? 224  A   A P  1 
ATOM 204 P P  . A   A 1 204 ? -80.693  28.421  91.944  1.00 0.00   ? 225  A   A P  1 
ATOM 205 P P  . G   A 1 205 ? -82.650  25.985  96.735  1.00 0.00   ? 226  G   A P  1 
ATOM 206 P P  . C   A 1 206 ? -83.090  20.268  97.046  1.00 0.00   ? 227  C   A P  1 
ATOM 207 P P  . G   A 1 207 ? -81.099  13.650  94.740  1.00 0.00   ? 228  G   A P  1 
ATOM 208 P P  . U   A 1 208 ? -77.662  9.939   91.290  1.00 0.00   ? 229  U   A P  1 
ATOM 209 P P  . U   A 1 209 ? -73.017  8.755   88.275  1.00 0.00   ? 230  U   A P  1 
ATOM 210 P P  . A   A 1 210 ? -74.433  7.284   95.386  1.00 0.00   ? 231  A   A P  1 
ATOM 211 P P  . A   A 1 211 ? -77.276  13.990  97.257  1.00 0.00   ? 232  A   A P  1 
ATOM 212 P P  . A   A 1 212 ? -76.157  21.864  96.488  1.00 0.00   ? 233  A   A P  1 
ATOM 213 P P  . A   A 1 213 ? -73.892  28.303  96.828  1.00 0.00   ? 234  A   A P  1 
ATOM 214 P P  . C   A 1 214 ? -55.733  39.264  83.539  1.00 0.00   ? 235  C   A P  1 
ATOM 215 P P  . U   A 1 215 ? -59.504  44.622  79.480  1.00 0.00   ? 236  U   A P  1 
ATOM 216 P P  . U   A 1 216 ? -65.255  48.490  76.169  1.00 0.00   ? 237  U   A P  1 
ATOM 217 P P  . A   A 1 217 ? -70.127  46.962  69.949  1.00 0.00   ? 238  A   A P  1 
ATOM 218 P P  . A   A 1 218 ? -77.111  47.518  68.106  1.00 0.00   ? 239  A   A P  1 
ATOM 219 P P  . U   A 1 219 ? -84.016  30.639  63.221  1.00 0.00   ? 240  U   A P  1 
ATOM 220 P P  . C   A 1 220 ? -86.867  32.640  59.803  1.00 0.00   ? 241  C   A P  1 
ATOM 221 P P  . A   A 1 221 ? -90.091  32.996  54.426  1.00 0.00   ? 242  A   A P  1 
ATOM 222 P P  . G   A 1 222 ? -95.068  33.964  51.069  1.00 0.00   ? 243  G   A P  1 
ATOM 223 P P  . G   A 1 223 ? -100.808 36.641  50.442  1.00 0.00   ? 244  G   A P  1 
ATOM 224 P P  . C   A 1 224 ? -105.023 41.047  51.842  1.00 0.00   ? 245  C   A P  1 
ATOM 225 P P  . U   A 1 225 ? -104.730 47.121  54.861  1.00 0.00   ? 246  U   A P  1 
ATOM 226 P P  . G   A 1 226 ? -95.143  51.266  57.186  1.00 0.00   ? 248  G   A P  1 
ATOM 227 P P  . U   A 1 227 ? -90.222  48.052  56.466  1.00 0.00   ? 249  U   A P  1 
ATOM 228 P P  . U   A 1 228 ? -86.908  43.690  52.917  1.00 0.00   ? 250  U   A P  1 
ATOM 229 P P  . U   A 1 229 ? -86.284  41.547  47.315  1.00 0.00   ? 251  U   A P  1 
ATOM 230 P P  . G   A 1 230 ? -86.205  41.777  41.825  1.00 0.00   ? 252  G   A P  1 
ATOM 231 P P  . U   A 1 231 ? -86.667  44.639  35.975  1.00 0.00   ? 253  U   A P  1 
ATOM 232 P P  . U   A 1 232 ? -86.335  49.990  33.216  1.00 0.00   ? 254  U   A P  1 
ATOM 233 P P  . A   A 1 233 ? -84.501  56.459  32.347  1.00 0.00   ? 255  A   A P  1 
ATOM 234 P P  . G   A 1 234 ? -80.701  60.864  33.529  1.00 0.00   ? 256  G   A P  1 
ATOM 235 P P  . U   A 1 235 ? -76.084  63.348  35.731  1.00 0.00   ? 257  U   A P  1 
ATOM 236 P P  . G   A 1 236 ? -70.002  63.447  39.284  1.00 0.00   ? 258  G   A P  1 
ATOM 237 P P  . G   A 1 237 ? -64.317  60.998  39.508  1.00 0.00   ? 259  G   A P  1 
ATOM 238 P P  . C   A 1 238 ? -60.121  57.655  36.969  1.00 0.00   ? 260  C   A P  1 
ATOM 239 P P  . G   A 1 239 ? -57.726  54.462  32.949  1.00 0.00   ? 261  G   A P  1 
ATOM 240 P P  . U   A 1 240 ? -56.561  50.301  27.982  1.00 0.00   ? 262  U   A P  1 
ATOM 241 P P  . G   A 1 241 ? -48.433  49.457  30.096  1.00 0.00   ? 263  G   A P  1 
ATOM 242 P P  . U   A 1 242 ? -51.922  53.248  32.017  1.00 0.00   ? 264  U   A P  1 
ATOM 243 P P  . C   A 1 243 ? -55.395  57.580  32.771  1.00 0.00   ? 265  C   A P  1 
ATOM 244 P P  . C   A 1 244 ? -57.984  62.762  30.731  1.00 0.00   ? 266  C   A P  1 
ATOM 245 P P  . G   A 1 245 ? -59.167  66.542  25.833  1.00 0.00   ? 267  G   A P  1 
ATOM 246 P P  . U   A 1 246 ? -61.335  67.039  20.791  1.00 0.00   ? 268  U   A P  1 
ATOM 247 P P  . C   A 1 247 ? -65.715  65.278  19.117  1.00 0.00   ? 269  C   A P  1 
ATOM 248 P P  . C   A 1 248 ? -69.997  60.888  21.863  1.00 0.00   ? 270  C   A P  1 
ATOM 249 P P  . G   A 1 249 ? -73.296  55.876  24.063  1.00 0.00   ? 271  G   A P  1 
ATOM 250 P P  . C   A 1 250 ? -73.390  51.018  28.444  1.00 0.00   ? 272  C   A P  1 
ATOM 251 P P  . A   A 1 251 ? -70.075  45.934  32.130  1.00 0.00   ? 273  A   A P  1 
ATOM 252 P P  . G   A 1 252 ? -69.612  47.090  38.310  1.00 0.00   ? 274  G   A P  1 
ATOM 253 P P  . C   A 1 253 ? -72.752  47.659  43.845  1.00 0.00   ? 275  C   A P  1 
ATOM 254 P P  . U   A 1 254 ? -77.003  51.304  47.230  1.00 0.00   ? 276  U   A P  1 
ATOM 255 P P  . G   A 1 255 ? -80.612  56.450  48.949  1.00 0.00   ? 277  G   A P  1 
ATOM 256 P P  . G   A 1 256 ? -85.856  58.644  48.124  1.00 0.00   ? 278  G   A P  1 
ATOM 257 P P  . C   A 1 257 ? -92.563  58.086  45.336  1.00 0.00   ? 279  C   A P  1 
ATOM 258 P P  . A   A 1 258 ? -97.085  54.939  42.224  1.00 0.00   ? 280  A   A P  1 
ATOM 259 P P  . A   A 1 259 ? -100.102 50.097  41.547  1.00 0.00   ? 281  A   A P  1 
ATOM 260 P P  . G   A 1 260 ? -101.584 43.254  43.560  1.00 0.00   ? 282  G   A P  1 
ATOM 261 P P  . C   A 1 261 ? -100.828 38.421  47.242  1.00 0.00   ? 283  C   A P  1 
ATOM 262 P P  . G   A 1 262 ? -97.428  34.742  51.579  1.00 0.00   ? 284  G   A P  1 
ATOM 263 P P  . A   A 1 263 ? -93.606  32.485  55.452  1.00 0.00   ? 285  A   A P  1 
ATOM 264 P P  . A   A 1 264 ? -86.675  31.544  57.391  1.00 0.00   ? 286  A   A P  1 
ATOM 265 P P  . U   A 1 265 ? -83.059  33.230  52.366  1.00 0.00   ? 287  U   A P  1 
ATOM 266 P P  . G   A 1 266 ? -79.210  36.123  47.667  1.00 0.00   ? 288  G   A P  1 
ATOM 267 P P  . U   A 1 267 ? -78.845  39.081  42.154  1.00 0.00   ? 289  U   A P  1 
ATOM 268 P P  . A   A 1 268 ? -79.247  38.919  34.680  1.00 0.00   ? 290  A   A P  1 
ATOM 269 P P  . A   A 1 269 ? -74.534  42.566  29.226  1.00 0.00   ? 291  A   A P  1 
ATOM 270 P P  . A   A 1 270 ? -68.116  43.196  26.997  1.00 0.00   ? 292  A   A P  1 
ATOM 271 P P  . G   A 1 271 ? -62.388  45.974  22.926  1.00 0.00   ? 293  G   A P  1 
ATOM 272 P P  . A   A 1 272 ? -58.354  48.510  21.881  1.00 0.00   ? 294  A   A P  1 
ATOM 273 P P  . C   A 1 273 ? -53.805  50.953  18.307  1.00 0.00   ? 295  C   A P  1 
ATOM 274 P P  . U   A 1 274 ? -50.372  55.477  16.132  1.00 0.00   ? 296  U   A P  1 
ATOM 275 P P  . G   A 1 275 ? -48.018  61.350  16.790  1.00 0.00   ? 297  G   A P  1 
ATOM 276 P P  . A   A 1 276 ? -46.350  65.978  20.577  1.00 0.00   ? 298  A   A P  1 
ATOM 277 P P  . C   A 1 277 ? -45.119  68.560  26.142  1.00 0.00   ? 299  C   A P  1 
ATOM 278 P P  . U   A 1 278 ? -44.955  67.231  31.263  1.00 0.00   ? 300  U   A P  1 
ATOM 279 P P  . A   A 1 279 ? -49.282  52.651  30.522  1.00 0.00   ? 301  A   A P  1 
ATOM 280 P P  . A   A 1 280 ? -44.612  52.632  27.123  1.00 0.00   ? 302  A   A P  1 
ATOM 281 P P  . G   A 1 281 ? -41.568  49.333  27.686  1.00 0.00   ? 303  G   A P  1 
ATOM 282 P P  . C   A 1 282 ? -40.525  46.031  22.142  1.00 0.00   ? 304  C   A P  1 
ATOM 283 P P  . A   A 1 283 ? -39.306  45.587  16.624  1.00 0.00   ? 305  A   A P  1 
ATOM 284 P P  . U   A 1 284 ? -36.385  43.323  12.326  1.00 0.00   ? 306  U   A P  1 
ATOM 285 P P  . G   A 1 285 ? -33.048  39.302  10.135  1.00 0.00   ? 307  G   A P  1 
ATOM 286 P P  . A   A 1 286 ? -25.332  35.797  13.503  1.00 0.00   ? 312  A   A P  1 
ATOM 287 P P  . C   A 1 287 ? -21.092  34.965  16.613  1.00 0.00   ? 313  C   A P  1 
ATOM 288 P P  . C   A 1 288 ? -16.303  38.680  19.245  1.00 0.00   ? 314  C   A P  1 
ATOM 289 P P  . G   A 1 289 ? -10.968  35.981  21.096  1.00 0.00   ? 315  G   A P  1 
ATOM 290 P P  . A   A 1 290 ? -8.158   31.909  22.877  1.00 0.00   ? 316  A   A P  1 
ATOM 291 P P  . G   A 1 291 ? -4.011   27.973  23.272  1.00 0.00   ? 317  G   A P  1 
ATOM 292 P P  . G   A 1 292 ? -4.193   22.463  22.908  1.00 0.00   ? 318  G   A P  1 
ATOM 293 P P  . A   A 1 293 ? -5.675   17.635  20.337  1.00 0.00   ? 319  A   A P  1 
ATOM 294 P P  . C   A 1 294 ? -21.156  15.095  13.081  1.00 118.22 ? 328  C   A P  1 
ATOM 295 P P  . C   A 1 295 ? -16.099  16.561  8.975   1.00 102.24 ? 329  C   A P  1 
ATOM 296 P P  . U   A 1 296 ? -11.729  18.075  5.826   1.00 97.33  ? 330  U   A P  1 
ATOM 297 P P  . C   A 1 297 ? -5.714   18.484  5.660   1.00 95.00  ? 331  C   A P  1 
ATOM 298 P P  . G   A 1 298 ? -0.496   16.992  7.113   1.00 76.30  ? 332  G   A P  1 
ATOM 299 P P  . G   A 1 299 ? 3.542    13.522  9.503   1.00 83.35  ? 333  G   A P  1 
ATOM 300 P P  . A   A 1 300 ? 5.450    8.470   13.112  1.00 85.14  ? 334  A   A P  1 
ATOM 301 P P  . C   A 1 301 ? 6.177    6.713   7.702   1.00 75.08  ? 335  C   A P  1 
ATOM 302 P P  . G   A 1 302 ? 11.234   3.365   5.970   1.00 107.90 ? 336  G   A P  1 
ATOM 303 P P  . C   A 1 303 ? 11.267   4.886   11.601  1.00 110.57 ? 337  C   A P  1 
ATOM 304 P P  . G   A 1 304 ? 11.485   9.680   14.309  1.00 112.83 ? 338  G   A P  1 
ATOM 305 P P  . G   A 1 305 ? 10.898   15.676  12.638  1.00 129.55 ? 339  G   A P  1 
ATOM 306 P P  . G   A 1 306 ? 10.730   20.441  8.264   1.00 154.56 ? 340  G   A P  1 
ATOM 307 P P  . U   A 1 307 ? 10.192   23.043  2.770   1.00 103.44 ? 341  U   A P  1 
ATOM 308 P P  . U   A 1 308 ? 9.136    24.614  -1.823  1.00 135.50 ? 342  U   A P  1 
ATOM 309 P P  . C   A 1 309 ? 4.420    25.094  -4.250  1.00 109.17 ? 343  C   A P  1 
ATOM 310 P P  . G   A 1 310 ? 2.233    20.871  -0.143  1.00 123.53 ? 344  G   A P  1 
ATOM 311 P P  . A   A 1 311 ? 3.430    16.365  1.225   1.00 123.24 ? 345  A   A P  1 
ATOM 312 P P  . U   A 1 312 ? 4.071    9.864   1.761   1.00 136.62 ? 346  U   A P  1 
ATOM 313 P P  . U   A 1 313 ? 10.051   7.549   1.176   1.00 252.69 ? 347  U   A P  1 
ATOM 314 P P  . C   A 1 314 ? 13.398   7.708   -4.174  1.00 133.72 ? 348  C   A P  1 
ATOM 315 P P  . C   A 1 315 ? 16.969   11.200  -4.348  1.00 143.10 ? 349  C   A P  1 
ATOM 316 P P  . C   A 1 316 ? 21.038   14.463  -1.898  1.00 118.67 ? 350  C   A P  1 
ATOM 317 P P  . G   A 1 317 ? 24.139   14.913  2.244   1.00 116.07 ? 351  G   A P  1 
ATOM 318 P P  . C   A 1 318 ? 26.526   11.912  7.975   1.00 161.26 ? 352  C   A P  1 
ATOM 319 P P  . A   A 1 319 ? 26.350   8.321   9.623   1.00 39.93  ? 353  A   A P  1 
ATOM 320 P P  . C   A 1 320 ? 24.666   7.753   14.920  1.00 50.17  ? 354  C   A P  1 
ATOM 321 P P  . G   A 1 321 ? 22.963   3.720   18.932  1.00 57.07  ? 355  G   A P  1 
ATOM 322 P P  . C   A 1 322 ? 22.670   -1.496  20.698  1.00 69.61  ? 356  C   A P  1 
ATOM 323 P P  . G   A 1 323 ? 23.982   -7.226  20.471  1.00 74.79  ? 357  G   A P  1 
ATOM 324 P P  . C   A 1 324 ? 27.691   -11.752 18.111  1.00 84.65  ? 358  C   A P  1 
ATOM 325 P P  . C   A 1 325 ? 32.413   -14.142 15.549  1.00 90.18  ? 359  C   A P  1 
ATOM 326 P P  . U   A 1 326 ? 38.555   -12.850 13.745  1.00 88.68  ? 360  U   A P  1 
ATOM 327 P P  . C   A 1 327 ? 42.853   -9.435  13.415  1.00 83.96  ? 361  C   A P  1 
ATOM 328 P P  . C   A 1 328 ? 45.779   -5.845  15.003  1.00 96.57  ? 362  C   A P  1 
ATOM 329 P P  . U   B 2 1   ? 0.777    -48.342 17.684  1.00 45.70  ? 1406 U   D P  1 
ATOM 330 P P  . C   B 2 2   ? 1.812    -47.656 12.167  1.00 174.16 ? 1407 C   D P  1 
ATOM 331 P P  . A   B 2 3   ? 2.209    -43.283 8.272   1.00 164.59 ? 1408 A   D P  1 
ATOM 332 P P  . C   B 2 4   ? 3.197    -37.630 7.840   1.00 103.02 ? 1409 C   D P  1 
ATOM 333 P P  . G   B 2 5   ? 5.897    -33.594 9.228   1.00 151.64 ? 1410 G   D P  1 
ATOM 334 P P  . C   B 2 6   ? 10.161   -31.094 12.321  1.00 173.89 ? 1411 C   D P  1 
ATOM 335 P P  . C   B 2 7   ? 14.832   -31.467 16.673  1.00 161.13 ? 1412 C   D P  1 
ATOM 336 P P  . A   B 2 8   ? 18.790   -34.337 19.338  1.00 104.03 ? 1413 A   D P  1 
ATOM 337 P P  . U   B 2 9   ? 22.733   -39.389 19.898  1.00 134.31 ? 1414 U   D P  1 
ATOM 338 P P  . G   B 2 10  ? 23.542   -45.290 18.754  1.00 102.76 ? 1415 G   D P  1 
ATOM 339 P P  . G   B 2 11  ? 24.675   -49.616 16.663  1.00 41.52  ? 1416 G   D P  1 
ATOM 340 P P  . G   B 2 12  ? 26.475   -53.147 11.764  1.00 136.13 ? 1417 G   D P  1 
ATOM 341 P P  . A   B 2 13  ? 29.003   -51.940 6.541   1.00 166.51 ? 1418 A   D P  1 
ATOM 342 P P  . G   B 2 14  ? 31.947   -51.751 2.236   1.00 136.47 ? 1419 G   D P  1 
ATOM 343 P P  . C   B 2 15  ? 36.257   -48.064 0.380   1.00 198.54 ? 1420 C   D P  1 
ATOM 344 P P  . G   B 2 16  ? 40.440   -43.725 2.310   1.00 139.05 ? 1421 G   D P  1 
ATOM 345 P P  . G   B 2 17  ? 43.714   -40.521 5.256   1.00 198.54 ? 1422 G   D P  1 
ATOM 346 P P  . G   B 2 18  ? 46.339   -40.033 10.738  1.00 198.54 ? 1423 G   D P  1 
ATOM 347 P P  . C   B 2 19  ? 49.183   -43.442 15.479  1.00 117.11 ? 1424 C   D P  1 
ATOM 348 P P  . U   B 2 20  ? 51.032   -47.479 19.086  1.00 198.54 ? 1425 U   D P  1 
ATOM 349 P P  . C   B 2 21  ? 52.532   -52.864 20.423  1.00 145.77 ? 1426 C   D P  1 
ATOM 350 P P  . U   B 2 22  ? 54.525   -58.040 19.535  1.00 198.54 ? 1427 U   D P  1 
ATOM 351 P P  . A   B 2 23  ? 57.174   -61.929 15.473  1.00 176.62 ? 1428 A   D P  1 
ATOM 352 P P  . C   B 2 24  ? 60.660   -62.682 11.573  1.00 198.54 ? 1429 C   D P  1 
ATOM 353 P P  . C   B 2 25  ? 64.618   -60.615 7.803   1.00 137.89 ? 1430 C   D P  1 
ATOM 354 P P  . C   B 2 26  ? 68.092   -55.655 6.153   1.00 162.47 ? 1431 C   D P  1 
ATOM 355 P P  . G   B 2 27  ? 70.447   -50.816 6.256   1.00 83.99  ? 1432 G   D P  1 
ATOM 356 P P  . A   B 2 28  ? 72.104   -46.864 10.822  1.00 91.43  ? 1433 A   D P  1 
ATOM 357 P P  . A   B 2 29  ? 75.225   -42.621 12.729  1.00 78.27  ? 1434 A   D P  1 
ATOM 358 P P  . G   B 2 30  ? 77.827   -41.080 17.613  1.00 61.31  ? 1435 G   D P  1 
ATOM 359 P P  . U   B 2 31  ? 79.822   -43.747 22.553  1.00 71.63  ? 1436 U   D P  1 
ATOM 360 P P  . C   B 2 32  ? 82.172   -47.830 26.149  1.00 72.43  ? 1437 C   D P  1 
ATOM 361 P P  . G   B 2 33  ? 83.974   -53.325 25.851  1.00 100.70 ? 1438 G   D P  1 
ATOM 362 P P  . C   B 2 34  ? 86.618   -57.692 22.889  1.00 80.10  ? 1439 C   D P  1 
ATOM 363 P P  . C   B 2 35  ? 90.453   -58.600 18.161  1.00 82.72  ? 1440 C   D P  1 
ATOM 364 P P  . G   B 2 36  ? 94.235   -57.089 14.146  1.00 75.10  ? 1441 G   D P  1 
ATOM 365 P P  . G   B 2 37  ? 97.460   -53.603 12.790  1.00 106.21 ? 1442 G   D P  1 
ATOM 366 P P  . G   B 2 38  ? 100.633  -52.382 8.319   1.00 127.70 ? 1443 G   D P  1 
ATOM 367 P P  . A   B 2 39  ? 99.933   -54.035 3.749   1.00 139.49 ? 1446 A   D P  1 
ATOM 368 P P  . G   B 2 40  ? 100.316  -47.635 6.395   1.00 117.58 ? 1447 G   D P  1 
ATOM 369 P P  . C   B 2 41  ? 101.196  -42.424 8.888   1.00 78.56  ? 1448 C   D P  1 
ATOM 370 P P  . C   B 2 42  ? 103.152  -39.634 13.718  1.00 95.57  ? 1449 C   D P  1 
ATOM 371 P P  . U   B 2 43  ? 105.938  -40.119 17.974  1.00 90.47  ? 1450 U   D P  1 
ATOM 372 P P  . A   B 2 44  ? 109.727  -43.550 21.585  1.00 84.91  ? 1451 A   D P  1 
ATOM 373 P P  . C   B 2 45  ? 110.494  -49.551 24.312  1.00 73.69  ? 1452 C   D P  1 
ATOM 374 P P  . G   B 2 46  ? 107.175  -55.239 22.953  1.00 125.51 ? 1453 G   D P  1 
ATOM 375 P P  . G   B 2 47  ? 100.716  -54.670 23.347  1.00 32.29  ? 1454 G   D P  1 
ATOM 376 P P  . G   B 2 48  ? 95.611   -50.162 23.237  1.00 55.17  ? 1455 G   D P  1 
ATOM 377 P P  . C   B 2 49  ? 92.185   -45.840 22.320  1.00 36.59  ? 1459 C   D P  1 
ATOM 378 P P  . A   B 2 50  ? 89.031   -42.624 18.716  1.00 69.58  ? 1460 A   D P  1 
ATOM 379 P P  . G   B 2 51  ? 86.998   -41.290 13.280  1.00 86.15  ? 1461 G   D P  1 
ATOM 380 P P  . G   B 2 52  ? 84.460   -45.207 9.347   1.00 124.91 ? 1462 G   D P  1 
ATOM 381 P P  . C   B 2 53  ? 81.933   -49.920 7.534   1.00 72.62  ? 1463 C   D P  1 
ATOM 382 P P  . G   B 2 54  ? 78.051   -54.045 8.862   1.00 89.59  ? 1464 G   D P  1 
ATOM 383 P P  . C   B 2 55  ? 74.378   -56.972 12.762  1.00 64.15  ? 1465 C   D P  1 
ATOM 384 P P  . C   B 2 56  ? 70.409   -57.571 16.549  1.00 37.26  ? 1466 C   D P  1 
ATOM 385 P P  . G   B 2 57  ? 66.796   -54.771 19.745  1.00 84.21  ? 1467 G   D P  1 
ATOM 386 P P  . A   B 2 58  ? 63.949   -49.397 19.018  1.00 76.11  ? 1468 A   D P  1 
ATOM 387 P P  . G   B 2 59  ? 60.038   -45.335 18.542  1.00 73.91  ? 1469 G   D P  1 
ATOM 388 P P  . G   B 2 60  ? 57.760   -44.021 12.623  1.00 63.67  ? 1470 G   D P  1 
ATOM 389 P P  . G   B 2 61  ? 56.172   -45.149 7.391   1.00 145.72 ? 1471 G   D P  1 
ATOM 390 P P  . U   B 2 62  ? 54.123   -48.511 2.987   1.00 99.87  ? 1472 U   D P  1 
ATOM 391 P P  . A   B 2 63  ? 51.097   -53.086 1.261   1.00 176.80 ? 1473 A   D P  1 
ATOM 392 P P  . G   B 2 64  ? 47.209   -56.569 2.836   1.00 153.88 ? 1474 G   D P  1 
ATOM 393 P P  . G   B 2 65  ? 43.434   -59.244 6.876   1.00 198.54 ? 1475 G   D P  1 
ATOM 394 P P  . G   B 2 66  ? 39.709   -58.205 10.977  1.00 165.02 ? 1476 G   D P  1 
ATOM 395 P P  . C   B 2 67  ? 36.888   -56.001 15.701  1.00 142.40 ? 1477 C   D P  1 
ATOM 396 P P  . C   B 2 68  ? 36.291   -50.227 19.261  1.00 150.90 ? 1478 C   D P  1 
ATOM 397 P P  . C   B 2 69  ? 34.908   -45.737 19.603  1.00 161.20 ? 1479 C   D P  1 
ATOM 398 P P  . G   B 2 70  ? 32.620   -40.215 17.434  1.00 122.22 ? 1480 G   D P  1 
ATOM 399 P P  . U   B 2 71  ? 30.781   -36.621 13.345  1.00 109.79 ? 1481 U   D P  1 
ATOM 400 P P  . G   B 2 72  ? 27.191   -36.430 8.849   1.00 198.54 ? 1482 G   D P  1 
ATOM 401 P P  . A   B 2 73  ? 23.611   -39.888 4.825   1.00 111.32 ? 1483 A   D P  1 
ATOM 402 P P  . C   B 2 74  ? 19.428   -41.556 1.989   1.00 135.39 ? 1484 C   D P  1 
ATOM 403 P P  . U   B 2 75  ? 15.424   -45.708 2.847   1.00 193.58 ? 1485 U   D P  1 
ATOM 404 P P  . G   B 2 76  ? 12.902   -49.420 7.579   1.00 193.25 ? 1486 G   D P  1 
ATOM 405 P P  . G   B 2 77  ? 9.940    -50.940 11.984  1.00 197.53 ? 1487 G   D P  1 
ATOM 406 P P  . G   B 2 78  ? 7.960    -48.246 18.272  1.00 82.10  ? 1488 G   D P  1 
ATOM 407 P P  . G   B 2 79  ? 7.527    -45.588 22.902  1.00 93.41  ? 1489 G   D P  1 
ATOM 408 P P  . C   B 2 80  ? 5.842    -41.542 26.202  1.00 141.30 ? 1490 C   D P  1 
ATOM 409 P P  . G   B 2 81  ? 2.685    -36.651 26.398  1.00 105.09 ? 1491 G   D P  1 
ATOM 410 P P  . A   B 2 82  ? -0.273   -32.264 24.781  1.00 163.09 ? 1492 A   D P  1 
ATOM 411 P P  . A   B 2 83  ? -6.292   -32.629 22.639  1.00 198.54 ? 1493 A   D P  1 
ATOM 412 P P  . G   B 2 84  ? -7.512   -33.413 18.369  1.00 198.54 ? 1494 G   D P  1 
ATOM 413 P P  . U   B 2 85  ? -11.284  -36.456 14.895  1.00 130.64 ? 1495 U   D P  1 
ATOM 414 P P  . C   B 2 86  ? -13.045  -41.274 12.303  1.00 155.42 ? 1496 C   D P  1 
ATOM 415 C CA . SER C 3 3   ? -13.405  -0.695  -4.358  1.00 175.32 ? 3    SER B CA 1 
ATOM 416 C CA . ASP C 3 4   ? -11.737  -1.989  -1.164  1.00 189.75 ? 4    ASP B CA 1 
ATOM 417 C CA . LYS C 3 5   ? -8.648   -4.129  -1.737  1.00 164.82 ? 5    LYS B CA 1 
ATOM 418 C CA . ILE C 3 6   ? -7.431   -5.863  1.434   1.00 128.80 ? 6    ILE B CA 1 
ATOM 419 C CA . ILE C 3 7   ? -4.610   -8.278  2.305   1.00 118.91 ? 7    ILE B CA 1 
ATOM 420 C CA . PRO C 3 8   ? -4.580   -10.650 5.304   1.00 101.95 ? 8    PRO B CA 1 
ATOM 421 C CA . ILE C 3 9   ? -1.676   -10.399 7.753   1.00 89.49  ? 9    ILE B CA 1 
ATOM 422 C CA . ALA C 3 10  ? -2.523   -12.597 10.730  1.00 71.78  ? 10   ALA B CA 1 
ATOM 423 C CA . GLU C 3 11  ? -5.647   -14.213 12.208  1.00 109.56 ? 11   GLU B CA 1 
ATOM 424 C CA . ASN C 3 12  ? -6.274   -15.368 15.785  1.00 103.61 ? 12   ASN B CA 1 
ATOM 425 C CA . LYS C 3 13  ? -7.150   -19.070 15.684  1.00 152.92 ? 13   LYS B CA 1 
ATOM 426 C CA . GLU C 3 14  ? -6.715   -19.383 19.442  1.00 113.94 ? 14   GLU B CA 1 
ATOM 427 C CA . ALA C 3 15  ? -9.926   -17.332 19.714  1.00 78.15  ? 15   ALA B CA 1 
ATOM 428 C CA . LYS C 3 16  ? -12.430  -18.721 17.237  1.00 96.26  ? 16   LYS B CA 1 
ATOM 429 C CA . ALA C 3 17  ? -13.143  -21.748 19.415  1.00 112.82 ? 17   ALA B CA 1 
ATOM 430 C CA . LYS C 3 18  ? -13.080  -19.887 22.722  1.00 92.76  ? 18   LYS B CA 1 
ATOM 431 C CA . TYR C 3 19  ? -15.170  -16.707 22.727  1.00 95.29  ? 19   TYR B CA 1 
ATOM 432 C CA . ASP C 3 20  ? -18.447  -16.551 20.797  1.00 99.96  ? 20   ASP B CA 1 
ATOM 433 C CA . ILE C 3 21  ? -18.410  -13.174 19.041  1.00 71.89  ? 21   ILE B CA 1 
ATOM 434 C CA . LEU C 3 22  ? -21.107  -10.657 19.935  1.00 71.70  ? 22   LEU B CA 1 
ATOM 435 C CA . GLU C 3 23  ? -19.993  -7.646  17.876  1.00 74.32  ? 23   GLU B CA 1 
ATOM 436 C CA . THR C 3 24  ? -17.014  -6.881  15.639  1.00 53.46  ? 24   THR B CA 1 
ATOM 437 C CA . TYR C 3 25  ? -15.380  -3.520  15.036  1.00 67.90  ? 25   TYR B CA 1 
ATOM 438 C CA . GLU C 3 26  ? -12.711  -2.397  12.634  1.00 81.95  ? 26   GLU B CA 1 
ATOM 439 C CA . ALA C 3 27  ? -9.174   -1.426  13.591  1.00 90.99  ? 27   ALA B CA 1 
ATOM 440 C CA . GLY C 3 28  ? -7.219   1.774   13.624  1.00 70.39  ? 28   GLY B CA 1 
ATOM 441 C CA . ILE C 3 29  ? -3.755   1.433   15.196  1.00 74.32  ? 29   ILE B CA 1 
ATOM 442 C CA . VAL C 3 30  ? -1.094   4.050   15.691  1.00 73.86  ? 30   VAL B CA 1 
ATOM 443 C CA . LEU C 3 31  ? 1.875    1.943   14.656  1.00 77.65  ? 31   LEU B CA 1 
ATOM 444 C CA . LYS C 3 32  ? 5.520    2.941   14.892  1.00 91.46  ? 32   LYS B CA 1 
ATOM 445 C CA . GLY C 3 33  ? 7.405    3.167   11.615  1.00 108.43 ? 33   GLY B CA 1 
ATOM 446 C CA . SER C 3 34  ? 9.651    0.146   11.963  1.00 86.71  ? 34   SER B CA 1 
ATOM 447 C CA . GLU C 3 35  ? 6.654    -1.982  12.880  1.00 91.27  ? 35   GLU B CA 1 
ATOM 448 C CA . VAL C 3 36  ? 5.022    -1.278  9.526   1.00 75.09  ? 36   VAL B CA 1 
ATOM 449 C CA . LYS C 3 37  ? 8.143    -2.215  7.606   1.00 98.20  ? 37   LYS B CA 1 
ATOM 450 C CA . SER C 3 38  ? 8.576    -5.463  9.552   1.00 94.21  ? 38   SER B CA 1 
ATOM 451 C CA . LEU C 3 39  ? 4.902    -6.152  8.898   1.00 86.13  ? 39   LEU B CA 1 
ATOM 452 C CA . ARG C 3 40  ? 5.452    -5.825  5.155   1.00 116.88 ? 40   ARG B CA 1 
ATOM 453 C CA . GLU C 3 41  ? 8.783    -7.592  5.205   1.00 140.22 ? 41   GLU B CA 1 
ATOM 454 C CA . LYS C 3 42  ? 6.524    -10.474 6.324   1.00 136.27 ? 42   LYS B CA 1 
ATOM 455 C CA . GLY C 3 43  ? 7.699    -10.649 9.955   1.00 89.78  ? 43   GLY B CA 1 
ATOM 456 C CA . THR C 3 44  ? 6.125    -12.922 12.548  1.00 137.64 ? 44   THR B CA 1 
ATOM 457 C CA . VAL C 3 45  ? 3.114    -11.840 14.652  1.00 78.90  ? 45   VAL B CA 1 
ATOM 458 C CA . SER C 3 46  ? 1.048    -13.565 17.359  1.00 129.20 ? 46   SER B CA 1 
ATOM 459 C CA . PHE C 3 47  ? -2.058   -12.871 19.406  1.00 91.08  ? 47   PHE B CA 1 
ATOM 460 C CA . LYS C 3 48  ? -1.059   -15.201 22.256  1.00 103.01 ? 48   LYS B CA 1 
ATOM 461 C CA . ASP C 3 49  ? -2.415   -13.798 25.509  1.00 103.39 ? 49   ASP B CA 1 
ATOM 462 C CA . SER C 3 50  ? -3.211   -10.543 23.695  1.00 71.36  ? 50   SER B CA 1 
ATOM 463 C CA . PHE C 3 51  ? -6.166   -8.475  24.934  1.00 57.52  ? 51   PHE B CA 1 
ATOM 464 C CA . VAL C 3 52  ? -7.673   -4.991  24.711  1.00 68.22  ? 52   VAL B CA 1 
ATOM 465 C CA . ARG C 3 53  ? -8.183   -2.445  27.488  1.00 83.01  ? 53   ARG B CA 1 
ATOM 466 C CA . ILE C 3 54  ? -9.970   0.881   27.634  1.00 54.09  ? 54   ILE B CA 1 
ATOM 467 C CA . GLU C 3 55  ? -7.901   3.347   29.647  1.00 62.17  ? 55   GLU B CA 1 
ATOM 468 C CA . ASN C 3 56  ? -8.368   7.126   29.795  1.00 76.93  ? 56   ASN B CA 1 
ATOM 469 C CA . GLY C 3 57  ? -11.222  7.107   27.325  1.00 60.43  ? 57   GLY B CA 1 
ATOM 470 C CA . GLU C 3 58  ? -8.870   5.347   24.900  1.00 80.36  ? 58   GLU B CA 1 
ATOM 471 C CA . ALA C 3 59  ? -8.686   1.802   23.460  1.00 63.84  ? 59   ALA B CA 1 
ATOM 472 C CA . TRP C 3 60  ? -5.472   -0.204  23.818  1.00 80.27  ? 60   TRP B CA 1 
ATOM 473 C CA . LEU C 3 61  ? -4.239   -3.510  22.329  1.00 78.58  ? 61   LEU B CA 1 
ATOM 474 C CA . TYR C 3 62  ? -2.011   -5.006  24.999  1.00 76.71  ? 62   TYR B CA 1 
ATOM 475 C CA . ASN C 3 63  ? 0.060    -8.041  24.108  1.00 71.33  ? 63   ASN B CA 1 
ATOM 476 C CA . LEU C 3 64  ? 0.604    -8.274  20.376  1.00 82.29  ? 64   LEU B CA 1 
ATOM 477 C CA . TYR C 3 65  ? 4.014    -9.545  19.288  1.00 86.62  ? 65   TYR B CA 1 
ATOM 478 C CA . ILE C 3 66  ? 5.171    -7.755  16.162  1.00 91.43  ? 66   ILE B CA 1 
ATOM 479 C CA . ALA C 3 67  ? 8.519    -9.090  14.998  1.00 89.06  ? 67   ALA B CA 1 
ATOM 480 C CA . PRO C 3 68  ? 11.236   -6.381  14.690  1.00 135.37 ? 68   PRO B CA 1 
ATOM 481 C CA . TYR C 3 69  ? 13.714   -5.966  11.800  1.00 168.90 ? 69   TYR B CA 1 
ATOM 482 C CA . ASN C 3 76  ? 14.152   0.044   20.775  1.00 192.36 ? 76   ASN B CA 1 
ATOM 483 C CA . HIS C 3 77  ? 10.700   -1.143  19.670  1.00 183.05 ? 77   HIS B CA 1 
ATOM 484 C CA . ASP C 3 78  ? 9.466    -3.406  22.443  1.00 118.32 ? 78   ASP B CA 1 
ATOM 485 C CA . PRO C 3 79  ? 7.564    -6.059  20.394  1.00 68.19  ? 79   PRO B CA 1 
ATOM 486 C CA . LEU C 3 80  ? 4.699    -5.872  22.896  1.00 88.93  ? 80   LEU B CA 1 
ATOM 487 C CA . ARG C 3 81  ? 3.939    -2.133  23.316  1.00 84.61  ? 81   ARG B CA 1 
ATOM 488 C CA . LYS C 3 82  ? 0.557    -0.869  24.469  1.00 87.61  ? 82   LYS B CA 1 
ATOM 489 C CA . ARG C 3 83  ? -0.567   0.117   20.954  1.00 71.01  ? 83   ARG B CA 1 
ATOM 490 C CA . LYS C 3 84  ? -3.405   2.611   20.683  1.00 71.81  ? 84   LYS B CA 1 
ATOM 491 C CA . LEU C 3 85  ? -6.483   1.946   18.583  1.00 66.19  ? 85   LEU B CA 1 
ATOM 492 C CA . LEU C 3 86  ? -8.199   4.548   16.354  1.00 53.15  ? 86   LEU B CA 1 
ATOM 493 C CA . LEU C 3 87  ? -11.815  3.805   16.969  1.00 51.48  ? 87   LEU B CA 1 
ATOM 494 C CA . HIS C 3 88  ? -14.394  6.570   17.513  1.00 53.52  ? 88   HIS B CA 1 
ATOM 495 C CA . LYS C 3 89  ? -15.340  7.795   20.955  1.00 64.32  ? 89   LYS B CA 1 
ATOM 496 C CA . ARG C 3 90  ? -18.906  6.579   20.780  1.00 56.96  ? 90   ARG B CA 1 
ATOM 497 C CA . GLU C 3 91  ? -17.452  3.202   19.877  1.00 75.88  ? 91   GLU B CA 1 
ATOM 498 C CA . ILE C 3 92  ? -15.152  3.150   22.845  1.00 59.33  ? 92   ILE B CA 1 
ATOM 499 C CA . MET C 3 93  ? -17.876  4.305   25.204  1.00 72.77  ? 93   MET B CA 1 
ATOM 500 C CA . ARG C 3 94  ? -20.109  1.655   23.642  1.00 65.15  ? 94   ARG B CA 1 
ATOM 501 C CA . LEU C 3 95  ? -17.586  -1.151  24.087  1.00 54.77  ? 95   LEU B CA 1 
ATOM 502 C CA . TYR C 3 96  ? -16.693  0.123   27.542  1.00 53.57  ? 96   TYR B CA 1 
ATOM 503 C CA . GLY C 3 97  ? -20.329  0.025   28.620  1.00 63.59  ? 97   GLY B CA 1 
ATOM 504 C CA . LYS C 3 98  ? -20.896  -3.591  27.545  1.00 62.59  ? 98   LYS B CA 1 
ATOM 505 C CA . VAL C 3 99  ? -17.740  -4.697  29.398  1.00 60.90  ? 99   VAL B CA 1 
ATOM 506 C CA . GLN C 3 100 ? -19.241  -3.424  32.633  1.00 65.88  ? 100  GLN B CA 1 
ATOM 507 C CA . GLU C 3 101 ? -23.016  -3.985  32.253  1.00 88.72  ? 101  GLU B CA 1 
ATOM 508 C CA . LYS C 3 102 ? -22.465  -7.605  31.192  1.00 64.20  ? 102  LYS B CA 1 
ATOM 509 C CA . GLY C 3 103 ? -18.884  -8.389  32.129  1.00 59.21  ? 103  GLY B CA 1 
ATOM 510 C CA . TYR C 3 104 ? -18.004  -9.173  28.494  1.00 78.02  ? 104  TYR B CA 1 
ATOM 511 C CA . THR C 3 105 ? -14.495  -8.972  27.061  1.00 89.19  ? 105  THR B CA 1 
ATOM 512 C CA . ILE C 3 106 ? -12.798  -7.297  24.086  1.00 68.50  ? 106  ILE B CA 1 
ATOM 513 C CA . ILE C 3 107 ? -10.254  -9.305  22.030  1.00 80.28  ? 107  ILE B CA 1 
ATOM 514 C CA . PRO C 3 108 ? -8.398   -8.935  18.685  1.00 60.14  ? 108  PRO B CA 1 
ATOM 515 C CA . LEU C 3 109 ? -9.565   -11.127 15.808  1.00 79.89  ? 109  LEU B CA 1 
ATOM 516 C CA . LYS C 3 110 ? -7.098   -10.238 13.040  1.00 66.11  ? 110  LYS B CA 1 
ATOM 517 C CA . LEU C 3 111 ? -4.539   -7.940  11.451  1.00 89.67  ? 111  LEU B CA 1 
ATOM 518 C CA . TYR C 3 112 ? -4.770   -6.938  7.832   1.00 83.02  ? 112  TYR B CA 1 
ATOM 519 C CA . TRP C 3 113 ? -4.013   -4.361  5.187   1.00 84.49  ? 113  TRP B CA 1 
ATOM 520 C CA . LYS C 3 114 ? -6.798   -2.227  3.720   1.00 78.52  ? 114  LYS B CA 1 
ATOM 521 C CA . ASN C 3 115 ? -5.443   0.352   1.304   1.00 84.58  ? 115  ASN B CA 1 
ATOM 522 C CA . ASN C 3 116 ? -1.900   -0.072  2.610   1.00 98.90  ? 116  ASN B CA 1 
ATOM 523 C CA . LYS C 3 117 ? -3.230   0.896   6.039   1.00 93.36  ? 117  LYS B CA 1 
ATOM 524 C CA . VAL C 3 118 ? -2.664   -1.649  8.790   1.00 60.32  ? 118  VAL B CA 1 
ATOM 525 C CA . LYS C 3 119 ? -5.801   -2.544  10.684  1.00 65.87  ? 119  LYS B CA 1 
ATOM 526 C CA . VAL C 3 120 ? -6.878   -4.907  13.459  1.00 66.47  ? 120  VAL B CA 1 
ATOM 527 C CA . LEU C 3 121 ? -10.366  -6.403  13.776  1.00 77.69  ? 121  LEU B CA 1 
ATOM 528 C CA . ILE C 3 122 ? -11.785  -6.179  17.276  1.00 61.04  ? 122  ILE B CA 1 
ATOM 529 C CA . ALA C 3 123 ? -14.678  -8.095  18.816  1.00 67.88  ? 123  ALA B CA 1 
ATOM 530 C CA . LEU C 3 124 ? -16.727  -7.842  21.990  1.00 59.13  ? 124  LEU B CA 1 
ATOM 531 C CA . ALA C 3 125 ? -16.939  -11.436 23.174  1.00 80.09  ? 125  ALA B CA 1 
ATOM 532 C CA . LYS C 3 126 ? -18.287  -13.880 25.762  1.00 57.67  ? 126  LYS B CA 1 
ATOM 533 C CA . GLY C 3 127 ? -16.965  -17.241 26.991  1.00 104.97 ? 127  GLY B CA 1 
ATOM 534 C CA . LYS C 3 128 ? -18.072  -20.650 25.757  1.00 109.42 ? 128  LYS B CA 1 
ATOM 535 C CA . LYS C 3 129 ? -18.519  -22.684 28.969  1.00 147.87 ? 129  LYS B CA 1 
ATOM 536 C CA . LEU C 3 130 ? -17.570  -25.894 27.109  1.00 158.85 ? 130  LEU B CA 1 
ATOM 537 C CA . SER D 3 3   ? -7.495   23.619  -23.198 1.00 175.32 ? 3    SER C CA 1 
ATOM 538 C CA . ASP D 3 4   ? -5.698   20.368  -22.269 1.00 189.75 ? 4    ASP C CA 1 
ATOM 539 C CA . LYS D 3 5   ? -7.828   17.234  -22.554 1.00 164.82 ? 5    LYS C CA 1 
ATOM 540 C CA . ILE D 3 6   ? -6.160   14.159  -21.036 1.00 128.80 ? 6    ILE C CA 1 
ATOM 541 C CA . ILE D 3 7   ? -7.123   10.497  -20.551 1.00 118.91 ? 7    ILE C CA 1 
ATOM 542 C CA . PRO D 3 8   ? -5.651   8.158   -17.909 1.00 101.95 ? 8    PRO C CA 1 
ATOM 543 C CA . ILE D 3 9   ? -4.033   4.922   -19.086 1.00 89.49  ? 9    ILE C CA 1 
ATOM 544 C CA . ALA D 3 10  ? -2.320   3.364   -16.078 1.00 71.78  ? 10   ALA C CA 1 
ATOM 545 C CA . GLU D 3 11  ? -1.152   4.502   -12.630 1.00 109.56 ? 11   GLU C CA 1 
ATOM 546 C CA . ASN D 3 12  ? 1.519    2.968   -10.384 1.00 103.61 ? 12   ASN C CA 1 
ATOM 547 C CA . LYS D 3 13  ? -0.109   2.092   -7.059  1.00 152.92 ? 13   LYS C CA 1 
ATOM 548 C CA . GLU D 3 14  ? 2.888    0.003   -6.022  1.00 113.94 ? 14   GLU C CA 1 
ATOM 549 C CA . ALA D 3 15  ? 4.742    3.324   -5.685  1.00 78.15  ? 15   ALA C CA 1 
ATOM 550 C CA . LYS D 3 16  ? 2.486    5.760   -3.865  1.00 96.26  ? 16   LYS C CA 1 
ATOM 551 C CA . ALA D 3 17  ? 3.098    4.076   -0.519  1.00 112.82 ? 17   ALA C CA 1 
ATOM 552 C CA . LYS D 3 18  ? 6.796    3.423   -1.069  1.00 92.76  ? 18   LYS C CA 1 
ATOM 553 C CA . TYR D 3 19  ? 8.716    6.463   -2.317  1.00 95.29  ? 19   TYR C CA 1 
ATOM 554 C CA . ASP D 3 20  ? 7.809    9.953   -1.094  1.00 99.96  ? 20   ASP C CA 1 
ATOM 555 C CA . ILE D 3 21  ? 7.864    12.146  -4.205  1.00 71.89  ? 21   ILE C CA 1 
ATOM 556 C CA . LEU D 3 22  ? 10.365   14.997  -4.345  1.00 71.70  ? 22   LEU C CA 1 
ATOM 557 C CA . GLU D 3 23  ? 9.763    16.306  -7.877  1.00 74.32  ? 23   GLU C CA 1 
ATOM 558 C CA . THR D 3 24  ? 7.576    15.237  -10.800 1.00 53.46  ? 24   THR C CA 1 
ATOM 559 C CA . TYR D 3 25  ? 8.283    15.666  -14.493 1.00 67.90  ? 25   TYR C CA 1 
ATOM 560 C CA . GLU D 3 26  ? 6.186    15.065  -17.559 1.00 81.95  ? 26   GLU C CA 1 
ATOM 561 C CA . ALA D 3 27  ? 6.723    12.278  -20.070 1.00 90.99  ? 27   ALA C CA 1 
ATOM 562 C CA . GLY D 3 28  ? 7.838    12.112  -23.648 1.00 70.39  ? 28   GLY C CA 1 
ATOM 563 C CA . ILE D 3 29  ? 8.310    8.546   -24.934 1.00 74.32  ? 29   ILE C CA 1 
ATOM 564 C CA . VAL D 3 30  ? 9.400    7.369   -28.341 1.00 73.86  ? 30   VAL C CA 1 
ATOM 565 C CA . LEU D 3 31  ? 6.914    4.541   -28.711 1.00 77.65  ? 31   LEU C CA 1 
ATOM 566 C CA . LYS D 3 32  ? 6.823    1.987   -31.504 1.00 91.46  ? 32   LYS C CA 1 
ATOM 567 C CA . GLY D 3 33  ? 3.715    1.993   -33.671 1.00 108.43 ? 33   GLY C CA 1 
ATOM 568 C CA . SER D 3 34  ? 2.143    -1.252  -32.538 1.00 86.71  ? 34   SER C CA 1 
ATOM 569 C CA . GLU D 3 35  ? 2.563    -0.197  -28.921 1.00 91.27  ? 35   GLU C CA 1 
ATOM 570 C CA . VAL D 3 36  ? 0.346    2.834   -29.462 1.00 75.09  ? 36   VAL C CA 1 
ATOM 571 C CA . LYS D 3 37  ? -2.390   0.774   -31.065 1.00 98.20  ? 37   LYS C CA 1 
ATOM 572 C CA . SER D 3 38  ? -2.320   -1.815  -28.269 1.00 94.21  ? 38   SER C CA 1 
ATOM 573 C CA . LEU D 3 39  ? -2.440   1.074   -25.813 1.00 86.13  ? 39   LEU C CA 1 
ATOM 574 C CA . ARG D 3 40  ? -5.620   2.380   -27.422 1.00 116.88 ? 40   ARG C CA 1 
ATOM 575 C CA . GLU D 3 41  ? -7.093   -1.050  -27.958 1.00 140.22 ? 41   GLU C CA 1 
ATOM 576 C CA . LYS D 3 42  ? -7.001   -0.994  -24.130 1.00 136.27 ? 42   LYS C CA 1 
ATOM 577 C CA . GLY D 3 43  ? -4.204   -3.552  -23.661 1.00 89.78  ? 43   GLY C CA 1 
ATOM 578 C CA . THR D 3 44  ? -2.703   -4.406  -20.285 1.00 137.64 ? 44   THR C CA 1 
ATOM 579 C CA . VAL D 3 45  ? 0.235    -2.449  -18.805 1.00 78.90  ? 45   VAL C CA 1 
ATOM 580 C CA . SER D 3 46  ? 2.189    -2.718  -15.538 1.00 129.20 ? 46   SER C CA 1 
ATOM 581 C CA . PHE D 3 47  ? 4.920    -0.832  -13.721 1.00 91.08  ? 47   PHE C CA 1 
ATOM 582 C CA . LYS D 3 48  ? 6.079    -3.856  -11.707 1.00 103.01 ? 48   LYS C CA 1 
ATOM 583 C CA . ASP D 3 49  ? 9.811    -3.561  -11.104 1.00 103.39 ? 49   ASP C CA 1 
ATOM 584 C CA . SER D 3 50  ? 9.933    -0.736  -13.660 1.00 71.36  ? 50   SER C CA 1 
ATOM 585 C CA . PHE D 3 51  ? 12.574   1.977   -13.210 1.00 57.52  ? 51   PHE C CA 1 
ATOM 586 C CA . VAL D 3 52  ? 14.319   4.785   -15.092 1.00 68.22  ? 52   VAL C CA 1 
ATOM 587 C CA . ARG D 3 53  ? 18.000   5.112   -15.989 1.00 83.01  ? 53   ARG C CA 1 
ATOM 588 C CA . ILE D 3 54  ? 20.045   7.913   -17.484 1.00 54.09  ? 54   ILE C CA 1 
ATOM 589 C CA . GLU D 3 55  ? 22.494   6.489   -20.011 1.00 62.17  ? 55   GLU C CA 1 
ATOM 590 C CA . ASN D 3 56  ? 24.480   8.444   -22.612 1.00 76.93  ? 56   ASN C CA 1 
ATOM 591 C CA . GLY D 3 57  ? 22.937   11.752  -21.646 1.00 60.43  ? 57   GLY C CA 1 
ATOM 592 C CA . GLU D 3 58  ? 19.544   10.160  -22.316 1.00 80.36  ? 58   GLU C CA 1 
ATOM 593 C CA . ALA D 3 59  ? 16.617   9.083   -20.089 1.00 63.84  ? 59   ALA C CA 1 
ATOM 594 C CA . TRP D 3 60  ? 15.323   5.511   -20.290 1.00 80.27  ? 60   TRP C CA 1 
ATOM 595 C CA . LEU D 3 61  ? 12.247   3.728   -18.866 1.00 78.58  ? 61   LEU C CA 1 
ATOM 596 C CA . TYR D 3 62  ? 13.384   0.171   -18.249 1.00 76.71  ? 62   TYR C CA 1 
ATOM 597 C CA . ASN D 3 63  ? 10.774   -2.414  -17.349 1.00 71.33  ? 63   ASN C CA 1 
ATOM 598 C CA . LEU D 3 64  ? 7.343    -1.351  -18.520 1.00 82.29  ? 64   LEU C CA 1 
ATOM 599 C CA . TYR D 3 65  ? 5.105    -4.141  -19.801 1.00 86.62  ? 65   TYR C CA 1 
ATOM 600 C CA . ILE D 3 66  ? 3.009    -2.940  -22.712 1.00 91.43  ? 66   ILE C CA 1 
ATOM 601 C CA . ALA D 3 67  ? 0.689    -5.679  -23.930 1.00 89.06  ? 67   ALA C CA 1 
ATOM 602 C CA . PRO D 3 68  ? 1.121    -6.518  -27.662 1.00 135.37 ? 68   PRO C CA 1 
ATOM 603 C CA . TYR D 3 69  ? -1.688   -7.064  -30.208 1.00 168.90 ? 69   TYR C CA 1 
ATOM 604 C CA . LYS D 3 70  ? -2.592   -8.834  -33.475 1.00 83.61  ? 70   LYS C CA 1 
ATOM 605 C CA . HIS D 3 71  ? -0.258   -6.825  -35.670 1.00 181.92 ? 71   HIS C CA 1 
ATOM 606 C CA . ALA D 3 72  ? 2.133    -9.660  -36.537 1.00 160.56 ? 72   ALA C CA 1 
ATOM 607 C CA . ASN D 3 76  ? 8.742    -8.627  -32.589 1.00 192.36 ? 76   ASN C CA 1 
ATOM 608 C CA . HIS D 3 77  ? 7.953    -5.938  -30.002 1.00 183.05 ? 77   HIS C CA 1 
ATOM 609 C CA . ASP D 3 78  ? 9.543    -7.134  -26.780 1.00 118.32 ? 78   ASP C CA 1 
ATOM 610 C CA . PRO D 3 79  ? 6.942    -5.906  -24.214 1.00 68.19  ? 79   PRO C CA 1 
ATOM 611 C CA . LEU D 3 80  ? 9.777    -4.624  -22.019 1.00 88.93  ? 80   LEU C CA 1 
ATOM 612 C CA . ARG D 3 81  ? 12.035   -2.572  -24.343 1.00 84.61  ? 81   ARG C CA 1 
ATOM 613 C CA . LYS D 3 82  ? 14.320   0.163   -23.058 1.00 87.61  ? 82   LYS C CA 1 
ATOM 614 C CA . ARG D 3 83  ? 11.990   2.988   -24.151 1.00 71.01  ? 83   ARG C CA 1 
ATOM 615 C CA . LYS D 3 84  ? 13.507   6.440   -24.517 1.00 71.81  ? 84   LYS C CA 1 
ATOM 616 C CA . LEU D 3 85  ? 12.032   9.484   -22.823 1.00 66.19  ? 85   LEU C CA 1 
ATOM 617 C CA . LEU D 3 86  ? 11.681   12.931  -24.462 1.00 53.15  ? 86   LEU C CA 1 
ATOM 618 C CA . LEU D 3 87  ? 12.614   15.208  -21.644 1.00 51.48  ? 87   LEU C CA 1 
ATOM 619 C CA . HIS D 3 88  ? 14.907   18.225  -22.143 1.00 53.52  ? 88   HIS C CA 1 
ATOM 620 C CA . LYS D 3 89  ? 18.637   18.035  -21.584 1.00 64.32  ? 89   LYS C CA 1 
ATOM 621 C CA . ARG D 3 90  ? 18.659   20.404  -18.650 1.00 56.96  ? 90   ARG C CA 1 
ATOM 622 C CA . GLU D 3 91  ? 16.009   18.166  -17.136 1.00 75.88  ? 91   GLU C CA 1 
ATOM 623 C CA . ILE D 3 92  ? 18.059   15.054  -17.590 1.00 59.33  ? 92   ILE C CA 1 
ATOM 624 C CA . MET D 3 93  ? 21.191   16.709  -16.258 1.00 72.77  ? 93   MET C CA 1 
ATOM 625 C CA . ARG D 3 94  ? 19.078   17.989  -13.374 1.00 65.15  ? 94   ARG C CA 1 
ATOM 626 C CA . LEU D 3 95  ? 17.629   14.579  -12.534 1.00 54.77  ? 95   LEU C CA 1 
ATOM 627 C CA . TYR D 3 96  ? 21.009   12.949  -13.067 1.00 53.57  ? 96   TYR C CA 1 
ATOM 628 C CA . GLY D 3 97  ? 22.647   15.326  -10.605 1.00 63.59  ? 97   GLY C CA 1 
ATOM 629 C CA . LYS D 3 98  ? 20.159   14.658  -7.793  1.00 62.59  ? 98   LYS C CA 1 
ATOM 630 C CA . VAL D 3 99  ? 20.579   10.884  -8.239  1.00 60.90  ? 99   VAL C CA 1 
ATOM 631 C CA . GLN D 3 100 ? 24.267   11.247  -7.455  1.00 65.88  ? 100  GLN C CA 1 
ATOM 632 C CA . GLU D 3 101 ? 24.467   14.153  -4.963  1.00 88.72  ? 101  GLU C CA 1 
ATOM 633 C CA . ILE D 3 106 ? 13.772   8.106   -10.548 1.00 68.50  ? 106  ILE C CA 1 
ATOM 634 C CA . ILE D 3 107 ? 10.543   6.093   -11.033 1.00 80.28  ? 107  ILE C CA 1 
ATOM 635 C CA . PRO D 3 108 ? 7.450    6.215   -13.314 1.00 60.14  ? 108  PRO C CA 1 
ATOM 636 C CA . LEU D 3 109 ? 4.199    7.413   -11.755 1.00 79.89  ? 109  LEU C CA 1 
ATOM 637 C CA . LYS D 3 110 ? 1.717    7.029   -14.628 1.00 66.11  ? 110  LYS C CA 1 
ATOM 638 C CA . LEU D 3 111 ? 0.888    6.682   -18.306 1.00 89.67  ? 111  LEU C CA 1 
ATOM 639 C CA . TYR D 3 112 ? -1.710   8.849   -19.953 1.00 83.02  ? 112  TYR C CA 1 
ATOM 640 C CA . TRP D 3 113 ? -2.944   10.502  -23.109 1.00 84.49  ? 113  TRP C CA 1 
ATOM 641 C CA . LYS D 3 114 ? -2.635   14.265  -23.561 1.00 78.52  ? 114  LYS C CA 1 
ATOM 642 C CA . ASN D 3 115 ? -3.793   15.348  -26.999 1.00 84.58  ? 115  ASN C CA 1 
ATOM 643 C CA . ASN D 3 116 ? -3.603   11.798  -28.341 1.00 98.90  ? 116  ASN C CA 1 
ATOM 644 C CA . LYS D 3 117 ? 0.073    11.808  -27.370 1.00 93.36  ? 117  LYS C CA 1 
ATOM 645 C CA . VAL D 3 118 ? 1.138    9.076   -24.969 1.00 60.32  ? 118  VAL C CA 1 
ATOM 646 C CA . LYS D 3 119 ? 3.002    10.361  -21.952 1.00 65.87  ? 119  LYS C CA 1 
ATOM 647 C CA . VAL D 3 120 ? 4.514    8.999   -18.744 1.00 66.47  ? 120  VAL C CA 1 
ATOM 648 C CA . LEU D 3 121 ? 4.814    10.975  -15.499 1.00 77.69  ? 121  LEU C CA 1 
ATOM 649 C CA . ILE D 3 122 ? 8.226    10.699  -13.885 1.00 61.04  ? 122  ILE C CA 1 
ATOM 650 C CA . ALA D 3 123 ? 9.258    11.500  -10.320 1.00 67.88  ? 123  ALA C CA 1 
ATOM 651 C CA . LEU D 3 124 ? 12.533   11.877  -8.457  1.00 59.13  ? 124  LEU C CA 1 
# 
